data_1AKP
#
_entry.id   1AKP
#
_cell.length_a   1.000
_cell.length_b   1.000
_cell.length_c   1.000
_cell.angle_alpha   90.00
_cell.angle_beta   90.00
_cell.angle_gamma   90.00
#
_symmetry.space_group_name_H-M   'P 1'
#
_entity_poly.entity_id   1
_entity_poly.type   'polypeptide(L)'
_entity_poly.pdbx_seq_one_letter_code
;ASAAVSVSPATGLADGATVTVSASGFATSTSATALQCAILADGRGACNVAEFHDFSLSGGEGTTSVVVRRSFTGYVMPDG
PEVGAVDCDTAPGGCEIVVGGNTGEYGNAAISFG
;
_entity_poly.pdbx_strand_id   A
#
# COMPACT_ATOMS: atom_id res chain seq x y z
N ALA A 1 -14.70 -9.71 -11.09
CA ALA A 1 -13.54 -9.46 -10.20
C ALA A 1 -13.47 -10.55 -9.12
N SER A 2 -12.25 -10.84 -8.69
CA SER A 2 -11.99 -11.89 -7.62
C SER A 2 -12.44 -11.44 -6.23
N ALA A 3 -12.41 -10.13 -6.01
CA ALA A 3 -12.81 -9.49 -4.71
C ALA A 3 -12.94 -7.98 -4.89
N ALA A 4 -13.97 -7.40 -4.29
CA ALA A 4 -14.23 -5.91 -4.38
C ALA A 4 -13.32 -5.14 -3.41
N VAL A 5 -12.67 -4.08 -3.94
CA VAL A 5 -11.73 -3.17 -3.18
C VAL A 5 -12.19 -1.75 -3.55
N SER A 6 -12.11 -0.85 -2.57
CA SER A 6 -12.51 0.59 -2.73
C SER A 6 -11.94 1.43 -1.58
N VAL A 7 -11.49 2.65 -1.93
CA VAL A 7 -10.88 3.66 -0.98
C VAL A 7 -11.80 4.89 -1.11
N SER A 8 -12.06 5.57 0.03
CA SER A 8 -12.95 6.80 0.08
C SER A 8 -12.66 7.64 1.42
N PRO A 9 -12.07 8.93 1.48
CA PRO A 9 -11.52 9.81 0.35
C PRO A 9 -10.30 9.16 -0.31
N ALA A 10 -10.08 9.50 -1.59
CA ALA A 10 -8.91 8.95 -2.43
C ALA A 10 -8.28 10.01 -3.33
N THR A 11 -8.91 11.20 -3.42
CA THR A 11 -8.42 12.36 -4.29
C THR A 11 -8.36 13.66 -3.46
N GLY A 12 -7.48 14.56 -3.90
CA GLY A 12 -7.28 15.92 -3.24
C GLY A 12 -6.55 15.82 -1.88
N LEU A 13 -5.74 14.79 -1.75
CA LEU A 13 -4.94 14.53 -0.49
C LEU A 13 -3.73 15.49 -0.41
N ALA A 14 -3.28 15.70 0.84
CA ALA A 14 -2.11 16.60 1.22
C ALA A 14 -1.36 15.92 2.37
N ASP A 15 -0.30 16.57 2.86
CA ASP A 15 0.52 16.02 4.00
C ASP A 15 -0.29 16.04 5.32
N GLY A 16 -0.09 15.00 6.15
CA GLY A 16 -0.81 14.86 7.49
C GLY A 16 -2.17 14.14 7.38
N ALA A 17 -2.60 13.83 6.15
CA ALA A 17 -3.93 13.12 5.90
C ALA A 17 -3.85 11.63 6.30
N THR A 18 -5.02 11.00 6.43
CA THR A 18 -5.20 9.55 6.80
C THR A 18 -6.44 9.05 6.03
N VAL A 19 -6.21 8.01 5.22
CA VAL A 19 -7.28 7.35 4.37
C VAL A 19 -8.04 6.27 5.19
N THR A 20 -9.00 5.60 4.54
CA THR A 20 -9.86 4.53 5.15
C THR A 20 -10.05 3.49 4.02
N VAL A 21 -9.15 2.49 4.02
CA VAL A 21 -9.14 1.38 3.00
C VAL A 21 -10.22 0.39 3.46
N SER A 22 -10.84 -0.28 2.47
CA SER A 22 -11.93 -1.31 2.70
C SER A 22 -11.65 -2.52 1.83
N ALA A 23 -12.30 -3.63 2.19
CA ALA A 23 -12.17 -4.93 1.45
C ALA A 23 -13.37 -5.82 1.80
N SER A 24 -13.77 -6.66 0.84
CA SER A 24 -14.94 -7.60 1.01
C SER A 24 -14.81 -8.77 0.04
N GLY A 25 -15.33 -9.94 0.46
CA GLY A 25 -15.31 -11.21 -0.37
C GLY A 25 -13.94 -11.93 -0.27
N PHE A 26 -14.02 -13.24 0.08
CA PHE A 26 -12.81 -14.16 0.25
C PHE A 26 -13.19 -15.58 -0.15
N ALA A 27 -12.15 -16.37 -0.41
CA ALA A 27 -12.28 -17.82 -0.81
C ALA A 27 -10.89 -18.47 -0.75
N THR A 28 -9.97 -17.90 -1.55
CA THR A 28 -8.54 -18.41 -1.64
C THR A 28 -7.70 -17.89 -0.45
N SER A 29 -7.72 -16.57 -0.26
CA SER A 29 -6.95 -15.88 0.84
C SER A 29 -7.52 -16.23 2.24
N THR A 30 -6.59 -16.36 3.22
CA THR A 30 -6.92 -16.70 4.68
C THR A 30 -6.29 -15.63 5.62
N SER A 31 -5.91 -14.48 5.03
CA SER A 31 -5.28 -13.31 5.76
C SER A 31 -5.25 -12.11 4.80
N ALA A 32 -4.91 -10.91 5.31
CA ALA A 32 -4.84 -9.65 4.45
C ALA A 32 -3.97 -8.58 5.11
N THR A 33 -3.21 -7.86 4.24
CA THR A 33 -2.26 -6.74 4.62
C THR A 33 -2.59 -5.58 3.70
N ALA A 34 -1.96 -4.41 3.94
CA ALA A 34 -2.18 -3.16 3.10
C ALA A 34 -0.85 -2.36 2.94
N LEU A 35 0.07 -3.01 2.22
CA LEU A 35 1.45 -2.46 1.92
C LEU A 35 1.37 -1.42 0.77
N GLN A 36 2.36 -0.52 0.75
CA GLN A 36 2.50 0.60 -0.29
C GLN A 36 4.00 0.65 -0.64
N CYS A 37 4.30 0.79 -1.96
CA CYS A 37 5.75 0.86 -2.47
C CYS A 37 5.87 1.88 -3.61
N ALA A 38 7.09 2.46 -3.71
CA ALA A 38 7.46 3.51 -4.74
C ALA A 38 8.21 2.85 -5.92
N ILE A 39 7.60 2.90 -7.10
CA ILE A 39 8.20 2.31 -8.37
C ILE A 39 9.23 3.38 -8.82
N LEU A 40 10.41 2.89 -9.26
CA LEU A 40 11.58 3.76 -9.76
C LEU A 40 11.88 3.28 -11.20
N ALA A 41 12.94 3.82 -11.82
CA ALA A 41 13.34 3.44 -13.23
C ALA A 41 13.76 1.96 -13.33
N ASP A 42 14.53 1.53 -12.34
CA ASP A 42 15.05 0.11 -12.25
C ASP A 42 13.91 -0.88 -11.85
N GLY A 43 12.85 -0.35 -11.23
CA GLY A 43 11.65 -1.15 -10.79
C GLY A 43 11.85 -2.03 -9.55
N ARG A 44 12.82 -1.68 -8.69
CA ARG A 44 13.10 -2.49 -7.42
C ARG A 44 11.98 -2.17 -6.43
N GLY A 45 11.59 -3.17 -5.64
CA GLY A 45 10.48 -3.00 -4.60
C GLY A 45 10.91 -2.21 -3.35
N ALA A 46 11.00 -0.88 -3.48
CA ALA A 46 11.39 0.02 -2.34
C ALA A 46 10.13 0.28 -1.50
N CYS A 47 9.98 -0.51 -0.42
CA CYS A 47 8.78 -0.41 0.53
C CYS A 47 9.19 -0.25 2.00
N ASN A 48 8.43 0.63 2.69
CA ASN A 48 8.68 0.93 4.15
C ASN A 48 8.14 -0.22 5.01
N VAL A 49 8.92 -0.58 6.04
CA VAL A 49 8.57 -1.72 7.01
C VAL A 49 7.75 -1.27 8.26
N ALA A 50 7.84 0.01 8.63
CA ALA A 50 7.09 0.57 9.84
C ALA A 50 5.59 0.90 9.65
N GLU A 51 5.15 1.11 8.40
CA GLU A 51 3.68 1.46 8.07
C GLU A 51 2.74 0.21 7.99
N PHE A 52 3.29 -0.98 8.24
CA PHE A 52 2.50 -2.28 8.20
C PHE A 52 1.47 -2.45 9.35
N HIS A 53 0.61 -3.48 9.22
CA HIS A 53 -0.47 -3.81 10.24
C HIS A 53 -0.47 -5.33 10.53
N ASP A 54 -0.78 -6.14 9.50
CA ASP A 54 -0.84 -7.67 9.56
C ASP A 54 -1.75 -8.26 10.68
N PHE A 55 -2.98 -8.63 10.30
CA PHE A 55 -4.00 -9.24 11.26
C PHE A 55 -5.00 -10.04 10.41
N SER A 56 -5.56 -11.09 11.02
CA SER A 56 -6.57 -12.01 10.35
C SER A 56 -7.92 -11.34 10.01
N LEU A 57 -8.71 -12.04 9.19
CA LEU A 57 -10.07 -11.52 8.75
C LEU A 57 -11.07 -11.75 9.90
N SER A 58 -11.97 -10.78 10.10
CA SER A 58 -13.03 -10.85 11.18
C SER A 58 -14.12 -11.88 10.89
N GLY A 59 -14.29 -12.15 9.62
CA GLY A 59 -15.31 -13.12 9.12
C GLY A 59 -15.16 -13.21 7.60
N GLY A 60 -14.91 -12.05 7.02
CA GLY A 60 -14.72 -11.93 5.53
C GLY A 60 -14.51 -10.47 5.11
N GLU A 61 -14.15 -9.60 6.07
CA GLU A 61 -13.89 -8.10 5.85
C GLU A 61 -12.73 -7.72 6.78
N GLY A 62 -12.12 -6.56 6.57
CA GLY A 62 -10.97 -6.11 7.44
C GLY A 62 -10.53 -4.68 7.10
N THR A 63 -11.28 -3.72 7.62
CA THR A 63 -11.02 -2.25 7.40
C THR A 63 -9.82 -1.83 8.26
N THR A 64 -9.07 -0.83 7.79
CA THR A 64 -7.85 -0.31 8.54
C THR A 64 -7.39 1.10 8.06
N SER A 65 -7.05 1.95 9.04
CA SER A 65 -6.57 3.37 8.81
C SER A 65 -5.03 3.40 8.65
N VAL A 66 -4.57 3.72 7.42
CA VAL A 66 -3.07 3.81 7.06
C VAL A 66 -2.74 5.32 6.86
N VAL A 67 -1.49 5.66 7.22
CA VAL A 67 -0.92 7.09 7.13
C VAL A 67 -0.20 7.19 5.76
N VAL A 68 -0.19 8.42 5.19
CA VAL A 68 0.45 8.76 3.83
C VAL A 68 1.27 10.11 3.95
N ARG A 69 2.55 9.95 4.26
CA ARG A 69 3.52 11.11 4.42
C ARG A 69 4.12 11.45 3.04
N ARG A 70 4.55 12.71 2.90
CA ARG A 70 5.17 13.25 1.62
C ARG A 70 6.56 12.61 1.28
N SER A 71 7.22 12.05 2.29
CA SER A 71 8.58 11.38 2.12
C SER A 71 8.79 10.36 3.23
N PHE A 72 9.51 9.27 2.91
CA PHE A 72 9.81 8.17 3.93
C PHE A 72 11.04 7.34 3.53
N THR A 73 11.72 6.85 4.57
CA THR A 73 12.95 6.01 4.43
C THR A 73 12.60 4.63 3.84
N GLY A 74 12.93 4.46 2.55
CA GLY A 74 12.66 3.18 1.81
C GLY A 74 13.62 2.05 2.26
N TYR A 75 13.20 0.79 2.00
CA TYR A 75 13.98 -0.47 2.36
C TYR A 75 13.90 -1.45 1.15
N VAL A 76 15.09 -1.79 0.59
CA VAL A 76 15.24 -2.74 -0.60
C VAL A 76 15.77 -4.09 -0.06
N MET A 77 14.91 -5.14 -0.12
CA MET A 77 15.17 -6.61 0.35
C MET A 77 15.82 -6.80 1.83
N PRO A 78 15.93 -8.05 2.51
CA PRO A 78 16.57 -8.13 3.90
C PRO A 78 18.11 -7.90 3.90
N ASP A 79 18.71 -7.96 2.70
CA ASP A 79 20.20 -7.76 2.53
C ASP A 79 20.66 -6.30 2.56
N GLY A 80 19.88 -5.37 1.95
CA GLY A 80 20.27 -3.92 1.93
C GLY A 80 21.40 -3.68 0.84
N PRO A 81 22.19 -2.53 0.78
CA PRO A 81 22.14 -1.29 1.65
C PRO A 81 20.86 -0.44 1.48
N GLU A 82 20.57 0.33 2.54
CA GLU A 82 19.36 1.25 2.58
C GLU A 82 19.59 2.44 1.60
N VAL A 83 18.50 2.84 0.93
CA VAL A 83 18.51 3.99 -0.08
C VAL A 83 18.46 5.38 0.60
N GLY A 84 17.67 5.46 1.67
CA GLY A 84 17.48 6.71 2.48
C GLY A 84 16.21 7.41 2.01
N ALA A 85 16.08 8.64 2.45
CA ALA A 85 14.91 9.52 2.12
C ALA A 85 14.78 9.83 0.61
N VAL A 86 13.64 9.37 0.03
CA VAL A 86 13.28 9.55 -1.43
C VAL A 86 11.80 10.01 -1.50
N ASP A 87 11.56 10.97 -2.38
CA ASP A 87 10.17 11.56 -2.59
C ASP A 87 9.36 10.71 -3.57
N CYS A 88 8.06 10.63 -3.31
CA CYS A 88 7.10 9.84 -4.16
C CYS A 88 6.67 10.59 -5.43
N ASP A 89 6.59 11.91 -5.32
CA ASP A 89 6.16 12.81 -6.46
C ASP A 89 7.19 12.94 -7.61
N THR A 90 8.46 12.73 -7.31
CA THR A 90 9.57 12.83 -8.35
C THR A 90 9.69 11.59 -9.25
N ALA A 91 9.24 10.43 -8.74
CA ALA A 91 9.31 9.12 -9.55
C ALA A 91 8.33 9.15 -10.80
N PRO A 92 8.53 8.36 -11.96
CA PRO A 92 7.57 8.41 -13.12
C PRO A 92 6.21 7.73 -12.85
N GLY A 93 6.27 6.50 -12.33
CA GLY A 93 5.02 5.70 -12.00
C GLY A 93 4.28 6.25 -10.79
N GLY A 94 5.05 6.61 -9.77
CA GLY A 94 4.51 7.16 -8.47
C GLY A 94 3.98 6.04 -7.55
N CYS A 95 3.57 6.44 -6.34
CA CYS A 95 3.04 5.49 -5.31
C CYS A 95 1.67 4.91 -5.69
N GLU A 96 1.47 3.64 -5.32
CA GLU A 96 0.20 2.85 -5.58
C GLU A 96 -0.01 1.90 -4.39
N ILE A 97 -1.21 1.96 -3.79
CA ILE A 97 -1.58 1.09 -2.62
C ILE A 97 -1.93 -0.27 -3.25
N VAL A 98 -1.45 -1.36 -2.62
CA VAL A 98 -1.68 -2.80 -3.09
C VAL A 98 -2.20 -3.55 -1.84
N VAL A 99 -3.25 -4.35 -2.08
CA VAL A 99 -3.97 -5.20 -1.04
C VAL A 99 -3.95 -6.62 -1.68
N GLY A 100 -3.65 -7.63 -0.87
CA GLY A 100 -3.61 -9.05 -1.36
C GLY A 100 -3.20 -9.99 -0.24
N GLY A 101 -3.64 -11.24 -0.36
CA GLY A 101 -3.34 -12.33 0.64
C GLY A 101 -1.95 -12.91 0.45
N ASN A 102 -1.66 -13.91 1.27
CA ASN A 102 -0.34 -14.63 1.25
C ASN A 102 -0.22 -15.63 0.07
N THR A 103 -1.36 -15.98 -0.56
CA THR A 103 -1.38 -16.95 -1.73
C THR A 103 -0.76 -16.34 -3.01
N GLY A 104 -1.38 -15.31 -3.58
CA GLY A 104 -0.84 -14.67 -4.85
C GLY A 104 -1.81 -13.65 -5.46
N GLU A 105 -2.86 -13.29 -4.70
CA GLU A 105 -3.91 -12.30 -5.17
C GLU A 105 -3.31 -10.88 -5.21
N TYR A 106 -3.92 -10.01 -6.03
CA TYR A 106 -3.49 -8.56 -6.20
C TYR A 106 -4.68 -7.72 -6.65
N GLY A 107 -4.59 -6.42 -6.42
CA GLY A 107 -5.68 -5.45 -6.80
C GLY A 107 -5.21 -4.02 -6.52
N ASN A 108 -4.46 -3.48 -7.49
CA ASN A 108 -3.89 -2.09 -7.40
C ASN A 108 -4.97 -0.98 -7.46
N ALA A 109 -4.63 0.20 -6.90
CA ALA A 109 -5.57 1.39 -6.86
C ALA A 109 -4.77 2.72 -6.63
N ALA A 110 -4.57 3.46 -7.73
CA ALA A 110 -3.80 4.77 -7.70
C ALA A 110 -4.60 5.89 -7.02
N ILE A 111 -3.82 6.88 -6.51
CA ILE A 111 -4.32 8.13 -5.78
C ILE A 111 -3.92 9.38 -6.63
N SER A 112 -4.32 10.61 -6.21
CA SER A 112 -3.96 11.89 -6.98
C SER A 112 -3.99 13.13 -6.05
N PHE A 113 -2.86 13.85 -6.02
CA PHE A 113 -2.72 15.10 -5.16
C PHE A 113 -3.48 16.26 -5.80
N GLY A 114 -3.82 17.25 -4.96
CA GLY A 114 -4.56 18.48 -5.41
C GLY A 114 -3.67 19.38 -6.28
N ALA A 1 -15.59 -15.24 -9.22
CA ALA A 1 -15.37 -14.02 -8.40
C ALA A 1 -14.15 -13.25 -8.90
N SER A 2 -14.11 -11.96 -8.54
CA SER A 2 -13.00 -10.99 -8.92
C SER A 2 -12.73 -10.00 -7.77
N ALA A 3 -13.40 -10.23 -6.62
CA ALA A 3 -13.28 -9.38 -5.34
C ALA A 3 -13.67 -7.87 -5.55
N ALA A 4 -13.45 -7.06 -4.50
CA ALA A 4 -13.75 -5.59 -4.51
C ALA A 4 -12.96 -4.88 -3.41
N VAL A 5 -12.17 -3.87 -3.83
CA VAL A 5 -11.29 -3.02 -2.94
C VAL A 5 -11.87 -1.60 -3.11
N SER A 6 -11.80 -0.81 -2.03
CA SER A 6 -12.31 0.62 -2.02
C SER A 6 -11.61 1.42 -0.92
N VAL A 7 -11.31 2.69 -1.26
CA VAL A 7 -10.61 3.70 -0.36
C VAL A 7 -11.54 4.93 -0.43
N SER A 8 -11.66 5.66 0.69
CA SER A 8 -12.54 6.90 0.78
C SER A 8 -12.08 7.79 2.04
N PRO A 9 -11.47 9.07 1.96
CA PRO A 9 -11.03 9.87 0.74
C PRO A 9 -9.91 9.16 -0.05
N ALA A 10 -9.86 9.44 -1.37
CA ALA A 10 -8.85 8.84 -2.34
C ALA A 10 -8.28 9.88 -3.33
N THR A 11 -8.79 11.13 -3.27
CA THR A 11 -8.34 12.26 -4.17
C THR A 11 -8.20 13.57 -3.36
N GLY A 12 -7.29 14.42 -3.82
CA GLY A 12 -7.03 15.76 -3.16
C GLY A 12 -6.34 15.62 -1.80
N LEU A 13 -5.51 14.60 -1.69
CA LEU A 13 -4.73 14.30 -0.43
C LEU A 13 -3.58 15.32 -0.25
N ALA A 14 -3.18 15.49 1.03
CA ALA A 14 -2.08 16.43 1.49
C ALA A 14 -1.11 15.63 2.39
N ASP A 15 -0.12 16.33 2.94
CA ASP A 15 0.91 15.69 3.84
C ASP A 15 0.31 15.20 5.18
N GLY A 16 0.56 13.93 5.50
CA GLY A 16 0.05 13.28 6.77
C GLY A 16 -1.48 13.06 6.76
N ALA A 17 -2.04 12.88 5.56
CA ALA A 17 -3.51 12.65 5.39
C ALA A 17 -3.96 11.26 5.87
N THR A 18 -4.93 11.26 6.79
CA THR A 18 -5.49 9.99 7.38
C THR A 18 -6.50 9.45 6.36
N VAL A 19 -6.35 8.16 6.01
CA VAL A 19 -7.24 7.44 5.01
C VAL A 19 -7.65 6.07 5.60
N THR A 20 -8.91 5.69 5.30
CA THR A 20 -9.56 4.41 5.75
C THR A 20 -9.69 3.42 4.58
N VAL A 21 -8.80 2.42 4.55
CA VAL A 21 -8.78 1.35 3.48
C VAL A 21 -9.88 0.36 3.89
N SER A 22 -10.53 -0.23 2.88
CA SER A 22 -11.64 -1.23 3.06
C SER A 22 -11.39 -2.41 2.14
N ALA A 23 -12.00 -3.54 2.50
CA ALA A 23 -11.87 -4.82 1.72
C ALA A 23 -13.04 -5.74 2.07
N SER A 24 -13.54 -6.44 1.05
CA SER A 24 -14.69 -7.41 1.20
C SER A 24 -14.74 -8.27 -0.07
N GLY A 25 -14.65 -9.58 0.12
CA GLY A 25 -14.68 -10.55 -1.04
C GLY A 25 -14.37 -11.97 -0.53
N PHE A 26 -13.06 -12.29 -0.56
CA PHE A 26 -12.46 -13.64 -0.12
C PHE A 26 -12.99 -14.91 -0.87
N ALA A 27 -12.07 -15.87 -1.02
CA ALA A 27 -12.34 -17.18 -1.71
C ALA A 27 -11.25 -18.19 -1.36
N THR A 28 -10.00 -17.67 -1.28
CA THR A 28 -8.76 -18.49 -0.95
C THR A 28 -7.88 -17.71 0.05
N SER A 29 -7.93 -16.36 0.00
CA SER A 29 -7.11 -15.48 0.93
C SER A 29 -7.73 -15.52 2.34
N THR A 30 -7.02 -16.17 3.27
CA THR A 30 -7.45 -16.33 4.73
C THR A 30 -6.92 -15.19 5.64
N SER A 31 -6.29 -14.18 5.03
CA SER A 31 -5.70 -12.99 5.76
C SER A 31 -5.51 -11.82 4.77
N ALA A 32 -5.25 -10.62 5.31
CA ALA A 32 -5.03 -9.36 4.50
C ALA A 32 -4.07 -8.42 5.23
N THR A 33 -3.25 -7.71 4.43
CA THR A 33 -2.20 -6.72 4.91
C THR A 33 -2.24 -5.56 3.88
N ALA A 34 -1.56 -4.44 4.17
CA ALA A 34 -1.53 -3.25 3.22
C ALA A 34 -0.34 -2.32 3.48
N LEU A 35 0.45 -2.07 2.40
CA LEU A 35 1.70 -1.16 2.44
C LEU A 35 1.91 -0.50 1.06
N GLN A 36 2.30 0.79 1.09
CA GLN A 36 2.56 1.61 -0.17
C GLN A 36 4.03 1.40 -0.55
N CYS A 37 4.31 1.46 -1.87
CA CYS A 37 5.70 1.28 -2.45
C CYS A 37 5.88 2.24 -3.62
N ALA A 38 7.14 2.68 -3.83
CA ALA A 38 7.52 3.65 -4.93
C ALA A 38 8.34 2.96 -6.04
N ILE A 39 7.86 3.08 -7.29
CA ILE A 39 8.53 2.46 -8.50
C ILE A 39 9.74 3.36 -8.83
N LEU A 40 10.81 2.72 -9.30
CA LEU A 40 12.12 3.39 -9.71
C LEU A 40 12.42 2.90 -11.14
N ALA A 41 13.58 3.28 -11.71
CA ALA A 41 13.99 2.87 -13.11
C ALA A 41 14.19 1.35 -13.22
N ASP A 42 14.97 0.82 -12.27
CA ASP A 42 15.29 -0.67 -12.20
C ASP A 42 14.05 -1.46 -11.71
N GLY A 43 13.17 -0.76 -10.98
CA GLY A 43 11.89 -1.35 -10.42
C GLY A 43 12.03 -2.30 -9.22
N ARG A 44 13.03 -2.08 -8.33
CA ARG A 44 13.20 -2.98 -7.12
C ARG A 44 12.12 -2.61 -6.10
N GLY A 45 11.70 -3.58 -5.31
CA GLY A 45 10.63 -3.37 -4.26
C GLY A 45 11.10 -2.51 -3.07
N ALA A 46 10.91 -1.19 -3.20
CA ALA A 46 11.31 -0.18 -2.14
C ALA A 46 10.03 0.21 -1.41
N CYS A 47 9.78 -0.48 -0.26
CA CYS A 47 8.54 -0.24 0.62
C CYS A 47 8.93 -0.11 2.10
N ASN A 48 8.29 0.86 2.77
CA ASN A 48 8.54 1.13 4.23
C ASN A 48 7.78 0.09 5.09
N VAL A 49 8.54 -0.69 5.85
CA VAL A 49 7.99 -1.78 6.76
C VAL A 49 7.13 -1.29 7.96
N ALA A 50 7.27 -0.04 8.37
CA ALA A 50 6.47 0.53 9.55
C ALA A 50 4.94 0.72 9.38
N GLU A 51 4.42 0.72 8.14
CA GLU A 51 2.91 0.92 7.86
C GLU A 51 2.06 -0.38 8.00
N PHE A 52 2.71 -1.49 8.36
CA PHE A 52 2.00 -2.84 8.52
C PHE A 52 0.99 -2.92 9.69
N HIS A 53 0.21 -3.99 9.64
CA HIS A 53 -0.86 -4.32 10.67
C HIS A 53 -0.91 -5.84 10.79
N ASP A 54 -1.21 -6.50 9.66
CA ASP A 54 -1.34 -8.02 9.51
C ASP A 54 -2.14 -8.76 10.63
N PHE A 55 -3.44 -8.97 10.36
CA PHE A 55 -4.41 -9.67 11.32
C PHE A 55 -5.48 -10.39 10.49
N SER A 56 -5.98 -11.49 11.05
CA SER A 56 -7.04 -12.34 10.37
C SER A 56 -8.40 -11.66 10.21
N LEU A 57 -9.18 -12.22 9.29
CA LEU A 57 -10.57 -11.69 8.97
C LEU A 57 -11.56 -12.17 10.04
N SER A 58 -12.58 -11.34 10.26
CA SER A 58 -13.68 -11.62 11.27
C SER A 58 -14.68 -12.66 10.77
N GLY A 59 -14.76 -12.76 9.46
CA GLY A 59 -15.69 -13.72 8.78
C GLY A 59 -15.52 -13.62 7.26
N GLY A 60 -15.17 -12.42 6.81
CA GLY A 60 -14.95 -12.17 5.33
C GLY A 60 -14.57 -10.71 5.00
N GLU A 61 -14.40 -9.87 6.06
CA GLU A 61 -14.03 -8.39 5.91
C GLU A 61 -12.86 -8.12 6.87
N GLY A 62 -12.17 -6.98 6.70
CA GLY A 62 -11.01 -6.61 7.59
C GLY A 62 -10.51 -5.20 7.29
N THR A 63 -11.24 -4.23 7.85
CA THR A 63 -10.93 -2.76 7.69
C THR A 63 -9.72 -2.37 8.57
N THR A 64 -9.02 -1.29 8.20
CA THR A 64 -7.81 -0.81 8.97
C THR A 64 -7.42 0.67 8.66
N SER A 65 -7.13 1.43 9.73
CA SER A 65 -6.73 2.88 9.63
C SER A 65 -5.22 3.00 9.35
N VAL A 66 -4.88 3.53 8.16
CA VAL A 66 -3.43 3.75 7.68
C VAL A 66 -3.22 5.28 7.60
N VAL A 67 -1.95 5.68 7.83
CA VAL A 67 -1.45 7.11 7.82
C VAL A 67 -0.30 7.06 6.78
N VAL A 68 -0.20 8.12 5.95
CA VAL A 68 0.88 8.21 4.86
C VAL A 68 1.45 9.66 4.71
N ARG A 69 2.79 9.74 4.82
CA ARG A 69 3.59 11.03 4.72
C ARG A 69 3.97 11.22 3.24
N ARG A 70 4.30 12.48 2.87
CA ARG A 70 4.70 12.84 1.45
C ARG A 70 6.06 12.19 1.04
N SER A 71 6.95 12.02 2.03
CA SER A 71 8.33 11.40 1.86
C SER A 71 8.56 10.33 2.92
N PHE A 72 9.33 9.30 2.56
CA PHE A 72 9.63 8.16 3.52
C PHE A 72 10.92 7.41 3.15
N THR A 73 11.61 6.97 4.20
CA THR A 73 12.91 6.22 4.07
C THR A 73 12.62 4.81 3.50
N GLY A 74 12.97 4.63 2.22
CA GLY A 74 12.76 3.32 1.51
C GLY A 74 13.72 2.25 2.04
N TYR A 75 13.27 0.98 1.95
CA TYR A 75 14.06 -0.22 2.42
C TYR A 75 13.87 -1.37 1.41
N VAL A 76 15.00 -1.83 0.85
CA VAL A 76 15.03 -2.96 -0.18
C VAL A 76 14.71 -4.27 0.60
N MET A 77 14.02 -5.20 -0.07
CA MET A 77 13.61 -6.55 0.55
C MET A 77 14.69 -7.51 1.21
N PRO A 78 15.88 -7.92 0.62
CA PRO A 78 16.84 -8.84 1.33
C PRO A 78 17.50 -8.26 2.62
N ASP A 79 18.27 -7.14 2.51
CA ASP A 79 18.96 -6.49 3.72
C ASP A 79 19.35 -5.03 3.47
N GLY A 80 19.99 -4.76 2.33
CA GLY A 80 20.44 -3.35 1.98
C GLY A 80 21.17 -3.37 0.59
N PRO A 81 21.91 -2.28 0.08
CA PRO A 81 22.16 -0.92 0.73
C PRO A 81 20.92 -0.02 0.75
N GLU A 82 20.73 0.69 1.87
CA GLU A 82 19.56 1.62 2.08
C GLU A 82 19.71 2.87 1.15
N VAL A 83 18.59 3.27 0.54
CA VAL A 83 18.54 4.45 -0.41
C VAL A 83 18.47 5.79 0.40
N GLY A 84 17.28 6.34 0.69
CA GLY A 84 17.14 7.62 1.45
C GLY A 84 15.70 8.10 1.36
N ALA A 85 15.50 9.30 1.89
CA ALA A 85 14.15 10.00 1.92
C ALA A 85 13.76 10.60 0.54
N VAL A 86 13.35 9.69 -0.35
CA VAL A 86 12.92 10.01 -1.76
C VAL A 86 11.42 10.41 -1.75
N ASP A 87 11.09 11.40 -2.57
CA ASP A 87 9.68 11.93 -2.70
C ASP A 87 8.97 11.17 -3.81
N CYS A 88 7.64 11.14 -3.72
CA CYS A 88 6.78 10.43 -4.74
C CYS A 88 6.71 11.18 -6.09
N ASP A 89 6.90 12.50 -6.04
CA ASP A 89 6.86 13.38 -7.26
C ASP A 89 8.10 13.32 -8.18
N THR A 90 9.26 13.01 -7.61
CA THR A 90 10.55 12.92 -8.41
C THR A 90 10.69 11.59 -9.18
N ALA A 91 9.96 10.56 -8.73
CA ALA A 91 10.01 9.19 -9.41
C ALA A 91 9.37 9.23 -10.87
N PRO A 92 9.70 8.30 -11.89
CA PRO A 92 9.07 8.39 -13.25
C PRO A 92 7.59 7.96 -13.26
N GLY A 93 7.30 6.84 -12.60
CA GLY A 93 5.90 6.29 -12.53
C GLY A 93 5.07 7.09 -11.53
N GLY A 94 4.90 6.50 -10.35
CA GLY A 94 4.11 7.14 -9.24
C GLY A 94 3.76 6.07 -8.21
N CYS A 95 3.45 6.53 -7.00
CA CYS A 95 3.09 5.63 -5.85
C CYS A 95 1.69 5.01 -6.08
N GLU A 96 1.53 3.75 -5.64
CA GLU A 96 0.22 2.97 -5.78
C GLU A 96 0.02 2.08 -4.54
N ILE A 97 -1.20 2.11 -3.98
CA ILE A 97 -1.57 1.29 -2.76
C ILE A 97 -1.83 -0.11 -3.34
N VAL A 98 -1.30 -1.15 -2.67
CA VAL A 98 -1.45 -2.62 -3.08
C VAL A 98 -1.89 -3.35 -1.79
N VAL A 99 -2.91 -4.20 -1.98
CA VAL A 99 -3.56 -5.06 -0.90
C VAL A 99 -3.52 -6.48 -1.53
N GLY A 100 -3.23 -7.49 -0.71
CA GLY A 100 -3.16 -8.91 -1.20
C GLY A 100 -2.85 -9.85 -0.05
N GLY A 101 -3.43 -11.05 -0.11
CA GLY A 101 -3.24 -12.10 0.95
C GLY A 101 -1.89 -12.84 0.81
N ASN A 102 -1.77 -13.89 1.61
CA ASN A 102 -0.53 -14.75 1.64
C ASN A 102 -0.40 -15.69 0.42
N THR A 103 -1.49 -15.81 -0.36
CA THR A 103 -1.53 -16.69 -1.60
C THR A 103 -0.65 -16.10 -2.73
N GLY A 104 -1.08 -14.98 -3.34
CA GLY A 104 -0.29 -14.35 -4.47
C GLY A 104 -1.13 -13.30 -5.22
N GLU A 105 -2.46 -13.39 -5.07
CA GLU A 105 -3.42 -12.42 -5.76
C GLU A 105 -3.26 -10.98 -5.23
N TYR A 106 -2.91 -10.07 -6.16
CA TYR A 106 -2.72 -8.58 -5.87
C TYR A 106 -4.06 -7.82 -5.97
N GLY A 107 -4.01 -6.50 -5.82
CA GLY A 107 -5.23 -5.62 -5.91
C GLY A 107 -4.80 -4.16 -5.89
N ASN A 108 -4.34 -3.71 -7.06
CA ASN A 108 -3.86 -2.29 -7.26
C ASN A 108 -4.99 -1.24 -7.17
N ALA A 109 -4.63 -0.02 -6.76
CA ALA A 109 -5.61 1.14 -6.63
C ALA A 109 -4.84 2.49 -6.59
N ALA A 110 -4.79 3.15 -7.75
CA ALA A 110 -4.07 4.48 -7.92
C ALA A 110 -4.82 5.64 -7.22
N ILE A 111 -4.01 6.63 -6.79
CA ILE A 111 -4.45 7.91 -6.07
C ILE A 111 -4.01 9.12 -6.97
N SER A 112 -4.43 10.36 -6.64
CA SER A 112 -4.05 11.60 -7.46
C SER A 112 -4.13 12.87 -6.61
N PHE A 113 -2.98 13.55 -6.46
CA PHE A 113 -2.88 14.83 -5.66
C PHE A 113 -3.54 15.98 -6.44
N GLY A 114 -4.11 16.93 -5.68
CA GLY A 114 -4.80 18.14 -6.28
C GLY A 114 -6.09 17.78 -7.05
N ALA A 1 -13.48 -15.83 -6.90
CA ALA A 1 -14.41 -14.75 -7.33
C ALA A 1 -13.64 -13.51 -7.72
N SER A 2 -14.35 -12.56 -8.32
CA SER A 2 -13.77 -11.25 -8.79
C SER A 2 -13.37 -10.32 -7.64
N ALA A 3 -14.08 -10.47 -6.51
CA ALA A 3 -13.87 -9.67 -5.23
C ALA A 3 -14.14 -8.14 -5.41
N ALA A 4 -13.83 -7.35 -4.37
CA ALA A 4 -14.03 -5.85 -4.39
C ALA A 4 -13.15 -5.17 -3.33
N VAL A 5 -12.45 -4.10 -3.75
CA VAL A 5 -11.51 -3.26 -2.90
C VAL A 5 -11.96 -1.82 -3.25
N SER A 6 -11.91 -0.94 -2.26
CA SER A 6 -12.31 0.51 -2.42
C SER A 6 -11.71 1.37 -1.31
N VAL A 7 -11.37 2.63 -1.68
CA VAL A 7 -10.76 3.69 -0.78
C VAL A 7 -11.75 4.87 -0.91
N SER A 8 -11.97 5.61 0.19
CA SER A 8 -12.92 6.80 0.21
C SER A 8 -12.51 7.80 1.39
N PRO A 9 -11.94 9.10 1.21
CA PRO A 9 -11.51 9.82 -0.07
C PRO A 9 -10.35 9.09 -0.79
N ALA A 10 -10.20 9.37 -2.10
CA ALA A 10 -9.10 8.74 -2.96
C ALA A 10 -8.41 9.76 -3.89
N THR A 11 -8.86 11.02 -3.85
CA THR A 11 -8.29 12.15 -4.71
C THR A 11 -8.18 13.43 -3.87
N GLY A 12 -7.21 14.27 -4.26
CA GLY A 12 -6.96 15.59 -3.57
C GLY A 12 -6.36 15.44 -2.17
N LEU A 13 -5.58 14.37 -1.98
CA LEU A 13 -4.91 14.07 -0.66
C LEU A 13 -3.74 15.05 -0.45
N ALA A 14 -3.40 15.26 0.85
CA ALA A 14 -2.29 16.18 1.31
C ALA A 14 -1.33 15.42 2.24
N ASP A 15 -0.34 16.14 2.77
CA ASP A 15 0.70 15.55 3.70
C ASP A 15 0.08 15.14 5.07
N GLY A 16 0.36 13.90 5.48
CA GLY A 16 -0.16 13.34 6.79
C GLY A 16 -1.68 13.06 6.77
N ALA A 17 -2.22 12.84 5.58
CA ALA A 17 -3.70 12.53 5.42
C ALA A 17 -4.04 11.12 5.89
N THR A 18 -5.15 11.01 6.64
CA THR A 18 -5.67 9.71 7.21
C THR A 18 -6.79 9.24 6.27
N VAL A 19 -6.69 7.99 5.81
CA VAL A 19 -7.71 7.35 4.87
C VAL A 19 -8.15 5.98 5.43
N THR A 20 -9.41 5.64 5.12
CA THR A 20 -10.08 4.36 5.55
C THR A 20 -10.15 3.35 4.37
N VAL A 21 -9.17 2.44 4.35
CA VAL A 21 -9.07 1.37 3.27
C VAL A 21 -10.09 0.30 3.73
N SER A 22 -10.71 -0.37 2.74
CA SER A 22 -11.74 -1.45 2.97
C SER A 22 -11.44 -2.65 2.07
N ALA A 23 -12.04 -3.77 2.45
CA ALA A 23 -11.90 -5.07 1.72
C ALA A 23 -13.08 -5.94 2.14
N SER A 24 -13.66 -6.67 1.18
CA SER A 24 -14.85 -7.57 1.47
C SER A 24 -15.02 -8.62 0.36
N GLY A 25 -15.62 -9.76 0.73
CA GLY A 25 -15.88 -10.89 -0.21
C GLY A 25 -14.62 -11.67 -0.58
N PHE A 26 -14.21 -12.53 0.35
CA PHE A 26 -12.99 -13.42 0.20
C PHE A 26 -13.30 -14.64 -0.68
N ALA A 27 -12.25 -15.41 -0.98
CA ALA A 27 -12.39 -16.65 -1.85
C ALA A 27 -11.14 -17.52 -1.74
N THR A 28 -9.97 -16.86 -1.68
CA THR A 28 -8.62 -17.54 -1.58
C THR A 28 -7.79 -16.98 -0.41
N SER A 29 -7.75 -15.65 -0.30
CA SER A 29 -6.97 -14.95 0.81
C SER A 29 -7.61 -15.13 2.20
N THR A 30 -6.82 -15.71 3.14
CA THR A 30 -7.24 -15.97 4.58
C THR A 30 -6.64 -14.91 5.53
N SER A 31 -5.93 -13.93 4.95
CA SER A 31 -5.26 -12.80 5.71
C SER A 31 -4.87 -11.70 4.69
N ALA A 32 -4.60 -10.48 5.18
CA ALA A 32 -4.22 -9.31 4.28
C ALA A 32 -3.48 -8.21 5.07
N THR A 33 -2.58 -7.50 4.35
CA THR A 33 -1.72 -6.36 4.91
C THR A 33 -1.64 -5.28 3.81
N ALA A 34 -1.56 -4.02 4.25
CA ALA A 34 -1.48 -2.83 3.31
C ALA A 34 -0.05 -2.27 3.18
N LEU A 35 0.45 -2.18 1.93
CA LEU A 35 1.83 -1.66 1.56
C LEU A 35 1.66 -0.47 0.59
N GLN A 36 2.64 0.46 0.61
CA GLN A 36 2.68 1.72 -0.28
C GLN A 36 4.10 1.96 -0.88
N CYS A 37 4.52 1.00 -1.71
CA CYS A 37 5.88 1.04 -2.39
C CYS A 37 5.97 2.08 -3.51
N ALA A 38 7.20 2.61 -3.67
CA ALA A 38 7.56 3.65 -4.71
C ALA A 38 8.30 2.98 -5.88
N ILE A 39 7.64 2.95 -7.05
CA ILE A 39 8.21 2.33 -8.31
C ILE A 39 9.27 3.34 -8.86
N LEU A 40 10.49 2.82 -9.01
CA LEU A 40 11.72 3.58 -9.52
C LEU A 40 11.93 3.15 -11.00
N ALA A 41 13.04 3.59 -11.62
CA ALA A 41 13.37 3.25 -13.05
C ALA A 41 13.65 1.75 -13.23
N ASP A 42 14.44 1.20 -12.31
CA ASP A 42 14.83 -0.27 -12.33
C ASP A 42 13.64 -1.16 -11.86
N GLY A 43 12.70 -0.55 -11.14
CA GLY A 43 11.48 -1.26 -10.62
C GLY A 43 11.70 -2.09 -9.34
N ARG A 44 12.72 -1.74 -8.54
CA ARG A 44 13.01 -2.51 -7.26
C ARG A 44 11.92 -2.15 -6.24
N GLY A 45 11.51 -3.14 -5.45
CA GLY A 45 10.43 -2.96 -4.40
C GLY A 45 10.89 -2.21 -3.14
N ALA A 46 11.02 -0.88 -3.25
CA ALA A 46 11.47 0.01 -2.10
C ALA A 46 10.21 0.44 -1.32
N CYS A 47 9.93 -0.28 -0.21
CA CYS A 47 8.74 0.00 0.69
C CYS A 47 9.15 0.00 2.16
N ASN A 48 8.56 0.95 2.91
CA ASN A 48 8.82 1.11 4.38
C ASN A 48 8.07 0.03 5.18
N VAL A 49 8.80 -0.60 6.11
CA VAL A 49 8.25 -1.69 7.02
C VAL A 49 7.55 -1.17 8.30
N ALA A 50 7.73 0.10 8.63
CA ALA A 50 7.08 0.72 9.89
C ALA A 50 5.57 1.09 9.75
N GLU A 51 5.09 1.23 8.50
CA GLU A 51 3.62 1.61 8.20
C GLU A 51 2.64 0.39 8.27
N PHE A 52 3.17 -0.80 8.53
CA PHE A 52 2.35 -2.08 8.64
C PHE A 52 1.40 -2.17 9.86
N HIS A 53 0.51 -3.18 9.83
CA HIS A 53 -0.50 -3.45 10.94
C HIS A 53 -0.68 -4.98 11.09
N ASP A 54 -1.25 -5.61 10.06
CA ASP A 54 -1.54 -7.11 9.97
C ASP A 54 -2.34 -7.82 11.13
N PHE A 55 -3.40 -8.52 10.71
CA PHE A 55 -4.32 -9.30 11.62
C PHE A 55 -5.26 -10.09 10.70
N SER A 56 -5.65 -11.30 11.13
CA SER A 56 -6.58 -12.20 10.34
C SER A 56 -8.00 -11.63 10.23
N LEU A 57 -8.76 -12.18 9.28
CA LEU A 57 -10.18 -11.73 9.03
C LEU A 57 -11.12 -12.38 10.08
N SER A 58 -12.19 -11.65 10.39
CA SER A 58 -13.21 -12.10 11.40
C SER A 58 -14.12 -13.21 10.86
N GLY A 59 -14.26 -13.23 9.55
CA GLY A 59 -15.10 -14.24 8.84
C GLY A 59 -14.98 -14.02 7.34
N GLY A 60 -14.79 -12.76 6.94
CA GLY A 60 -14.67 -12.41 5.47
C GLY A 60 -14.49 -10.90 5.23
N GLU A 61 -14.18 -10.13 6.30
CA GLU A 61 -13.97 -8.61 6.23
C GLU A 61 -12.83 -8.25 7.20
N GLY A 62 -12.22 -7.07 6.99
CA GLY A 62 -11.10 -6.60 7.87
C GLY A 62 -10.62 -5.20 7.46
N THR A 63 -11.30 -4.19 8.01
CA THR A 63 -10.99 -2.73 7.76
C THR A 63 -9.70 -2.34 8.49
N THR A 64 -9.01 -1.30 8.00
CA THR A 64 -7.71 -0.80 8.64
C THR A 64 -7.39 0.67 8.27
N SER A 65 -6.99 1.45 9.30
CA SER A 65 -6.62 2.92 9.17
C SER A 65 -5.12 3.02 8.88
N VAL A 66 -4.77 3.72 7.77
CA VAL A 66 -3.32 3.94 7.30
C VAL A 66 -3.11 5.47 7.18
N VAL A 67 -1.87 5.90 7.52
CA VAL A 67 -1.41 7.35 7.49
C VAL A 67 -0.31 7.36 6.40
N VAL A 68 -0.31 8.43 5.54
CA VAL A 68 0.72 8.59 4.40
C VAL A 68 1.41 10.00 4.43
N ARG A 69 2.75 9.95 4.59
CA ARG A 69 3.66 11.17 4.65
C ARG A 69 4.12 11.49 3.22
N ARG A 70 4.63 12.72 3.01
CA ARG A 70 5.13 13.20 1.65
C ARG A 70 6.42 12.43 1.22
N SER A 71 7.21 11.97 2.20
CA SER A 71 8.52 11.21 1.98
C SER A 71 8.73 10.22 3.12
N PHE A 72 9.47 9.14 2.84
CA PHE A 72 9.77 8.08 3.90
C PHE A 72 11.01 7.26 3.54
N THR A 73 11.70 6.83 4.60
CA THR A 73 12.95 6.00 4.50
C THR A 73 12.63 4.60 3.94
N GLY A 74 12.90 4.44 2.65
CA GLY A 74 12.66 3.15 1.93
C GLY A 74 13.69 2.09 2.34
N TYR A 75 13.28 0.82 2.19
CA TYR A 75 14.13 -0.40 2.52
C TYR A 75 13.94 -1.42 1.40
N VAL A 76 15.07 -1.82 0.79
CA VAL A 76 15.08 -2.83 -0.36
C VAL A 76 14.72 -4.22 0.24
N MET A 77 14.00 -5.03 -0.54
CA MET A 77 13.54 -6.42 -0.11
C MET A 77 14.58 -7.53 0.34
N PRO A 78 15.74 -7.89 -0.37
CA PRO A 78 16.67 -8.96 0.13
C PRO A 78 17.38 -8.65 1.49
N ASP A 79 18.11 -7.50 1.61
CA ASP A 79 18.85 -7.13 2.90
C ASP A 79 19.20 -5.63 2.99
N GLY A 80 19.99 -5.10 2.05
CA GLY A 80 20.39 -3.63 2.06
C GLY A 80 21.46 -3.40 0.92
N PRO A 81 22.21 -2.21 0.79
CA PRO A 81 22.15 -0.95 1.65
C PRO A 81 20.89 -0.12 1.43
N GLU A 82 20.50 0.62 2.47
CA GLU A 82 19.27 1.51 2.43
C GLU A 82 19.46 2.68 1.45
N VAL A 83 18.37 3.05 0.76
CA VAL A 83 18.35 4.17 -0.25
C VAL A 83 18.25 5.54 0.46
N GLY A 84 17.57 5.53 1.59
CA GLY A 84 17.35 6.73 2.44
C GLY A 84 16.09 7.45 1.98
N ALA A 85 15.94 8.64 2.51
CA ALA A 85 14.77 9.53 2.20
C ALA A 85 14.66 9.95 0.72
N VAL A 86 13.58 9.44 0.08
CA VAL A 86 13.25 9.70 -1.38
C VAL A 86 11.75 10.12 -1.45
N ASP A 87 11.51 11.21 -2.18
CA ASP A 87 10.13 11.76 -2.36
C ASP A 87 9.35 10.92 -3.37
N CYS A 88 8.04 10.86 -3.16
CA CYS A 88 7.11 10.08 -4.05
C CYS A 88 6.82 10.80 -5.38
N ASP A 89 6.83 12.13 -5.34
CA ASP A 89 6.56 12.99 -6.54
C ASP A 89 7.66 13.00 -7.64
N THR A 90 8.90 12.69 -7.27
CA THR A 90 10.06 12.68 -8.27
C THR A 90 10.10 11.40 -9.13
N ALA A 91 9.57 10.30 -8.60
CA ALA A 91 9.55 8.97 -9.36
C ALA A 91 8.61 9.02 -10.65
N PRO A 92 8.79 8.20 -11.78
CA PRO A 92 7.87 8.30 -12.97
C PRO A 92 6.45 7.71 -12.72
N GLY A 93 6.41 6.47 -12.22
CA GLY A 93 5.10 5.76 -11.92
C GLY A 93 4.40 6.34 -10.69
N GLY A 94 5.21 6.71 -9.71
CA GLY A 94 4.70 7.30 -8.41
C GLY A 94 4.18 6.19 -7.46
N CYS A 95 3.70 6.62 -6.31
CA CYS A 95 3.15 5.68 -5.25
C CYS A 95 1.82 5.07 -5.68
N GLU A 96 1.60 3.80 -5.26
CA GLU A 96 0.34 3.00 -5.57
C GLU A 96 0.04 2.14 -4.34
N ILE A 97 -1.23 2.16 -3.89
CA ILE A 97 -1.69 1.36 -2.68
C ILE A 97 -1.88 -0.06 -3.25
N VAL A 98 -1.30 -1.08 -2.57
CA VAL A 98 -1.39 -2.54 -2.97
C VAL A 98 -1.85 -3.29 -1.70
N VAL A 99 -2.81 -4.17 -1.91
CA VAL A 99 -3.46 -5.06 -0.86
C VAL A 99 -3.37 -6.46 -1.52
N GLY A 100 -3.02 -7.46 -0.73
CA GLY A 100 -2.89 -8.86 -1.27
C GLY A 100 -2.46 -9.83 -0.17
N GLY A 101 -3.03 -11.04 -0.23
CA GLY A 101 -2.74 -12.15 0.77
C GLY A 101 -1.57 -13.01 0.29
N ASN A 102 -1.44 -14.16 0.93
CA ASN A 102 -0.34 -15.15 0.62
C ASN A 102 -0.63 -15.99 -0.66
N THR A 103 -1.92 -15.98 -1.09
CA THR A 103 -2.43 -16.72 -2.32
C THR A 103 -3.16 -15.72 -3.24
N GLY A 104 -3.56 -14.57 -2.67
CA GLY A 104 -4.30 -13.48 -3.44
C GLY A 104 -3.43 -12.70 -4.47
N GLU A 105 -2.11 -12.95 -4.47
CA GLU A 105 -1.10 -12.31 -5.41
C GLU A 105 -1.01 -10.77 -5.21
N TYR A 106 -1.75 -9.99 -6.01
CA TYR A 106 -1.75 -8.46 -5.92
C TYR A 106 -2.98 -7.87 -6.63
N GLY A 107 -3.34 -6.64 -6.21
CA GLY A 107 -4.52 -5.87 -6.76
C GLY A 107 -4.29 -4.37 -6.48
N ASN A 108 -3.67 -3.71 -7.46
CA ASN A 108 -3.35 -2.23 -7.38
C ASN A 108 -4.58 -1.28 -7.37
N ALA A 109 -4.32 -0.04 -6.96
CA ALA A 109 -5.37 1.07 -6.88
C ALA A 109 -4.64 2.45 -6.82
N ALA A 110 -4.50 3.05 -8.00
CA ALA A 110 -3.81 4.39 -8.15
C ALA A 110 -4.59 5.56 -7.52
N ILE A 111 -3.81 6.51 -6.96
CA ILE A 111 -4.30 7.78 -6.26
C ILE A 111 -3.74 9.00 -7.07
N SER A 112 -4.16 10.25 -6.75
CA SER A 112 -3.67 11.49 -7.50
C SER A 112 -3.81 12.75 -6.65
N PHE A 113 -2.67 13.42 -6.39
CA PHE A 113 -2.64 14.68 -5.57
C PHE A 113 -3.21 15.86 -6.37
N GLY A 114 -3.71 16.85 -5.65
CA GLY A 114 -4.32 18.09 -6.26
C GLY A 114 -5.65 17.81 -6.98
N ALA A 1 -13.31 -13.86 -11.16
CA ALA A 1 -13.26 -13.06 -9.91
C ALA A 1 -14.60 -12.38 -9.66
N SER A 2 -14.83 -12.06 -8.38
CA SER A 2 -16.10 -11.37 -7.89
C SER A 2 -15.76 -10.40 -6.73
N ALA A 3 -14.46 -10.16 -6.54
CA ALA A 3 -13.94 -9.23 -5.46
C ALA A 3 -14.19 -7.75 -5.78
N ALA A 4 -13.97 -6.92 -4.75
CA ALA A 4 -14.16 -5.43 -4.84
C ALA A 4 -13.39 -4.73 -3.72
N VAL A 5 -12.50 -3.80 -4.11
CA VAL A 5 -11.61 -2.97 -3.20
C VAL A 5 -11.82 -1.53 -3.71
N SER A 6 -11.94 -0.59 -2.78
CA SER A 6 -12.15 0.87 -3.11
C SER A 6 -11.85 1.75 -1.88
N VAL A 7 -10.90 2.68 -2.06
CA VAL A 7 -10.46 3.64 -0.99
C VAL A 7 -11.50 4.79 -1.05
N SER A 8 -11.77 5.43 0.10
CA SER A 8 -12.78 6.57 0.19
C SER A 8 -12.42 7.52 1.43
N PRO A 9 -11.85 8.82 1.32
CA PRO A 9 -11.40 9.61 0.08
C PRO A 9 -10.24 8.92 -0.69
N ALA A 10 -10.03 9.34 -1.96
CA ALA A 10 -8.92 8.77 -2.85
C ALA A 10 -8.23 9.81 -3.73
N THR A 11 -8.77 11.05 -3.74
CA THR A 11 -8.21 12.20 -4.56
C THR A 11 -8.15 13.49 -3.72
N GLY A 12 -7.21 14.35 -4.09
CA GLY A 12 -7.00 15.68 -3.39
C GLY A 12 -6.35 15.55 -2.01
N LEU A 13 -5.55 14.50 -1.85
CA LEU A 13 -4.83 14.21 -0.55
C LEU A 13 -3.65 15.20 -0.37
N ALA A 14 -3.28 15.42 0.91
CA ALA A 14 -2.16 16.35 1.36
C ALA A 14 -1.17 15.57 2.24
N ASP A 15 -0.17 16.30 2.77
CA ASP A 15 0.89 15.69 3.66
C ASP A 15 0.31 15.21 5.02
N GLY A 16 0.62 13.96 5.38
CA GLY A 16 0.14 13.35 6.67
C GLY A 16 -1.36 13.03 6.65
N ALA A 17 -1.88 12.76 5.45
CA ALA A 17 -3.34 12.42 5.26
C ALA A 17 -3.68 11.02 5.79
N THR A 18 -4.85 10.94 6.43
CA THR A 18 -5.40 9.67 7.04
C THR A 18 -6.44 9.18 6.04
N VAL A 19 -6.37 7.88 5.70
CA VAL A 19 -7.33 7.22 4.72
C VAL A 19 -7.86 5.89 5.30
N THR A 20 -9.12 5.60 4.97
CA THR A 20 -9.86 4.37 5.40
C THR A 20 -9.94 3.36 4.23
N VAL A 21 -9.05 2.37 4.25
CA VAL A 21 -8.98 1.30 3.17
C VAL A 21 -10.11 0.33 3.57
N SER A 22 -10.79 -0.23 2.55
CA SER A 22 -11.92 -1.22 2.74
C SER A 22 -11.82 -2.34 1.72
N ALA A 23 -12.41 -3.48 2.08
CA ALA A 23 -12.43 -4.72 1.22
C ALA A 23 -13.58 -5.61 1.70
N SER A 24 -14.13 -6.42 0.79
CA SER A 24 -15.28 -7.35 1.13
C SER A 24 -15.41 -8.47 0.09
N GLY A 25 -15.65 -9.70 0.59
CA GLY A 25 -15.81 -10.92 -0.27
C GLY A 25 -14.52 -11.35 -0.99
N PHE A 26 -13.55 -11.79 -0.20
CA PHE A 26 -12.21 -12.25 -0.75
C PHE A 26 -12.37 -13.59 -1.48
N ALA A 27 -11.51 -13.82 -2.49
CA ALA A 27 -11.53 -15.07 -3.32
C ALA A 27 -11.13 -16.38 -2.57
N THR A 28 -9.83 -16.51 -2.21
CA THR A 28 -9.25 -17.73 -1.47
C THR A 28 -8.40 -17.28 -0.27
N SER A 29 -7.84 -16.08 -0.38
CA SER A 29 -6.97 -15.47 0.72
C SER A 29 -7.76 -15.33 2.06
N THR A 30 -7.31 -16.10 3.07
CA THR A 30 -7.92 -16.13 4.48
C THR A 30 -7.24 -15.14 5.46
N SER A 31 -6.45 -14.22 4.90
CA SER A 31 -5.69 -13.17 5.69
C SER A 31 -5.27 -12.06 4.73
N ALA A 32 -5.01 -10.85 5.26
CA ALA A 32 -4.59 -9.67 4.40
C ALA A 32 -3.87 -8.58 5.21
N THR A 33 -2.87 -7.97 4.54
CA THR A 33 -1.99 -6.86 5.07
C THR A 33 -2.27 -5.65 4.19
N ALA A 34 -1.60 -4.52 4.48
CA ALA A 34 -1.78 -3.24 3.68
C ALA A 34 -0.45 -2.43 3.71
N LEU A 35 0.31 -2.59 2.60
CA LEU A 35 1.65 -1.91 2.37
C LEU A 35 1.52 -0.97 1.15
N GLN A 36 2.43 0.03 1.10
CA GLN A 36 2.52 1.08 0.02
C GLN A 36 4.04 1.23 -0.26
N CYS A 37 4.44 0.98 -1.53
CA CYS A 37 5.89 1.08 -1.99
C CYS A 37 6.03 2.07 -3.17
N ALA A 38 7.24 2.67 -3.27
CA ALA A 38 7.60 3.66 -4.35
C ALA A 38 8.23 2.95 -5.56
N ILE A 39 7.55 3.03 -6.70
CA ILE A 39 8.05 2.37 -7.99
C ILE A 39 9.10 3.35 -8.53
N LEU A 40 10.18 2.78 -9.08
CA LEU A 40 11.36 3.54 -9.68
C LEU A 40 11.55 2.93 -11.09
N ALA A 41 12.60 3.36 -11.81
CA ALA A 41 12.91 2.85 -13.19
C ALA A 41 13.25 1.35 -13.20
N ASP A 42 14.05 0.96 -12.21
CA ASP A 42 14.49 -0.49 -12.04
C ASP A 42 13.32 -1.38 -11.51
N GLY A 43 12.34 -0.74 -10.88
CA GLY A 43 11.13 -1.44 -10.31
C GLY A 43 11.37 -2.27 -9.03
N ARG A 44 12.37 -1.89 -8.23
CA ARG A 44 12.70 -2.63 -6.93
C ARG A 44 11.62 -2.26 -5.90
N GLY A 45 11.30 -3.20 -5.02
CA GLY A 45 10.25 -2.98 -3.94
C GLY A 45 10.74 -2.17 -2.73
N ALA A 46 10.98 -0.86 -2.94
CA ALA A 46 11.45 0.07 -1.84
C ALA A 46 10.23 0.50 -1.02
N CYS A 47 10.03 -0.16 0.15
CA CYS A 47 8.86 0.13 1.08
C CYS A 47 9.32 0.20 2.54
N ASN A 48 8.65 1.09 3.30
CA ASN A 48 8.94 1.31 4.76
C ASN A 48 8.20 0.24 5.59
N VAL A 49 8.95 -0.44 6.45
CA VAL A 49 8.40 -1.54 7.36
C VAL A 49 7.38 -1.10 8.46
N ALA A 50 7.41 0.16 8.88
CA ALA A 50 6.46 0.68 9.97
C ALA A 50 4.93 0.79 9.63
N GLU A 51 4.57 0.69 8.35
CA GLU A 51 3.10 0.78 7.88
C GLU A 51 2.29 -0.52 8.08
N PHE A 52 2.96 -1.59 8.49
CA PHE A 52 2.29 -2.94 8.72
C PHE A 52 1.29 -2.99 9.90
N HIS A 53 0.50 -4.07 9.90
CA HIS A 53 -0.56 -4.34 10.94
C HIS A 53 -0.63 -5.86 11.13
N ASP A 54 -0.97 -6.57 10.05
CA ASP A 54 -1.10 -8.09 10.01
C ASP A 54 -2.08 -8.71 11.05
N PHE A 55 -3.31 -9.03 10.60
CA PHE A 55 -4.40 -9.64 11.46
C PHE A 55 -5.42 -10.36 10.55
N SER A 56 -6.00 -11.43 11.08
CA SER A 56 -7.02 -12.28 10.33
C SER A 56 -8.36 -11.56 10.12
N LEU A 57 -9.17 -12.13 9.22
CA LEU A 57 -10.54 -11.57 8.88
C LEU A 57 -11.55 -11.97 9.98
N SER A 58 -12.55 -11.10 10.15
CA SER A 58 -13.64 -11.32 11.17
C SER A 58 -14.60 -12.43 10.75
N GLY A 59 -14.75 -12.55 9.44
CA GLY A 59 -15.66 -13.57 8.83
C GLY A 59 -15.55 -13.48 7.30
N GLY A 60 -15.31 -12.28 6.81
CA GLY A 60 -15.19 -12.04 5.32
C GLY A 60 -14.93 -10.55 4.99
N GLU A 61 -14.48 -9.77 6.00
CA GLU A 61 -14.17 -8.27 5.85
C GLU A 61 -12.93 -8.00 6.72
N GLY A 62 -12.30 -6.84 6.55
CA GLY A 62 -11.07 -6.47 7.36
C GLY A 62 -10.61 -5.03 7.07
N THR A 63 -11.41 -4.08 7.56
CA THR A 63 -11.13 -2.60 7.39
C THR A 63 -9.98 -2.20 8.35
N THR A 64 -9.18 -1.19 7.94
CA THR A 64 -8.00 -0.68 8.78
C THR A 64 -7.51 0.74 8.34
N SER A 65 -7.24 1.59 9.36
CA SER A 65 -6.75 3.01 9.15
C SER A 65 -5.22 3.02 8.96
N VAL A 66 -4.75 3.74 7.91
CA VAL A 66 -3.25 3.88 7.56
C VAL A 66 -2.96 5.39 7.39
N VAL A 67 -1.74 5.80 7.84
CA VAL A 67 -1.21 7.23 7.79
C VAL A 67 -0.06 7.15 6.77
N VAL A 68 -0.01 8.12 5.81
CA VAL A 68 1.06 8.20 4.72
C VAL A 68 1.68 9.65 4.62
N ARG A 69 3.02 9.70 4.72
CA ARG A 69 3.85 10.97 4.65
C ARG A 69 4.23 11.23 3.18
N ARG A 70 4.56 12.49 2.88
CA ARG A 70 4.97 12.92 1.47
C ARG A 70 6.38 12.36 1.06
N SER A 71 7.21 12.08 2.07
CA SER A 71 8.63 11.52 1.87
C SER A 71 8.95 10.57 3.01
N PHE A 72 9.72 9.51 2.69
CA PHE A 72 10.11 8.47 3.74
C PHE A 72 11.39 7.72 3.33
N THR A 73 12.14 7.31 4.37
CA THR A 73 13.42 6.56 4.22
C THR A 73 13.09 5.13 3.73
N GLY A 74 13.27 4.93 2.43
CA GLY A 74 13.00 3.59 1.77
C GLY A 74 14.03 2.53 2.21
N TYR A 75 13.59 1.27 2.17
CA TYR A 75 14.44 0.07 2.57
C TYR A 75 14.20 -1.06 1.54
N VAL A 76 15.29 -1.48 0.89
CA VAL A 76 15.27 -2.59 -0.16
C VAL A 76 15.02 -3.93 0.60
N MET A 77 14.36 -4.86 -0.08
CA MET A 77 14.00 -6.23 0.47
C MET A 77 15.15 -7.13 1.15
N PRO A 78 16.34 -7.49 0.53
CA PRO A 78 17.38 -8.35 1.24
C PRO A 78 18.02 -7.69 2.50
N ASP A 79 18.80 -6.59 2.34
CA ASP A 79 19.48 -5.88 3.52
C ASP A 79 19.88 -4.44 3.20
N GLY A 80 20.45 -4.22 2.01
CA GLY A 80 20.89 -2.84 1.59
C GLY A 80 21.50 -2.90 0.14
N PRO A 81 22.16 -1.81 -0.46
CA PRO A 81 22.43 -0.42 0.10
C PRO A 81 21.16 0.44 0.19
N GLU A 82 21.04 1.19 1.30
CA GLU A 82 19.84 2.10 1.55
C GLU A 82 19.87 3.30 0.58
N VAL A 83 18.68 3.63 0.07
CA VAL A 83 18.47 4.78 -0.92
C VAL A 83 18.43 6.13 -0.19
N GLY A 84 17.83 6.13 0.99
CA GLY A 84 17.68 7.34 1.85
C GLY A 84 16.38 8.05 1.50
N ALA A 85 16.26 9.23 2.05
CA ALA A 85 15.06 10.12 1.83
C ALA A 85 14.86 10.53 0.37
N VAL A 86 13.80 9.94 -0.24
CA VAL A 86 13.38 10.16 -1.68
C VAL A 86 11.86 10.46 -1.71
N ASP A 87 11.50 11.45 -2.51
CA ASP A 87 10.07 11.89 -2.67
C ASP A 87 9.37 10.93 -3.65
N CYS A 88 8.13 10.59 -3.32
CA CYS A 88 7.31 9.67 -4.19
C CYS A 88 6.68 10.38 -5.40
N ASP A 89 6.55 11.70 -5.31
CA ASP A 89 5.96 12.54 -6.41
C ASP A 89 6.86 12.73 -7.65
N THR A 90 8.17 12.65 -7.45
CA THR A 90 9.18 12.83 -8.59
C THR A 90 9.35 11.58 -9.46
N ALA A 91 9.02 10.40 -8.90
CA ALA A 91 9.15 9.08 -9.67
C ALA A 91 8.12 8.98 -10.90
N PRO A 92 8.32 8.17 -12.02
CA PRO A 92 7.32 8.13 -13.15
C PRO A 92 6.03 7.38 -12.80
N GLY A 93 6.16 6.17 -12.25
CA GLY A 93 4.99 5.31 -11.85
C GLY A 93 4.28 5.85 -10.62
N GLY A 94 5.08 6.35 -9.69
CA GLY A 94 4.57 6.93 -8.39
C GLY A 94 4.13 5.85 -7.40
N CYS A 95 3.56 6.32 -6.29
CA CYS A 95 3.06 5.40 -5.19
C CYS A 95 1.75 4.72 -5.62
N GLU A 96 1.53 3.53 -5.06
CA GLU A 96 0.31 2.66 -5.34
C GLU A 96 0.06 1.77 -4.10
N ILE A 97 -1.20 1.74 -3.64
CA ILE A 97 -1.60 0.91 -2.44
C ILE A 97 -1.73 -0.51 -3.03
N VAL A 98 -1.20 -1.52 -2.30
CA VAL A 98 -1.23 -3.00 -2.71
C VAL A 98 -1.74 -3.75 -1.46
N VAL A 99 -2.71 -4.63 -1.73
CA VAL A 99 -3.41 -5.52 -0.70
C VAL A 99 -3.25 -6.94 -1.33
N GLY A 100 -2.93 -7.94 -0.50
CA GLY A 100 -2.75 -9.36 -1.00
C GLY A 100 -2.37 -10.29 0.17
N GLY A 101 -2.92 -11.51 0.12
CA GLY A 101 -2.66 -12.56 1.19
C GLY A 101 -1.39 -13.37 0.91
N ASN A 102 -1.37 -14.55 1.52
CA ASN A 102 -0.21 -15.52 1.40
C ASN A 102 -0.30 -16.39 0.14
N THR A 103 -1.42 -16.32 -0.58
CA THR A 103 -1.64 -17.12 -1.85
C THR A 103 -0.74 -16.60 -3.00
N GLY A 104 -1.04 -15.41 -3.52
CA GLY A 104 -0.23 -14.81 -4.65
C GLY A 104 -0.98 -13.66 -5.33
N GLU A 105 -2.31 -13.69 -5.23
CA GLU A 105 -3.20 -12.64 -5.86
C GLU A 105 -3.02 -11.23 -5.21
N TYR A 106 -2.63 -10.27 -6.07
CA TYR A 106 -2.38 -8.83 -5.67
C TYR A 106 -3.71 -8.02 -5.83
N GLY A 107 -3.62 -6.69 -5.71
CA GLY A 107 -4.82 -5.78 -5.84
C GLY A 107 -4.37 -4.33 -5.86
N ASN A 108 -3.85 -3.92 -7.01
CA ASN A 108 -3.33 -2.52 -7.25
C ASN A 108 -4.46 -1.49 -7.28
N ALA A 109 -4.15 -0.25 -6.85
CA ALA A 109 -5.15 0.90 -6.82
C ALA A 109 -4.41 2.26 -6.69
N ALA A 110 -4.24 2.93 -7.83
CA ALA A 110 -3.54 4.28 -7.90
C ALA A 110 -4.38 5.41 -7.29
N ILE A 111 -3.66 6.35 -6.65
CA ILE A 111 -4.22 7.60 -5.95
C ILE A 111 -3.62 8.86 -6.65
N SER A 112 -4.14 10.08 -6.35
CA SER A 112 -3.65 11.40 -6.95
C SER A 112 -3.62 12.49 -5.89
N PHE A 113 -2.83 13.53 -6.17
CA PHE A 113 -2.63 14.74 -5.28
C PHE A 113 -3.31 15.95 -5.89
N GLY A 114 -3.52 16.97 -5.05
CA GLY A 114 -4.17 18.26 -5.49
C GLY A 114 -3.26 19.07 -6.42
N ALA A 1 -18.14 -8.73 -9.80
CA ALA A 1 -16.70 -8.73 -9.47
C ALA A 1 -16.36 -9.91 -8.54
N SER A 2 -15.10 -10.32 -8.60
CA SER A 2 -14.59 -11.47 -7.77
C SER A 2 -14.50 -11.10 -6.28
N ALA A 3 -14.16 -9.85 -6.05
CA ALA A 3 -14.02 -9.28 -4.65
C ALA A 3 -13.95 -7.74 -4.77
N ALA A 4 -14.87 -7.06 -4.07
CA ALA A 4 -14.93 -5.56 -4.09
C ALA A 4 -13.89 -4.96 -3.14
N VAL A 5 -13.12 -3.98 -3.65
CA VAL A 5 -12.04 -3.23 -2.91
C VAL A 5 -12.37 -1.77 -3.22
N SER A 6 -12.22 -0.91 -2.21
CA SER A 6 -12.50 0.57 -2.35
C SER A 6 -11.87 1.35 -1.19
N VAL A 7 -11.38 2.55 -1.54
CA VAL A 7 -10.70 3.53 -0.61
C VAL A 7 -11.60 4.79 -0.74
N SER A 8 -11.79 5.50 0.38
CA SER A 8 -12.65 6.76 0.42
C SER A 8 -12.22 7.67 1.67
N PRO A 9 -11.57 8.94 1.60
CA PRO A 9 -11.10 9.70 0.37
C PRO A 9 -9.96 8.97 -0.35
N ALA A 10 -9.85 9.22 -1.67
CA ALA A 10 -8.80 8.59 -2.57
C ALA A 10 -8.19 9.59 -3.56
N THR A 11 -8.74 10.81 -3.60
CA THR A 11 -8.26 11.91 -4.54
C THR A 11 -8.14 13.24 -3.77
N GLY A 12 -7.22 14.07 -4.24
CA GLY A 12 -6.96 15.43 -3.62
C GLY A 12 -6.27 15.34 -2.26
N LEU A 13 -5.45 14.30 -2.11
CA LEU A 13 -4.67 14.05 -0.83
C LEU A 13 -3.51 15.06 -0.72
N ALA A 14 -3.11 15.31 0.55
CA ALA A 14 -1.99 16.27 0.94
C ALA A 14 -1.13 15.59 2.02
N ASP A 15 -0.14 16.33 2.54
CA ASP A 15 0.80 15.83 3.61
C ASP A 15 0.06 15.55 4.93
N GLY A 16 0.39 14.41 5.56
CA GLY A 16 -0.24 14.00 6.87
C GLY A 16 -1.68 13.50 6.68
N ALA A 17 -1.92 12.92 5.50
CA ALA A 17 -3.29 12.37 5.13
C ALA A 17 -3.58 11.08 5.92
N THR A 18 -4.88 10.84 6.17
CA THR A 18 -5.40 9.63 6.93
C THR A 18 -6.50 8.98 6.07
N VAL A 19 -6.09 7.90 5.39
CA VAL A 19 -6.97 7.08 4.49
C VAL A 19 -7.65 5.96 5.29
N THR A 20 -8.78 5.48 4.75
CA THR A 20 -9.62 4.38 5.35
C THR A 20 -9.83 3.33 4.24
N VAL A 21 -8.98 2.30 4.28
CA VAL A 21 -9.00 1.17 3.27
C VAL A 21 -10.12 0.24 3.73
N SER A 22 -10.78 -0.41 2.74
CA SER A 22 -11.91 -1.37 2.96
C SER A 22 -11.81 -2.58 2.03
N ALA A 23 -12.52 -3.62 2.44
CA ALA A 23 -12.60 -4.93 1.72
C ALA A 23 -13.86 -5.60 2.24
N SER A 24 -14.71 -6.11 1.33
CA SER A 24 -16.02 -6.81 1.70
C SER A 24 -16.16 -8.22 1.08
N GLY A 25 -15.06 -8.73 0.56
CA GLY A 25 -15.05 -10.10 -0.06
C GLY A 25 -13.62 -10.57 -0.36
N PHE A 26 -13.52 -11.89 -0.47
CA PHE A 26 -12.24 -12.66 -0.76
C PHE A 26 -12.61 -13.83 -1.71
N ALA A 27 -11.67 -14.73 -1.97
CA ALA A 27 -11.91 -15.92 -2.88
C ALA A 27 -10.89 -17.04 -2.61
N THR A 28 -9.69 -16.67 -2.17
CA THR A 28 -8.56 -17.65 -1.85
C THR A 28 -7.75 -17.17 -0.63
N SER A 29 -7.50 -15.85 -0.58
CA SER A 29 -6.70 -15.22 0.55
C SER A 29 -7.48 -15.28 1.90
N THR A 30 -6.94 -16.06 2.85
CA THR A 30 -7.54 -16.26 4.25
C THR A 30 -6.97 -15.25 5.28
N SER A 31 -6.21 -14.28 4.80
CA SER A 31 -5.56 -13.20 5.66
C SER A 31 -5.07 -12.07 4.72
N ALA A 32 -4.81 -10.87 5.28
CA ALA A 32 -4.32 -9.69 4.44
C ALA A 32 -3.64 -8.62 5.32
N THR A 33 -2.70 -7.89 4.69
CA THR A 33 -1.88 -6.78 5.31
C THR A 33 -1.70 -5.74 4.18
N ALA A 34 -1.75 -4.45 4.55
CA ALA A 34 -1.59 -3.29 3.57
C ALA A 34 -0.27 -2.52 3.71
N LEU A 35 0.41 -2.31 2.56
CA LEU A 35 1.75 -1.55 2.49
C LEU A 35 1.89 -0.87 1.10
N GLN A 36 2.41 0.38 1.13
CA GLN A 36 2.65 1.23 -0.11
C GLN A 36 4.15 1.13 -0.43
N CYS A 37 4.49 1.25 -1.73
CA CYS A 37 5.93 1.16 -2.22
C CYS A 37 6.12 2.14 -3.40
N ALA A 38 7.31 2.77 -3.45
CA ALA A 38 7.69 3.78 -4.52
C ALA A 38 8.38 3.07 -5.72
N ILE A 39 7.71 3.11 -6.88
CA ILE A 39 8.24 2.46 -8.14
C ILE A 39 9.32 3.43 -8.74
N LEU A 40 10.54 2.90 -8.88
CA LEU A 40 11.75 3.64 -9.44
C LEU A 40 11.89 3.20 -10.92
N ALA A 41 12.95 3.65 -11.58
CA ALA A 41 13.22 3.30 -13.04
C ALA A 41 13.53 1.81 -13.23
N ASP A 42 14.38 1.28 -12.34
CA ASP A 42 14.80 -0.19 -12.37
C ASP A 42 13.65 -1.12 -11.91
N GLY A 43 12.70 -0.54 -11.15
CA GLY A 43 11.50 -1.29 -10.61
C GLY A 43 11.75 -2.08 -9.32
N ARG A 44 12.79 -1.69 -8.54
CA ARG A 44 13.11 -2.40 -7.23
C ARG A 44 12.02 -2.04 -6.21
N GLY A 45 11.62 -3.01 -5.41
CA GLY A 45 10.54 -2.82 -4.36
C GLY A 45 10.98 -2.05 -3.10
N ALA A 46 11.13 -0.72 -3.22
CA ALA A 46 11.55 0.15 -2.07
C ALA A 46 10.29 0.45 -1.25
N CYS A 47 10.12 -0.30 -0.13
CA CYS A 47 8.92 -0.14 0.80
C CYS A 47 9.38 0.01 2.25
N ASN A 48 8.60 0.80 3.00
CA ASN A 48 8.87 1.08 4.48
C ASN A 48 8.13 0.05 5.35
N VAL A 49 8.90 -0.64 6.20
CA VAL A 49 8.37 -1.71 7.13
C VAL A 49 7.39 -1.21 8.24
N ALA A 50 7.49 0.07 8.62
CA ALA A 50 6.59 0.68 9.71
C ALA A 50 5.11 0.92 9.32
N GLU A 51 4.74 0.68 8.06
CA GLU A 51 3.31 0.88 7.54
C GLU A 51 2.37 -0.29 7.91
N PHE A 52 2.95 -1.39 8.36
CA PHE A 52 2.16 -2.65 8.75
C PHE A 52 1.19 -2.46 9.95
N HIS A 53 0.23 -3.37 10.03
CA HIS A 53 -0.82 -3.39 11.11
C HIS A 53 -1.24 -4.82 11.42
N ASP A 54 -1.44 -5.60 10.35
CA ASP A 54 -1.87 -7.07 10.40
C ASP A 54 -3.27 -7.33 11.04
N PHE A 55 -4.07 -8.13 10.31
CA PHE A 55 -5.47 -8.51 10.75
C PHE A 55 -5.88 -9.80 10.02
N SER A 56 -6.79 -10.54 10.67
CA SER A 56 -7.36 -11.85 10.16
C SER A 56 -8.87 -11.68 9.97
N LEU A 57 -9.41 -12.37 8.97
CA LEU A 57 -10.89 -12.31 8.66
C LEU A 57 -11.64 -13.23 9.64
N SER A 58 -12.93 -12.89 9.84
CA SER A 58 -13.87 -13.64 10.76
C SER A 58 -15.24 -13.87 10.08
N GLY A 59 -15.23 -13.69 8.77
CA GLY A 59 -16.48 -13.87 7.95
C GLY A 59 -16.13 -13.52 6.51
N GLY A 60 -15.75 -12.26 6.34
CA GLY A 60 -15.37 -11.72 4.98
C GLY A 60 -15.23 -10.19 4.99
N GLU A 61 -14.96 -9.62 6.17
CA GLU A 61 -14.79 -8.10 6.37
C GLU A 61 -13.60 -7.85 7.30
N GLY A 62 -12.98 -6.67 7.16
CA GLY A 62 -11.79 -6.30 8.02
C GLY A 62 -11.21 -4.93 7.65
N THR A 63 -11.92 -3.88 8.04
CA THR A 63 -11.51 -2.44 7.77
C THR A 63 -10.34 -2.06 8.69
N THR A 64 -9.48 -1.13 8.22
CA THR A 64 -8.26 -0.62 9.01
C THR A 64 -7.83 0.78 8.53
N SER A 65 -7.35 1.59 9.51
CA SER A 65 -6.85 3.01 9.28
C SER A 65 -5.32 3.02 9.27
N VAL A 66 -4.73 3.76 8.30
CA VAL A 66 -3.22 3.91 8.12
C VAL A 66 -2.94 5.41 7.91
N VAL A 67 -1.70 5.82 8.22
CA VAL A 67 -1.19 7.25 8.09
C VAL A 67 -0.02 7.15 7.08
N VAL A 68 0.00 8.08 6.09
CA VAL A 68 1.08 8.15 5.00
C VAL A 68 1.65 9.59 4.84
N ARG A 69 2.98 9.68 4.94
CA ARG A 69 3.78 10.98 4.82
C ARG A 69 4.14 11.19 3.34
N ARG A 70 4.46 12.44 2.97
CA ARG A 70 4.85 12.80 1.53
C ARG A 70 6.23 12.21 1.13
N SER A 71 7.10 11.94 2.13
CA SER A 71 8.49 11.36 1.94
C SER A 71 8.81 10.37 3.06
N PHE A 72 9.59 9.32 2.75
CA PHE A 72 9.97 8.27 3.78
C PHE A 72 11.24 7.50 3.38
N THR A 73 11.98 7.09 4.43
CA THR A 73 13.26 6.33 4.28
C THR A 73 12.96 4.91 3.76
N GLY A 74 13.20 4.73 2.46
CA GLY A 74 12.95 3.41 1.78
C GLY A 74 14.00 2.36 2.20
N TYR A 75 13.60 1.09 2.09
CA TYR A 75 14.46 -0.10 2.44
C TYR A 75 14.25 -1.19 1.37
N VAL A 76 15.36 -1.61 0.75
CA VAL A 76 15.37 -2.67 -0.35
C VAL A 76 15.09 -4.04 0.35
N MET A 77 14.42 -4.94 -0.37
CA MET A 77 14.04 -6.32 0.13
C MET A 77 15.16 -7.29 0.73
N PRO A 78 16.36 -7.64 0.09
CA PRO A 78 17.35 -8.58 0.75
C PRO A 78 18.03 -8.02 2.04
N ASP A 79 18.80 -6.90 1.96
CA ASP A 79 19.50 -6.29 3.18
C ASP A 79 19.88 -4.82 2.98
N GLY A 80 20.50 -4.50 1.84
CA GLY A 80 20.93 -3.07 1.55
C GLY A 80 21.66 -3.01 0.15
N PRO A 81 22.35 -1.87 -0.31
CA PRO A 81 22.53 -0.52 0.37
C PRO A 81 21.25 0.32 0.42
N GLU A 82 21.06 1.03 1.54
CA GLU A 82 19.84 1.91 1.76
C GLU A 82 19.89 3.14 0.82
N VAL A 83 18.71 3.48 0.28
CA VAL A 83 18.53 4.64 -0.68
C VAL A 83 18.46 5.99 0.08
N GLY A 84 17.82 5.96 1.23
CA GLY A 84 17.63 7.14 2.11
C GLY A 84 16.35 7.86 1.73
N ALA A 85 16.21 9.05 2.27
CA ALA A 85 15.03 9.93 2.03
C ALA A 85 14.87 10.33 0.54
N VAL A 86 13.81 9.75 -0.08
CA VAL A 86 13.45 9.99 -1.53
C VAL A 86 11.93 10.34 -1.58
N ASP A 87 11.62 11.34 -2.40
CA ASP A 87 10.21 11.81 -2.59
C ASP A 87 9.47 10.91 -3.58
N CYS A 88 8.19 10.71 -3.33
CA CYS A 88 7.31 9.85 -4.19
C CYS A 88 6.92 10.54 -5.52
N ASP A 89 6.71 11.84 -5.44
CA ASP A 89 6.31 12.69 -6.62
C ASP A 89 7.36 12.85 -7.75
N THR A 90 8.64 12.69 -7.42
CA THR A 90 9.76 12.84 -8.46
C THR A 90 9.94 11.57 -9.33
N ALA A 91 9.51 10.41 -8.80
CA ALA A 91 9.64 9.09 -9.57
C ALA A 91 8.66 9.06 -10.84
N PRO A 92 8.88 8.23 -11.96
CA PRO A 92 7.93 8.24 -13.13
C PRO A 92 6.56 7.54 -12.85
N GLY A 93 6.62 6.31 -12.33
CA GLY A 93 5.38 5.51 -12.01
C GLY A 93 4.63 6.06 -10.80
N GLY A 94 5.40 6.44 -9.79
CA GLY A 94 4.84 7.01 -8.52
C GLY A 94 4.27 5.91 -7.58
N CYS A 95 3.77 6.38 -6.46
CA CYS A 95 3.17 5.50 -5.40
C CYS A 95 1.81 4.90 -5.83
N GLU A 96 1.52 3.71 -5.29
CA GLU A 96 0.23 2.94 -5.56
C GLU A 96 0.08 1.95 -4.37
N ILE A 97 -1.14 1.88 -3.82
CA ILE A 97 -1.49 0.97 -2.65
C ILE A 97 -1.68 -0.43 -3.24
N VAL A 98 -1.10 -1.45 -2.54
CA VAL A 98 -1.16 -2.92 -2.94
C VAL A 98 -1.55 -3.69 -1.64
N VAL A 99 -2.55 -4.57 -1.83
CA VAL A 99 -3.15 -5.47 -0.75
C VAL A 99 -2.82 -6.87 -1.33
N GLY A 100 -2.55 -7.84 -0.47
CA GLY A 100 -2.22 -9.24 -0.95
C GLY A 100 -1.99 -10.20 0.21
N GLY A 101 -2.53 -11.42 0.05
CA GLY A 101 -2.42 -12.52 1.08
C GLY A 101 -1.16 -13.36 0.90
N ASN A 102 -1.18 -14.55 1.50
CA ASN A 102 -0.03 -15.53 1.44
C ASN A 102 0.10 -16.19 0.06
N THR A 103 -1.02 -16.25 -0.68
CA THR A 103 -1.04 -16.88 -2.08
C THR A 103 -0.37 -15.93 -3.11
N GLY A 104 -0.39 -14.64 -2.79
CA GLY A 104 0.22 -13.56 -3.67
C GLY A 104 -0.80 -12.99 -4.67
N GLU A 105 -2.09 -13.21 -4.39
CA GLU A 105 -3.20 -12.72 -5.29
C GLU A 105 -3.30 -11.18 -5.12
N TYR A 106 -2.78 -10.49 -6.11
CA TYR A 106 -2.75 -8.97 -6.14
C TYR A 106 -4.15 -8.33 -6.37
N GLY A 107 -4.20 -7.03 -6.13
CA GLY A 107 -5.46 -6.22 -6.28
C GLY A 107 -5.10 -4.75 -6.03
N ASN A 108 -4.42 -4.18 -7.02
CA ASN A 108 -3.96 -2.74 -6.99
C ASN A 108 -5.09 -1.69 -7.06
N ALA A 109 -4.72 -0.45 -6.69
CA ALA A 109 -5.67 0.75 -6.69
C ALA A 109 -4.85 2.07 -6.62
N ALA A 110 -4.72 2.74 -7.78
CA ALA A 110 -3.97 4.04 -7.90
C ALA A 110 -4.68 5.21 -7.21
N ILE A 111 -3.86 6.21 -6.82
CA ILE A 111 -4.29 7.50 -6.11
C ILE A 111 -3.80 8.70 -7.00
N SER A 112 -4.19 9.95 -6.67
CA SER A 112 -3.76 11.18 -7.48
C SER A 112 -3.85 12.47 -6.65
N PHE A 113 -2.77 13.26 -6.69
CA PHE A 113 -2.70 14.57 -5.91
C PHE A 113 -3.53 15.65 -6.60
N GLY A 114 -3.84 16.69 -5.84
CA GLY A 114 -4.65 17.85 -6.37
C GLY A 114 -4.84 18.89 -5.27
N ALA A 1 -11.81 -7.66 -11.46
CA ALA A 1 -12.00 -8.81 -10.54
C ALA A 1 -13.32 -8.69 -9.80
N SER A 2 -13.82 -9.84 -9.34
CA SER A 2 -15.12 -9.92 -8.57
C SER A 2 -15.02 -9.31 -7.18
N ALA A 3 -13.83 -9.41 -6.60
CA ALA A 3 -13.53 -8.88 -5.23
C ALA A 3 -13.55 -7.34 -5.19
N ALA A 4 -14.44 -6.79 -4.36
CA ALA A 4 -14.58 -5.29 -4.21
C ALA A 4 -13.49 -4.71 -3.30
N VAL A 5 -12.83 -3.64 -3.80
CA VAL A 5 -11.72 -2.88 -3.11
C VAL A 5 -12.15 -1.42 -3.30
N SER A 6 -11.98 -0.61 -2.26
CA SER A 6 -12.35 0.85 -2.29
C SER A 6 -11.65 1.60 -1.14
N VAL A 7 -11.23 2.83 -1.46
CA VAL A 7 -10.52 3.79 -0.51
C VAL A 7 -11.39 5.06 -0.61
N SER A 8 -11.59 5.74 0.54
CA SER A 8 -12.43 7.01 0.62
C SER A 8 -12.04 7.86 1.91
N PRO A 9 -11.40 9.13 1.90
CA PRO A 9 -10.87 9.95 0.72
C PRO A 9 -9.71 9.23 0.02
N ALA A 10 -9.59 9.50 -1.30
CA ALA A 10 -8.50 8.91 -2.20
C ALA A 10 -7.88 9.94 -3.14
N THR A 11 -8.53 11.11 -3.26
CA THR A 11 -8.07 12.25 -4.14
C THR A 11 -7.99 13.56 -3.34
N GLY A 12 -7.11 14.45 -3.81
CA GLY A 12 -6.89 15.80 -3.16
C GLY A 12 -6.20 15.68 -1.78
N LEU A 13 -5.34 14.68 -1.67
CA LEU A 13 -4.58 14.40 -0.40
C LEU A 13 -3.44 15.42 -0.21
N ALA A 14 -3.08 15.62 1.08
CA ALA A 14 -1.99 16.57 1.55
C ALA A 14 -1.07 15.81 2.53
N ASP A 15 -0.14 16.52 3.14
CA ASP A 15 0.84 15.92 4.13
C ASP A 15 0.16 15.42 5.42
N GLY A 16 0.43 14.15 5.77
CA GLY A 16 -0.15 13.49 7.00
C GLY A 16 -1.67 13.22 6.89
N ALA A 17 -2.13 13.02 5.65
CA ALA A 17 -3.60 12.76 5.39
C ALA A 17 -4.03 11.35 5.85
N THR A 18 -5.06 11.32 6.68
CA THR A 18 -5.62 10.04 7.24
C THR A 18 -6.55 9.47 6.15
N VAL A 19 -6.44 8.16 5.92
CA VAL A 19 -7.25 7.39 4.89
C VAL A 19 -7.72 6.06 5.51
N THR A 20 -8.99 5.69 5.18
CA THR A 20 -9.68 4.44 5.66
C THR A 20 -9.81 3.44 4.48
N VAL A 21 -8.95 2.42 4.48
CA VAL A 21 -8.93 1.35 3.42
C VAL A 21 -10.06 0.38 3.80
N SER A 22 -10.69 -0.21 2.77
CA SER A 22 -11.83 -1.18 2.91
C SER A 22 -11.59 -2.38 2.00
N ALA A 23 -12.30 -3.45 2.29
CA ALA A 23 -12.22 -4.74 1.52
C ALA A 23 -13.48 -5.55 1.81
N SER A 24 -13.97 -6.26 0.79
CA SER A 24 -15.21 -7.11 0.91
C SER A 24 -15.21 -8.16 -0.20
N GLY A 25 -15.77 -9.33 0.11
CA GLY A 25 -15.86 -10.47 -0.88
C GLY A 25 -14.48 -11.11 -1.10
N PHE A 26 -14.16 -12.06 -0.24
CA PHE A 26 -12.86 -12.82 -0.28
C PHE A 26 -13.09 -14.17 0.42
N ALA A 27 -12.30 -15.17 0.02
CA ALA A 27 -12.39 -16.57 0.60
C ALA A 27 -11.10 -17.38 0.32
N THR A 28 -10.32 -16.91 -0.66
CA THR A 28 -9.03 -17.58 -1.05
C THR A 28 -7.91 -17.21 -0.06
N SER A 29 -7.65 -15.92 0.10
CA SER A 29 -6.58 -15.40 1.04
C SER A 29 -7.02 -15.58 2.52
N THR A 30 -6.22 -16.33 3.29
CA THR A 30 -6.51 -16.61 4.76
C THR A 30 -6.11 -15.44 5.70
N SER A 31 -5.28 -14.56 5.17
CA SER A 31 -4.74 -13.34 5.90
C SER A 31 -4.10 -12.44 4.86
N ALA A 32 -4.04 -11.12 5.13
CA ALA A 32 -3.41 -10.13 4.16
C ALA A 32 -3.08 -8.79 4.84
N THR A 33 -1.87 -8.30 4.53
CA THR A 33 -1.30 -7.00 5.05
C THR A 33 -1.52 -5.91 4.00
N ALA A 34 -1.60 -4.67 4.48
CA ALA A 34 -1.82 -3.43 3.63
C ALA A 34 -0.57 -2.53 3.73
N LEU A 35 0.08 -2.26 2.58
CA LEU A 35 1.32 -1.38 2.53
C LEU A 35 1.57 -0.78 1.12
N GLN A 36 2.12 0.46 1.12
CA GLN A 36 2.46 1.26 -0.12
C GLN A 36 3.94 1.05 -0.45
N CYS A 37 4.26 1.10 -1.75
CA CYS A 37 5.68 0.92 -2.28
C CYS A 37 5.85 1.81 -3.53
N ALA A 38 7.05 2.40 -3.67
CA ALA A 38 7.41 3.31 -4.83
C ALA A 38 8.19 2.57 -5.94
N ILE A 39 7.66 2.62 -7.17
CA ILE A 39 8.29 1.95 -8.38
C ILE A 39 9.42 2.89 -8.88
N LEU A 40 10.65 2.35 -8.92
CA LEU A 40 11.90 3.08 -9.39
C LEU A 40 12.15 2.64 -10.85
N ALA A 41 13.27 3.07 -11.45
CA ALA A 41 13.63 2.71 -12.88
C ALA A 41 13.90 1.20 -13.01
N ASP A 42 14.68 0.68 -12.06
CA ASP A 42 15.06 -0.80 -12.01
C ASP A 42 13.85 -1.67 -11.58
N GLY A 43 12.90 -1.05 -10.89
CA GLY A 43 11.63 -1.73 -10.38
C GLY A 43 11.80 -2.54 -9.08
N ARG A 44 12.78 -2.16 -8.24
CA ARG A 44 13.02 -2.89 -6.92
C ARG A 44 11.90 -2.49 -5.95
N GLY A 45 11.47 -3.43 -5.11
CA GLY A 45 10.37 -3.21 -4.10
C GLY A 45 10.78 -2.38 -2.86
N ALA A 46 10.93 -1.06 -3.04
CA ALA A 46 11.31 -0.14 -1.90
C ALA A 46 10.01 0.21 -1.16
N CYS A 47 9.83 -0.42 0.03
CA CYS A 47 8.58 -0.21 0.91
C CYS A 47 8.94 0.04 2.37
N ASN A 48 8.15 0.95 2.99
CA ASN A 48 8.33 1.35 4.44
C ASN A 48 7.62 0.31 5.34
N VAL A 49 8.41 -0.37 6.16
CA VAL A 49 7.91 -1.44 7.12
C VAL A 49 6.94 -0.95 8.25
N ALA A 50 6.99 0.32 8.61
CA ALA A 50 6.08 0.89 9.71
C ALA A 50 4.56 0.99 9.42
N GLU A 51 4.14 0.82 8.16
CA GLU A 51 2.65 0.90 7.77
C GLU A 51 1.84 -0.40 8.05
N PHE A 52 2.53 -1.46 8.46
CA PHE A 52 1.88 -2.79 8.78
C PHE A 52 0.90 -2.82 9.98
N HIS A 53 0.13 -3.91 10.03
CA HIS A 53 -0.90 -4.20 11.09
C HIS A 53 -0.90 -5.70 11.33
N ASP A 54 -1.06 -6.44 10.22
CA ASP A 54 -1.10 -7.97 10.17
C ASP A 54 -2.08 -8.67 11.16
N PHE A 55 -3.27 -9.01 10.64
CA PHE A 55 -4.37 -9.72 11.45
C PHE A 55 -5.30 -10.44 10.45
N SER A 56 -5.83 -11.57 10.89
CA SER A 56 -6.76 -12.44 10.06
C SER A 56 -8.11 -11.77 9.75
N LEU A 57 -8.75 -12.25 8.68
CA LEU A 57 -10.10 -11.72 8.22
C LEU A 57 -11.19 -12.35 9.11
N SER A 58 -12.13 -11.50 9.52
CA SER A 58 -13.29 -11.91 10.40
C SER A 58 -14.30 -12.79 9.70
N GLY A 59 -14.52 -12.47 8.45
CA GLY A 59 -15.49 -13.24 7.60
C GLY A 59 -15.46 -12.69 6.19
N GLY A 60 -14.26 -12.66 5.65
CA GLY A 60 -13.99 -12.15 4.25
C GLY A 60 -14.03 -10.62 4.16
N GLU A 61 -13.78 -9.95 5.30
CA GLU A 61 -13.76 -8.43 5.43
C GLU A 61 -12.62 -8.10 6.40
N GLY A 62 -12.10 -6.87 6.34
CA GLY A 62 -10.95 -6.46 7.26
C GLY A 62 -10.54 -5.00 7.04
N THR A 63 -11.34 -4.10 7.60
CA THR A 63 -11.10 -2.61 7.52
C THR A 63 -9.96 -2.23 8.48
N THR A 64 -9.21 -1.16 8.14
CA THR A 64 -8.06 -0.67 9.00
C THR A 64 -7.62 0.78 8.67
N SER A 65 -7.41 1.57 9.75
CA SER A 65 -6.97 3.02 9.65
C SER A 65 -5.45 3.13 9.41
N VAL A 66 -5.08 3.63 8.21
CA VAL A 66 -3.63 3.82 7.75
C VAL A 66 -3.40 5.35 7.68
N VAL A 67 -2.13 5.74 7.91
CA VAL A 67 -1.62 7.19 7.91
C VAL A 67 -0.43 7.14 6.93
N VAL A 68 -0.27 8.20 6.11
CA VAL A 68 0.87 8.31 5.08
C VAL A 68 1.43 9.76 4.96
N ARG A 69 2.77 9.85 4.99
CA ARG A 69 3.56 11.14 4.90
C ARG A 69 3.87 11.43 3.41
N ARG A 70 4.25 12.69 3.11
CA ARG A 70 4.60 13.14 1.69
C ARG A 70 5.88 12.47 1.14
N SER A 71 6.76 12.04 2.05
CA SER A 71 8.07 11.35 1.71
C SER A 71 8.50 10.49 2.88
N PHE A 72 9.24 9.41 2.59
CA PHE A 72 9.71 8.46 3.68
C PHE A 72 10.97 7.68 3.25
N THR A 73 11.78 7.35 4.27
CA THR A 73 13.05 6.59 4.11
C THR A 73 12.73 5.15 3.66
N GLY A 74 12.95 4.89 2.37
CA GLY A 74 12.69 3.54 1.77
C GLY A 74 13.72 2.50 2.26
N TYR A 75 13.30 1.23 2.23
CA TYR A 75 14.13 0.05 2.67
C TYR A 75 13.95 -1.10 1.66
N VAL A 76 15.08 -1.54 1.10
CA VAL A 76 15.11 -2.68 0.08
C VAL A 76 14.85 -4.00 0.86
N MET A 77 14.21 -4.95 0.21
CA MET A 77 13.85 -6.31 0.81
C MET A 77 14.99 -7.18 1.53
N PRO A 78 16.20 -7.56 0.94
CA PRO A 78 17.22 -8.38 1.71
C PRO A 78 17.86 -7.69 2.95
N ASP A 79 18.62 -6.57 2.78
CA ASP A 79 19.28 -5.85 3.96
C ASP A 79 19.66 -4.39 3.63
N GLY A 80 20.27 -4.18 2.46
CA GLY A 80 20.70 -2.79 2.04
C GLY A 80 21.39 -2.86 0.62
N PRO A 81 22.06 -1.76 0.04
CA PRO A 81 22.27 -0.36 0.59
C PRO A 81 20.98 0.48 0.61
N GLU A 82 20.84 1.30 1.66
CA GLU A 82 19.64 2.20 1.84
C GLU A 82 19.64 3.33 0.78
N VAL A 83 18.45 3.60 0.23
CA VAL A 83 18.23 4.67 -0.84
C VAL A 83 18.14 6.07 -0.21
N GLY A 84 17.51 6.14 0.95
CA GLY A 84 17.31 7.42 1.71
C GLY A 84 15.98 8.05 1.33
N ALA A 85 15.82 9.27 1.79
CA ALA A 85 14.59 10.10 1.54
C ALA A 85 14.34 10.40 0.04
N VAL A 86 13.25 9.78 -0.47
CA VAL A 86 12.79 9.92 -1.91
C VAL A 86 11.27 10.21 -1.88
N ASP A 87 10.84 11.08 -2.81
CA ASP A 87 9.39 11.50 -2.95
C ASP A 87 8.74 10.67 -4.06
N CYS A 88 7.43 10.52 -3.95
CA CYS A 88 6.63 9.72 -4.96
C CYS A 88 6.46 10.46 -6.31
N ASP A 89 6.49 11.79 -6.25
CA ASP A 89 6.33 12.67 -7.46
C ASP A 89 7.51 12.66 -8.45
N THR A 90 8.73 12.48 -7.92
CA THR A 90 10.00 12.46 -8.77
C THR A 90 10.21 11.11 -9.49
N ALA A 91 9.57 10.05 -8.99
CA ALA A 91 9.72 8.65 -9.61
C ALA A 91 9.06 8.60 -11.07
N PRO A 92 9.45 7.67 -12.06
CA PRO A 92 8.80 7.66 -13.42
C PRO A 92 7.38 7.10 -13.42
N GLY A 93 7.18 5.98 -12.70
CA GLY A 93 5.83 5.31 -12.62
C GLY A 93 4.88 6.09 -11.71
N GLY A 94 4.68 5.55 -10.53
CA GLY A 94 3.77 6.18 -9.49
C GLY A 94 3.43 5.14 -8.42
N CYS A 95 3.26 5.62 -7.20
CA CYS A 95 2.92 4.75 -6.02
C CYS A 95 1.46 4.27 -6.08
N GLU A 96 1.17 3.19 -5.36
CA GLU A 96 -0.22 2.57 -5.31
C GLU A 96 -0.31 1.64 -4.10
N ILE A 97 -1.52 1.57 -3.50
CA ILE A 97 -1.78 0.69 -2.30
C ILE A 97 -1.96 -0.73 -2.91
N VAL A 98 -1.10 -1.66 -2.45
CA VAL A 98 -1.09 -3.10 -2.90
C VAL A 98 -1.51 -3.94 -1.67
N VAL A 99 -2.61 -4.65 -1.86
CA VAL A 99 -3.27 -5.58 -0.84
C VAL A 99 -3.12 -6.95 -1.52
N GLY A 100 -2.66 -7.96 -0.79
CA GLY A 100 -2.49 -9.34 -1.40
C GLY A 100 -2.00 -10.34 -0.35
N GLY A 101 -2.57 -11.54 -0.39
CA GLY A 101 -2.23 -12.66 0.56
C GLY A 101 -1.02 -13.47 0.09
N ASN A 102 -0.88 -14.61 0.74
CA ASN A 102 0.23 -15.60 0.45
C ASN A 102 -0.04 -16.48 -0.78
N THR A 103 -1.30 -16.47 -1.25
CA THR A 103 -1.72 -17.29 -2.46
C THR A 103 -1.10 -16.74 -3.76
N GLY A 104 -1.54 -15.56 -4.21
CA GLY A 104 -0.98 -14.96 -5.50
C GLY A 104 -1.77 -13.74 -5.98
N GLU A 105 -3.01 -13.60 -5.49
CA GLU A 105 -3.91 -12.43 -5.89
C GLU A 105 -3.36 -11.08 -5.39
N TYR A 106 -3.56 -10.05 -6.23
CA TYR A 106 -3.11 -8.61 -5.99
C TYR A 106 -4.36 -7.71 -5.77
N GLY A 107 -4.15 -6.40 -5.68
CA GLY A 107 -5.28 -5.42 -5.48
C GLY A 107 -4.74 -3.98 -5.59
N ASN A 108 -4.33 -3.63 -6.81
CA ASN A 108 -3.77 -2.25 -7.13
C ASN A 108 -4.83 -1.14 -7.05
N ALA A 109 -4.40 0.06 -6.62
CA ALA A 109 -5.32 1.27 -6.49
C ALA A 109 -4.47 2.57 -6.38
N ALA A 110 -4.51 3.39 -7.45
CA ALA A 110 -3.74 4.70 -7.52
C ALA A 110 -4.41 5.84 -6.74
N ILE A 111 -3.66 6.95 -6.63
CA ILE A 111 -4.05 8.24 -5.91
C ILE A 111 -3.86 9.42 -6.91
N SER A 112 -4.13 10.66 -6.45
CA SER A 112 -3.97 11.91 -7.31
C SER A 112 -3.90 13.14 -6.40
N PHE A 113 -2.78 13.87 -6.48
CA PHE A 113 -2.57 15.11 -5.63
C PHE A 113 -3.42 16.28 -6.14
N GLY A 114 -3.65 17.24 -5.25
CA GLY A 114 -4.46 18.47 -5.56
C GLY A 114 -3.72 19.40 -6.54
N ALA A 1 -12.17 -10.62 -12.43
CA ALA A 1 -12.31 -9.96 -11.10
C ALA A 1 -13.68 -10.27 -10.51
N SER A 2 -13.82 -9.99 -9.22
CA SER A 2 -15.09 -10.22 -8.45
C SER A 2 -15.03 -9.50 -7.11
N ALA A 3 -13.85 -9.60 -6.52
CA ALA A 3 -13.54 -8.97 -5.18
C ALA A 3 -13.55 -7.42 -5.24
N ALA A 4 -14.49 -6.82 -4.50
CA ALA A 4 -14.64 -5.31 -4.44
C ALA A 4 -13.62 -4.70 -3.48
N VAL A 5 -12.90 -3.66 -4.00
CA VAL A 5 -11.83 -2.89 -3.24
C VAL A 5 -12.23 -1.43 -3.51
N SER A 6 -12.12 -0.60 -2.47
CA SER A 6 -12.46 0.87 -2.54
C SER A 6 -11.82 1.63 -1.38
N VAL A 7 -11.45 2.90 -1.67
CA VAL A 7 -10.80 3.87 -0.71
C VAL A 7 -11.74 5.09 -0.81
N SER A 8 -11.89 5.82 0.31
CA SER A 8 -12.78 7.06 0.35
C SER A 8 -12.35 8.01 1.56
N PRO A 9 -11.71 9.28 1.41
CA PRO A 9 -11.23 10.01 0.14
C PRO A 9 -10.10 9.23 -0.59
N ALA A 10 -9.87 9.58 -1.89
CA ALA A 10 -8.79 8.91 -2.75
C ALA A 10 -8.05 9.88 -3.67
N THR A 11 -8.48 11.15 -3.68
CA THR A 11 -7.84 12.25 -4.55
C THR A 11 -7.76 13.56 -3.74
N GLY A 12 -6.75 14.36 -4.09
CA GLY A 12 -6.50 15.69 -3.42
C GLY A 12 -6.01 15.56 -1.98
N LEU A 13 -5.25 14.50 -1.73
CA LEU A 13 -4.68 14.20 -0.37
C LEU A 13 -3.54 15.20 -0.04
N ALA A 14 -3.39 15.45 1.27
CA ALA A 14 -2.35 16.39 1.86
C ALA A 14 -1.30 15.60 2.63
N ASP A 15 -0.32 16.31 3.17
CA ASP A 15 0.79 15.69 3.98
C ASP A 15 0.28 15.16 5.34
N GLY A 16 0.57 13.89 5.62
CA GLY A 16 0.14 13.21 6.90
C GLY A 16 -1.38 12.96 6.97
N ALA A 17 -2.02 12.84 5.82
CA ALA A 17 -3.51 12.59 5.73
C ALA A 17 -3.86 11.15 6.14
N THR A 18 -4.99 11.02 6.85
CA THR A 18 -5.53 9.70 7.37
C THR A 18 -6.62 9.29 6.38
N VAL A 19 -6.58 8.02 5.95
CA VAL A 19 -7.58 7.43 4.97
C VAL A 19 -8.09 6.07 5.50
N THR A 20 -9.36 5.80 5.18
CA THR A 20 -10.08 4.54 5.58
C THR A 20 -10.13 3.54 4.39
N VAL A 21 -9.19 2.60 4.40
CA VAL A 21 -9.07 1.52 3.31
C VAL A 21 -10.14 0.49 3.71
N SER A 22 -10.73 -0.16 2.69
CA SER A 22 -11.81 -1.21 2.87
C SER A 22 -11.58 -2.37 1.90
N ALA A 23 -12.29 -3.46 2.20
CA ALA A 23 -12.25 -4.72 1.39
C ALA A 23 -13.50 -5.54 1.70
N SER A 24 -14.00 -6.27 0.70
CA SER A 24 -15.24 -7.13 0.85
C SER A 24 -15.26 -8.19 -0.24
N GLY A 25 -15.84 -9.35 0.09
CA GLY A 25 -15.95 -10.51 -0.86
C GLY A 25 -14.59 -11.17 -1.06
N PHE A 26 -14.29 -12.12 -0.18
CA PHE A 26 -13.00 -12.91 -0.18
C PHE A 26 -13.27 -14.25 0.53
N ALA A 27 -12.45 -15.25 0.22
CA ALA A 27 -12.57 -16.63 0.84
C ALA A 27 -11.27 -17.44 0.68
N THR A 28 -10.45 -17.05 -0.30
CA THR A 28 -9.13 -17.74 -0.57
C THR A 28 -8.06 -17.28 0.42
N SER A 29 -7.85 -15.96 0.50
CA SER A 29 -6.82 -15.36 1.45
C SER A 29 -7.28 -15.47 2.93
N THR A 30 -6.50 -16.21 3.73
CA THR A 30 -6.81 -16.44 5.21
C THR A 30 -6.38 -15.24 6.08
N SER A 31 -5.55 -14.38 5.52
CA SER A 31 -5.01 -13.14 6.20
C SER A 31 -4.38 -12.24 5.13
N ALA A 32 -4.31 -10.93 5.39
CA ALA A 32 -3.70 -9.94 4.41
C ALA A 32 -3.35 -8.62 5.12
N THR A 33 -2.20 -8.06 4.69
CA THR A 33 -1.61 -6.77 5.21
C THR A 33 -1.67 -5.72 4.07
N ALA A 34 -1.76 -4.46 4.48
CA ALA A 34 -1.84 -3.25 3.54
C ALA A 34 -0.50 -2.48 3.55
N LEU A 35 0.29 -2.66 2.47
CA LEU A 35 1.65 -1.99 2.28
C LEU A 35 1.69 -1.27 0.91
N GLN A 36 2.45 -0.15 0.89
CA GLN A 36 2.66 0.74 -0.34
C GLN A 36 4.16 0.69 -0.66
N CYS A 37 4.51 0.69 -1.95
CA CYS A 37 5.95 0.64 -2.42
C CYS A 37 6.16 1.63 -3.59
N ALA A 38 7.30 2.33 -3.56
CA ALA A 38 7.66 3.36 -4.62
C ALA A 38 8.36 2.72 -5.83
N ILE A 39 7.69 2.79 -7.00
CA ILE A 39 8.24 2.20 -8.29
C ILE A 39 9.31 3.19 -8.82
N LEU A 40 10.54 2.67 -8.99
CA LEU A 40 11.76 3.45 -9.49
C LEU A 40 11.91 3.08 -10.99
N ALA A 41 12.99 3.53 -11.62
CA ALA A 41 13.27 3.25 -13.08
C ALA A 41 13.51 1.76 -13.35
N ASP A 42 14.35 1.16 -12.50
CA ASP A 42 14.71 -0.33 -12.61
C ASP A 42 13.52 -1.24 -12.17
N GLY A 43 12.60 -0.66 -11.39
CA GLY A 43 11.37 -1.38 -10.87
C GLY A 43 11.59 -2.21 -9.60
N ARG A 44 12.60 -1.86 -8.80
CA ARG A 44 12.91 -2.60 -7.51
C ARG A 44 11.83 -2.25 -6.46
N GLY A 45 11.47 -3.23 -5.65
CA GLY A 45 10.42 -3.06 -4.58
C GLY A 45 10.90 -2.33 -3.31
N ALA A 46 11.11 -1.01 -3.40
CA ALA A 46 11.58 -0.20 -2.20
C ALA A 46 10.32 0.12 -1.39
N CYS A 47 10.19 -0.53 -0.20
CA CYS A 47 8.96 -0.33 0.72
C CYS A 47 9.39 -0.14 2.19
N ASN A 48 8.61 0.73 2.88
CA ASN A 48 8.84 1.07 4.34
C ASN A 48 8.16 0.01 5.25
N VAL A 49 8.94 -0.55 6.16
CA VAL A 49 8.46 -1.62 7.14
C VAL A 49 7.47 -1.12 8.24
N ALA A 50 7.55 0.15 8.63
CA ALA A 50 6.63 0.74 9.72
C ALA A 50 5.14 0.95 9.36
N GLU A 51 4.78 0.80 8.09
CA GLU A 51 3.32 0.99 7.61
C GLU A 51 2.41 -0.24 7.87
N PHE A 52 3.01 -1.33 8.32
CA PHE A 52 2.25 -2.63 8.62
C PHE A 52 1.23 -2.57 9.79
N HIS A 53 0.38 -3.61 9.84
CA HIS A 53 -0.70 -3.78 10.89
C HIS A 53 -0.85 -5.29 11.18
N ASP A 54 -1.22 -6.06 10.14
CA ASP A 54 -1.43 -7.56 10.20
C ASP A 54 -2.52 -8.05 11.21
N PHE A 55 -3.62 -8.59 10.66
CA PHE A 55 -4.80 -9.14 11.48
C PHE A 55 -5.65 -10.02 10.55
N SER A 56 -6.19 -11.10 11.12
CA SER A 56 -7.04 -12.08 10.37
C SER A 56 -8.43 -11.52 10.02
N LEU A 57 -9.01 -12.01 8.92
CA LEU A 57 -10.38 -11.55 8.45
C LEU A 57 -11.44 -12.27 9.30
N SER A 58 -12.58 -11.59 9.44
CA SER A 58 -13.75 -12.13 10.25
C SER A 58 -14.45 -13.30 9.56
N GLY A 59 -14.38 -13.30 8.25
CA GLY A 59 -15.00 -14.36 7.40
C GLY A 59 -14.67 -14.05 5.95
N GLY A 60 -14.66 -12.76 5.64
CA GLY A 60 -14.35 -12.28 4.25
C GLY A 60 -14.48 -10.75 4.17
N GLU A 61 -14.22 -10.07 5.31
CA GLU A 61 -14.29 -8.55 5.43
C GLU A 61 -13.16 -8.08 6.35
N GLY A 62 -12.77 -6.83 6.19
CA GLY A 62 -11.66 -6.22 7.02
C GLY A 62 -11.49 -4.74 6.64
N THR A 63 -11.25 -3.91 7.67
CA THR A 63 -11.04 -2.41 7.55
C THR A 63 -9.86 -2.03 8.45
N THR A 64 -9.13 -0.95 8.06
CA THR A 64 -7.94 -0.46 8.84
C THR A 64 -7.54 1.00 8.48
N SER A 65 -7.19 1.76 9.53
CA SER A 65 -6.76 3.21 9.40
C SER A 65 -5.24 3.24 9.13
N VAL A 66 -4.85 3.79 7.96
CA VAL A 66 -3.39 3.92 7.51
C VAL A 66 -3.11 5.43 7.31
N VAL A 67 -1.86 5.83 7.67
CA VAL A 67 -1.35 7.26 7.57
C VAL A 67 -0.31 7.22 6.42
N VAL A 68 -0.32 8.28 5.57
CA VAL A 68 0.63 8.41 4.37
C VAL A 68 1.34 9.82 4.38
N ARG A 69 2.67 9.77 4.52
CA ARG A 69 3.57 11.00 4.56
C ARG A 69 4.01 11.33 3.12
N ARG A 70 4.40 12.59 2.90
CA ARG A 70 4.88 13.09 1.53
C ARG A 70 6.25 12.46 1.11
N SER A 71 7.04 12.06 2.12
CA SER A 71 8.42 11.44 1.90
C SER A 71 8.72 10.44 3.03
N PHE A 72 9.47 9.37 2.71
CA PHE A 72 9.84 8.31 3.74
C PHE A 72 11.11 7.56 3.35
N THR A 73 11.85 7.17 4.39
CA THR A 73 13.14 6.41 4.25
C THR A 73 12.86 4.97 3.73
N GLY A 74 13.21 4.77 2.46
CA GLY A 74 13.02 3.43 1.78
C GLY A 74 14.03 2.39 2.31
N TYR A 75 13.66 1.10 2.15
CA TYR A 75 14.50 -0.08 2.59
C TYR A 75 14.36 -1.22 1.55
N VAL A 76 15.44 -1.40 0.77
CA VAL A 76 15.50 -2.47 -0.33
C VAL A 76 15.73 -3.81 0.42
N MET A 77 15.08 -4.88 -0.06
CA MET A 77 15.18 -6.29 0.55
C MET A 77 16.51 -7.18 0.48
N PRO A 78 17.39 -7.25 -0.60
CA PRO A 78 18.62 -8.15 -0.56
C PRO A 78 19.74 -7.78 0.46
N ASP A 79 20.02 -6.48 0.64
CA ASP A 79 21.12 -6.02 1.62
C ASP A 79 20.92 -4.57 2.05
N GLY A 80 20.51 -3.72 1.12
CA GLY A 80 20.28 -2.26 1.41
C GLY A 80 21.66 -1.48 1.58
N PRO A 81 22.12 -0.83 2.75
CA PRO A 81 21.45 -0.73 4.11
C PRO A 81 20.25 0.24 4.12
N GLU A 82 20.46 1.42 3.55
CA GLU A 82 19.40 2.51 3.45
C GLU A 82 19.73 3.41 2.23
N VAL A 83 18.70 3.64 1.38
CA VAL A 83 18.83 4.50 0.14
C VAL A 83 18.74 5.99 0.52
N GLY A 84 17.88 6.26 1.50
CA GLY A 84 17.61 7.63 2.05
C GLY A 84 16.23 8.11 1.61
N ALA A 85 15.90 9.29 2.08
CA ALA A 85 14.59 9.97 1.78
C ALA A 85 14.40 10.30 0.30
N VAL A 86 13.34 9.69 -0.29
CA VAL A 86 12.95 9.87 -1.74
C VAL A 86 11.43 10.21 -1.78
N ASP A 87 11.11 11.20 -2.62
CA ASP A 87 9.69 11.68 -2.80
C ASP A 87 8.92 10.76 -3.75
N CYS A 88 7.63 10.61 -3.48
CA CYS A 88 6.74 9.74 -4.31
C CYS A 88 6.33 10.43 -5.63
N ASP A 89 6.31 11.75 -5.60
CA ASP A 89 5.95 12.61 -6.80
C ASP A 89 7.01 12.69 -7.91
N THR A 90 8.29 12.53 -7.55
CA THR A 90 9.44 12.61 -8.55
C THR A 90 9.62 11.31 -9.36
N ALA A 91 9.14 10.18 -8.81
CA ALA A 91 9.26 8.83 -9.53
C ALA A 91 8.36 8.79 -10.83
N PRO A 92 8.62 7.95 -11.93
CA PRO A 92 7.72 7.95 -13.15
C PRO A 92 6.35 7.28 -12.91
N GLY A 93 6.37 6.05 -12.38
CA GLY A 93 5.11 5.26 -12.10
C GLY A 93 4.33 5.79 -10.90
N GLY A 94 5.09 6.10 -9.85
CA GLY A 94 4.52 6.65 -8.55
C GLY A 94 4.04 5.51 -7.64
N CYS A 95 3.68 5.88 -6.42
CA CYS A 95 3.18 4.92 -5.38
C CYS A 95 1.78 4.37 -5.71
N GLU A 96 1.55 3.14 -5.25
CA GLU A 96 0.23 2.39 -5.44
C GLU A 96 0.01 1.52 -4.19
N ILE A 97 -1.22 1.56 -3.66
CA ILE A 97 -1.62 0.76 -2.42
C ILE A 97 -1.88 -0.66 -2.99
N VAL A 98 -1.06 -1.63 -2.52
CA VAL A 98 -1.15 -3.09 -2.93
C VAL A 98 -1.63 -3.87 -1.69
N VAL A 99 -2.75 -4.56 -1.89
CA VAL A 99 -3.46 -5.43 -0.85
C VAL A 99 -3.41 -6.84 -1.51
N GLY A 100 -2.97 -7.85 -0.77
CA GLY A 100 -2.87 -9.25 -1.34
C GLY A 100 -2.35 -10.23 -0.28
N GLY A 101 -2.97 -11.42 -0.23
CA GLY A 101 -2.60 -12.50 0.74
C GLY A 101 -1.38 -13.30 0.30
N ASN A 102 -1.16 -14.38 1.04
CA ASN A 102 -0.01 -15.33 0.80
C ASN A 102 -0.26 -16.30 -0.36
N THR A 103 -1.53 -16.43 -0.77
CA THR A 103 -1.93 -17.36 -1.90
C THR A 103 -1.44 -16.85 -3.28
N GLY A 104 -1.97 -15.72 -3.76
CA GLY A 104 -1.53 -15.17 -5.11
C GLY A 104 -2.43 -14.03 -5.60
N GLU A 105 -3.54 -13.78 -4.89
CA GLU A 105 -4.52 -12.67 -5.25
C GLU A 105 -3.89 -11.28 -5.11
N TYR A 106 -4.34 -10.37 -5.98
CA TYR A 106 -3.87 -8.93 -6.04
C TYR A 106 -5.05 -8.02 -6.36
N GLY A 107 -4.83 -6.72 -6.20
CA GLY A 107 -5.88 -5.70 -6.48
C GLY A 107 -5.33 -4.29 -6.21
N ASN A 108 -4.56 -3.80 -7.17
CA ASN A 108 -3.92 -2.43 -7.10
C ASN A 108 -4.95 -1.27 -7.17
N ALA A 109 -4.54 -0.08 -6.68
CA ALA A 109 -5.43 1.16 -6.67
C ALA A 109 -4.56 2.45 -6.54
N ALA A 110 -4.37 3.12 -7.68
CA ALA A 110 -3.56 4.39 -7.76
C ALA A 110 -4.29 5.59 -7.13
N ILE A 111 -3.46 6.52 -6.57
CA ILE A 111 -3.90 7.81 -5.88
C ILE A 111 -3.30 8.99 -6.71
N SER A 112 -3.70 10.26 -6.42
CA SER A 112 -3.17 11.48 -7.17
C SER A 112 -3.32 12.76 -6.33
N PHE A 113 -2.17 13.39 -6.03
CA PHE A 113 -2.13 14.66 -5.23
C PHE A 113 -2.64 15.85 -6.05
N GLY A 114 -3.14 16.87 -5.35
CA GLY A 114 -3.69 18.12 -6.00
C GLY A 114 -5.01 17.87 -6.74
N ALA A 1 -11.96 -12.28 -12.15
CA ALA A 1 -11.89 -11.73 -10.77
C ALA A 1 -13.27 -11.29 -10.30
N SER A 2 -13.43 -11.24 -8.99
CA SER A 2 -14.72 -10.83 -8.32
C SER A 2 -14.41 -10.60 -6.82
N ALA A 3 -14.08 -9.36 -6.51
CA ALA A 3 -13.74 -8.90 -5.11
C ALA A 3 -13.79 -7.37 -5.06
N ALA A 4 -14.63 -6.83 -4.17
CA ALA A 4 -14.79 -5.34 -4.00
C ALA A 4 -13.66 -4.75 -3.15
N VAL A 5 -13.03 -3.68 -3.69
CA VAL A 5 -11.88 -2.92 -3.05
C VAL A 5 -12.34 -1.45 -3.20
N SER A 6 -12.10 -0.67 -2.16
CA SER A 6 -12.49 0.80 -2.14
C SER A 6 -11.74 1.53 -1.03
N VAL A 7 -11.34 2.78 -1.35
CA VAL A 7 -10.59 3.73 -0.44
C VAL A 7 -11.47 4.99 -0.51
N SER A 8 -11.61 5.70 0.63
CA SER A 8 -12.45 6.96 0.70
C SER A 8 -12.04 7.84 1.99
N PRO A 9 -11.42 9.11 1.96
CA PRO A 9 -10.90 9.92 0.76
C PRO A 9 -9.76 9.20 0.02
N ALA A 10 -9.68 9.48 -1.29
CA ALA A 10 -8.62 8.88 -2.22
C ALA A 10 -8.03 9.91 -3.20
N THR A 11 -8.62 11.11 -3.24
CA THR A 11 -8.16 12.25 -4.15
C THR A 11 -8.08 13.55 -3.35
N GLY A 12 -7.19 14.44 -3.81
CA GLY A 12 -6.97 15.79 -3.16
C GLY A 12 -6.25 15.68 -1.80
N LEU A 13 -5.42 14.63 -1.68
CA LEU A 13 -4.63 14.36 -0.42
C LEU A 13 -3.48 15.37 -0.27
N ALA A 14 -3.08 15.57 0.99
CA ALA A 14 -1.98 16.50 1.44
C ALA A 14 -1.04 15.72 2.36
N ASP A 15 -0.04 16.41 2.93
CA ASP A 15 0.96 15.78 3.86
C ASP A 15 0.32 15.29 5.18
N GLY A 16 0.57 14.02 5.51
CA GLY A 16 0.03 13.38 6.77
C GLY A 16 -1.49 13.15 6.72
N ALA A 17 -2.01 12.95 5.51
CA ALA A 17 -3.48 12.72 5.30
C ALA A 17 -3.94 11.34 5.79
N THR A 18 -4.97 11.34 6.63
CA THR A 18 -5.56 10.09 7.21
C THR A 18 -6.51 9.51 6.15
N VAL A 19 -6.41 8.19 5.92
CA VAL A 19 -7.25 7.42 4.91
C VAL A 19 -7.71 6.11 5.56
N THR A 20 -8.93 5.68 5.17
CA THR A 20 -9.61 4.43 5.66
C THR A 20 -9.75 3.42 4.51
N VAL A 21 -8.89 2.40 4.52
CA VAL A 21 -8.87 1.31 3.46
C VAL A 21 -10.00 0.36 3.87
N SER A 22 -10.64 -0.24 2.85
CA SER A 22 -11.77 -1.21 3.02
C SER A 22 -11.57 -2.39 2.06
N ALA A 23 -12.25 -3.48 2.40
CA ALA A 23 -12.19 -4.75 1.60
C ALA A 23 -13.41 -5.59 1.96
N SER A 24 -13.95 -6.30 0.96
CA SER A 24 -15.16 -7.18 1.14
C SER A 24 -15.21 -8.22 0.02
N GLY A 25 -15.75 -9.40 0.34
CA GLY A 25 -15.87 -10.53 -0.65
C GLY A 25 -14.52 -11.16 -0.96
N PHE A 26 -14.15 -12.14 -0.15
CA PHE A 26 -12.85 -12.90 -0.28
C PHE A 26 -13.07 -14.28 0.37
N ALA A 27 -12.34 -15.29 -0.12
CA ALA A 27 -12.43 -16.70 0.41
C ALA A 27 -11.20 -17.54 0.04
N THR A 28 -10.48 -17.09 -1.00
CA THR A 28 -9.23 -17.82 -1.49
C THR A 28 -8.06 -17.47 -0.56
N SER A 29 -7.93 -16.18 -0.25
CA SER A 29 -6.84 -15.66 0.65
C SER A 29 -7.15 -16.07 2.11
N THR A 30 -6.11 -16.40 2.88
CA THR A 30 -6.21 -16.85 4.35
C THR A 30 -5.52 -15.85 5.30
N SER A 31 -5.17 -14.67 4.77
CA SER A 31 -4.47 -13.57 5.55
C SER A 31 -4.53 -12.27 4.72
N ALA A 32 -4.24 -11.11 5.34
CA ALA A 32 -4.26 -9.78 4.61
C ALA A 32 -3.45 -8.72 5.35
N THR A 33 -2.67 -7.96 4.54
CA THR A 33 -1.76 -6.84 5.00
C THR A 33 -2.09 -5.66 4.08
N ALA A 34 -1.45 -4.51 4.32
CA ALA A 34 -1.67 -3.27 3.48
C ALA A 34 -0.49 -2.30 3.68
N LEU A 35 0.23 -2.02 2.58
CA LEU A 35 1.43 -1.09 2.59
C LEU A 35 1.73 -0.56 1.17
N GLN A 36 2.01 0.74 1.10
CA GLN A 36 2.33 1.45 -0.20
C GLN A 36 3.81 1.21 -0.51
N CYS A 37 4.17 1.23 -1.80
CA CYS A 37 5.62 1.01 -2.27
C CYS A 37 5.89 1.88 -3.50
N ALA A 38 7.12 2.44 -3.54
CA ALA A 38 7.59 3.36 -4.66
C ALA A 38 8.31 2.59 -5.77
N ILE A 39 7.75 2.65 -6.99
CA ILE A 39 8.33 1.96 -8.20
C ILE A 39 9.47 2.87 -8.65
N LEU A 40 10.57 2.25 -9.13
CA LEU A 40 11.81 2.97 -9.63
C LEU A 40 12.13 2.33 -11.01
N ALA A 41 13.24 2.73 -11.63
CA ALA A 41 13.66 2.18 -12.98
C ALA A 41 13.98 0.69 -12.92
N ASP A 42 14.69 0.31 -11.86
CA ASP A 42 15.09 -1.14 -11.61
C ASP A 42 13.88 -2.00 -11.16
N GLY A 43 12.86 -1.33 -10.63
CA GLY A 43 11.59 -2.01 -10.15
C GLY A 43 11.71 -2.80 -8.83
N ARG A 44 12.68 -2.43 -7.97
CA ARG A 44 12.88 -3.15 -6.64
C ARG A 44 11.73 -2.73 -5.70
N GLY A 45 11.33 -3.63 -4.83
CA GLY A 45 10.21 -3.37 -3.83
C GLY A 45 10.63 -2.49 -2.64
N ALA A 46 10.80 -1.18 -2.88
CA ALA A 46 11.19 -0.20 -1.80
C ALA A 46 9.91 0.20 -1.07
N CYS A 47 9.69 -0.41 0.12
CA CYS A 47 8.44 -0.12 0.98
C CYS A 47 8.79 0.20 2.44
N ASN A 48 7.98 1.09 3.01
CA ASN A 48 8.15 1.55 4.44
C ASN A 48 7.68 0.47 5.44
N VAL A 49 8.57 0.10 6.34
CA VAL A 49 8.30 -0.95 7.41
C VAL A 49 7.27 -0.52 8.51
N ALA A 50 7.12 0.79 8.73
CA ALA A 50 6.16 1.32 9.79
C ALA A 50 4.64 1.15 9.48
N GLU A 51 4.29 1.01 8.21
CA GLU A 51 2.82 0.85 7.77
C GLU A 51 2.28 -0.59 7.94
N PHE A 52 3.18 -1.57 8.04
CA PHE A 52 2.77 -3.04 8.20
C PHE A 52 2.07 -3.28 9.55
N HIS A 53 1.13 -4.24 9.56
CA HIS A 53 0.33 -4.62 10.81
C HIS A 53 0.03 -6.12 10.84
N ASP A 54 -0.59 -6.63 9.74
CA ASP A 54 -0.98 -8.13 9.58
C ASP A 54 -2.10 -8.58 10.55
N PHE A 55 -3.15 -9.19 9.97
CA PHE A 55 -4.34 -9.70 10.76
C PHE A 55 -5.08 -10.78 9.96
N SER A 56 -5.66 -11.74 10.69
CA SER A 56 -6.44 -12.86 10.05
C SER A 56 -7.79 -12.30 9.60
N LEU A 57 -8.38 -12.88 8.56
CA LEU A 57 -9.74 -12.40 8.05
C LEU A 57 -10.82 -12.99 8.97
N SER A 58 -11.67 -12.08 9.47
CA SER A 58 -12.80 -12.45 10.41
C SER A 58 -13.92 -13.23 9.74
N GLY A 59 -14.20 -12.84 8.53
CA GLY A 59 -15.27 -13.48 7.70
C GLY A 59 -15.27 -12.87 6.31
N GLY A 60 -14.07 -12.83 5.74
CA GLY A 60 -13.85 -12.26 4.37
C GLY A 60 -13.88 -10.72 4.34
N GLU A 61 -13.63 -10.08 5.51
CA GLU A 61 -13.62 -8.56 5.68
C GLU A 61 -12.48 -8.21 6.67
N GLY A 62 -11.98 -6.96 6.59
CA GLY A 62 -10.85 -6.51 7.51
C GLY A 62 -10.44 -5.04 7.27
N THR A 63 -11.25 -4.13 7.79
CA THR A 63 -11.02 -2.64 7.66
C THR A 63 -9.89 -2.20 8.63
N THR A 64 -9.19 -1.10 8.28
CA THR A 64 -8.05 -0.56 9.16
C THR A 64 -7.64 0.90 8.81
N SER A 65 -7.41 1.71 9.87
CA SER A 65 -6.99 3.16 9.75
C SER A 65 -5.47 3.26 9.51
N VAL A 66 -5.10 3.70 8.28
CA VAL A 66 -3.64 3.88 7.83
C VAL A 66 -3.38 5.41 7.73
N VAL A 67 -2.10 5.78 7.95
CA VAL A 67 -1.56 7.21 7.90
C VAL A 67 -0.39 7.12 6.90
N VAL A 68 -0.25 8.16 6.04
CA VAL A 68 0.86 8.23 4.97
C VAL A 68 1.40 9.67 4.76
N ARG A 69 2.73 9.79 4.81
CA ARG A 69 3.51 11.09 4.64
C ARG A 69 3.82 11.26 3.14
N ARG A 70 4.16 12.49 2.73
CA ARG A 70 4.50 12.84 1.29
C ARG A 70 5.80 12.12 0.82
N SER A 71 6.74 11.97 1.78
CA SER A 71 8.09 11.31 1.54
C SER A 71 8.41 10.41 2.73
N PHE A 72 9.20 9.34 2.48
CA PHE A 72 9.59 8.37 3.58
C PHE A 72 10.86 7.59 3.23
N THR A 73 11.61 7.26 4.29
CA THR A 73 12.89 6.49 4.19
C THR A 73 12.57 5.04 3.76
N GLY A 74 12.79 4.79 2.47
CA GLY A 74 12.54 3.43 1.86
C GLY A 74 13.56 2.40 2.36
N TYR A 75 13.13 1.13 2.35
CA TYR A 75 13.97 -0.05 2.81
C TYR A 75 13.81 -1.20 1.79
N VAL A 76 14.95 -1.63 1.23
CA VAL A 76 15.02 -2.75 0.21
C VAL A 76 14.75 -4.07 0.99
N MET A 77 14.10 -5.02 0.32
CA MET A 77 13.75 -6.39 0.92
C MET A 77 14.86 -7.27 1.62
N PRO A 78 16.08 -7.65 1.05
CA PRO A 78 17.07 -8.50 1.80
C PRO A 78 17.70 -7.84 3.08
N ASP A 79 18.45 -6.71 2.93
CA ASP A 79 19.09 -6.00 4.13
C ASP A 79 19.47 -4.54 3.82
N GLY A 80 20.12 -4.30 2.67
CA GLY A 80 20.55 -2.89 2.28
C GLY A 80 21.29 -2.94 0.89
N PRO A 81 21.97 -1.84 0.35
CA PRO A 81 22.16 -0.44 0.93
C PRO A 81 20.87 0.40 0.90
N GLU A 82 20.68 1.22 1.94
CA GLU A 82 19.47 2.11 2.09
C GLU A 82 19.49 3.23 1.00
N VAL A 83 18.32 3.49 0.42
CA VAL A 83 18.13 4.55 -0.67
C VAL A 83 18.02 5.95 -0.05
N GLY A 84 17.37 6.03 1.10
CA GLY A 84 17.15 7.31 1.85
C GLY A 84 15.84 7.94 1.43
N ALA A 85 15.65 9.14 1.92
CA ALA A 85 14.42 9.97 1.64
C ALA A 85 14.23 10.30 0.15
N VAL A 86 13.19 9.68 -0.44
CA VAL A 86 12.77 9.83 -1.89
C VAL A 86 11.25 10.09 -1.94
N ASP A 87 10.86 11.01 -2.82
CA ASP A 87 9.42 11.42 -3.02
C ASP A 87 8.77 10.58 -4.13
N CYS A 88 7.45 10.51 -4.09
CA CYS A 88 6.67 9.73 -5.12
C CYS A 88 6.57 10.48 -6.47
N ASP A 89 6.59 11.81 -6.38
CA ASP A 89 6.50 12.71 -7.59
C ASP A 89 7.72 12.67 -8.54
N THR A 90 8.90 12.36 -8.01
CA THR A 90 10.17 12.30 -8.85
C THR A 90 10.30 10.98 -9.65
N ALA A 91 9.75 9.90 -9.10
CA ALA A 91 9.82 8.54 -9.80
C ALA A 91 8.95 8.51 -11.12
N PRO A 92 9.24 7.70 -12.24
CA PRO A 92 8.37 7.72 -13.48
C PRO A 92 7.01 7.02 -13.28
N GLY A 93 7.04 5.83 -12.67
CA GLY A 93 5.80 5.01 -12.41
C GLY A 93 4.88 5.62 -11.35
N GLY A 94 5.50 6.07 -10.26
CA GLY A 94 4.77 6.71 -9.10
C GLY A 94 4.19 5.67 -8.12
N CYS A 95 3.91 6.14 -6.92
CA CYS A 95 3.33 5.30 -5.81
C CYS A 95 1.88 4.89 -6.07
N GLU A 96 1.54 3.66 -5.61
CA GLU A 96 0.15 3.03 -5.75
C GLU A 96 -0.12 2.18 -4.50
N ILE A 97 -1.36 2.22 -3.98
CA ILE A 97 -1.81 1.43 -2.75
C ILE A 97 -2.07 0.01 -3.32
N VAL A 98 -1.45 -1.02 -2.70
CA VAL A 98 -1.60 -2.49 -3.12
C VAL A 98 -1.95 -3.26 -1.81
N VAL A 99 -2.91 -4.18 -1.96
CA VAL A 99 -3.47 -5.09 -0.87
C VAL A 99 -3.34 -6.49 -1.52
N GLY A 100 -2.98 -7.50 -0.73
CA GLY A 100 -2.83 -8.91 -1.26
C GLY A 100 -2.46 -9.89 -0.14
N GLY A 101 -3.03 -11.11 -0.23
CA GLY A 101 -2.78 -12.21 0.78
C GLY A 101 -1.54 -13.05 0.46
N ASN A 102 -1.52 -14.24 1.05
CA ASN A 102 -0.39 -15.23 0.90
C ASN A 102 -0.37 -15.88 -0.51
N THR A 103 -1.54 -15.88 -1.18
CA THR A 103 -1.69 -16.47 -2.57
C THR A 103 -0.97 -15.60 -3.61
N GLY A 104 -0.96 -14.30 -3.34
CA GLY A 104 -0.29 -13.26 -4.22
C GLY A 104 -1.28 -12.55 -5.16
N GLU A 105 -2.58 -12.74 -4.93
CA GLU A 105 -3.66 -12.09 -5.78
C GLU A 105 -3.69 -10.58 -5.44
N TYR A 106 -3.10 -9.79 -6.34
CA TYR A 106 -3.02 -8.29 -6.19
C TYR A 106 -4.38 -7.58 -6.47
N GLY A 107 -4.39 -6.27 -6.23
CA GLY A 107 -5.60 -5.40 -6.43
C GLY A 107 -5.18 -3.94 -6.27
N ASN A 108 -4.56 -3.43 -7.34
CA ASN A 108 -4.05 -2.01 -7.39
C ASN A 108 -5.19 -0.95 -7.42
N ALA A 109 -4.85 0.27 -6.97
CA ALA A 109 -5.82 1.44 -6.91
C ALA A 109 -5.01 2.75 -6.79
N ALA A 110 -4.86 3.44 -7.93
CA ALA A 110 -4.10 4.76 -8.00
C ALA A 110 -4.79 5.92 -7.27
N ILE A 111 -3.96 6.92 -6.93
CA ILE A 111 -4.35 8.20 -6.20
C ILE A 111 -3.87 9.40 -7.05
N SER A 112 -4.18 10.63 -6.61
CA SER A 112 -3.78 11.90 -7.35
C SER A 112 -3.85 13.10 -6.39
N PHE A 113 -2.71 13.77 -6.21
CA PHE A 113 -2.60 14.98 -5.29
C PHE A 113 -3.30 16.20 -5.92
N GLY A 114 -3.69 17.12 -5.05
CA GLY A 114 -4.39 18.39 -5.47
C GLY A 114 -3.44 19.34 -6.22
N ALA A 1 -13.69 -10.33 -12.45
CA ALA A 1 -13.69 -9.60 -11.16
C ALA A 1 -14.96 -9.90 -10.37
N SER A 2 -14.86 -9.73 -9.05
CA SER A 2 -16.02 -9.99 -8.10
C SER A 2 -15.72 -9.34 -6.76
N ALA A 3 -14.48 -9.48 -6.36
CA ALA A 3 -13.96 -8.90 -5.07
C ALA A 3 -13.90 -7.36 -5.11
N ALA A 4 -14.80 -6.72 -4.36
CA ALA A 4 -14.89 -5.22 -4.29
C ALA A 4 -13.83 -4.65 -3.34
N VAL A 5 -13.04 -3.69 -3.86
CA VAL A 5 -11.93 -2.97 -3.11
C VAL A 5 -12.22 -1.49 -3.42
N SER A 6 -12.07 -0.66 -2.40
CA SER A 6 -12.31 0.83 -2.51
C SER A 6 -11.67 1.56 -1.32
N VAL A 7 -11.14 2.76 -1.63
CA VAL A 7 -10.46 3.69 -0.63
C VAL A 7 -11.32 4.96 -0.72
N SER A 8 -11.50 5.66 0.42
CA SER A 8 -12.33 6.93 0.48
C SER A 8 -11.97 7.74 1.82
N PRO A 9 -11.32 9.00 1.85
CA PRO A 9 -10.73 9.84 0.72
C PRO A 9 -9.56 9.14 0.01
N ALA A 10 -9.43 9.44 -1.30
CA ALA A 10 -8.34 8.86 -2.20
C ALA A 10 -7.72 9.92 -3.13
N THR A 11 -8.31 11.13 -3.15
CA THR A 11 -7.81 12.29 -4.02
C THR A 11 -7.77 13.58 -3.18
N GLY A 12 -6.87 14.47 -3.57
CA GLY A 12 -6.68 15.81 -2.88
C GLY A 12 -6.01 15.65 -1.51
N LEU A 13 -5.17 14.62 -1.40
CA LEU A 13 -4.42 14.30 -0.13
C LEU A 13 -3.28 15.32 0.09
N ALA A 14 -2.94 15.47 1.38
CA ALA A 14 -1.85 16.39 1.90
C ALA A 14 -0.95 15.58 2.84
N ASP A 15 0.02 16.26 3.47
CA ASP A 15 0.99 15.58 4.43
C ASP A 15 0.30 15.05 5.71
N GLY A 16 0.52 13.76 5.99
CA GLY A 16 -0.07 13.07 7.20
C GLY A 16 -1.59 12.87 7.11
N ALA A 17 -2.10 12.75 5.88
CA ALA A 17 -3.57 12.55 5.62
C ALA A 17 -4.04 11.14 6.00
N THR A 18 -5.05 11.08 6.86
CA THR A 18 -5.64 9.79 7.33
C THR A 18 -6.56 9.26 6.22
N VAL A 19 -6.43 7.96 5.92
CA VAL A 19 -7.23 7.23 4.86
C VAL A 19 -7.74 5.90 5.44
N THR A 20 -9.00 5.57 5.09
CA THR A 20 -9.73 4.32 5.54
C THR A 20 -9.85 3.31 4.38
N VAL A 21 -8.98 2.29 4.40
CA VAL A 21 -8.95 1.20 3.35
C VAL A 21 -10.09 0.26 3.74
N SER A 22 -10.70 -0.35 2.72
CA SER A 22 -11.85 -1.33 2.88
C SER A 22 -11.65 -2.51 1.94
N ALA A 23 -12.36 -3.59 2.26
CA ALA A 23 -12.31 -4.86 1.47
C ALA A 23 -13.57 -5.68 1.80
N SER A 24 -14.08 -6.41 0.80
CA SER A 24 -15.31 -7.26 0.98
C SER A 24 -15.37 -8.33 -0.11
N GLY A 25 -15.91 -9.49 0.25
CA GLY A 25 -16.04 -10.66 -0.70
C GLY A 25 -14.67 -11.30 -0.99
N PHE A 26 -14.31 -12.26 -0.13
CA PHE A 26 -13.02 -13.04 -0.22
C PHE A 26 -13.23 -14.39 0.48
N ALA A 27 -12.47 -15.40 0.04
CA ALA A 27 -12.56 -16.81 0.62
C ALA A 27 -11.30 -17.63 0.31
N THR A 28 -10.54 -17.18 -0.69
CA THR A 28 -9.27 -17.90 -1.12
C THR A 28 -8.10 -17.54 -0.18
N SER A 29 -7.86 -16.24 0.01
CA SER A 29 -6.76 -15.73 0.92
C SER A 29 -7.11 -15.98 2.41
N THR A 30 -6.18 -16.58 3.16
CA THR A 30 -6.37 -16.89 4.64
C THR A 30 -6.15 -15.69 5.58
N SER A 31 -5.29 -14.78 5.13
CA SER A 31 -4.91 -13.50 5.87
C SER A 31 -4.47 -12.48 4.82
N ALA A 32 -4.23 -11.22 5.25
CA ALA A 32 -3.79 -10.11 4.32
C ALA A 32 -3.27 -8.91 5.12
N THR A 33 -2.24 -8.24 4.53
CA THR A 33 -1.55 -7.02 5.12
C THR A 33 -1.52 -5.93 4.01
N ALA A 34 -1.91 -4.70 4.39
CA ALA A 34 -1.95 -3.50 3.45
C ALA A 34 -0.60 -2.76 3.48
N LEU A 35 0.16 -2.91 2.37
CA LEU A 35 1.53 -2.26 2.18
C LEU A 35 1.54 -1.38 0.90
N GLN A 36 2.28 -0.25 1.00
CA GLN A 36 2.46 0.77 -0.10
C GLN A 36 3.96 0.66 -0.48
N CYS A 37 4.27 0.76 -1.79
CA CYS A 37 5.70 0.68 -2.30
C CYS A 37 5.90 1.59 -3.54
N ALA A 38 7.05 2.29 -3.56
CA ALA A 38 7.43 3.25 -4.68
C ALA A 38 8.20 2.54 -5.82
N ILE A 39 7.62 2.55 -7.02
CA ILE A 39 8.25 1.89 -8.24
C ILE A 39 9.30 2.90 -8.79
N LEU A 40 10.55 2.43 -8.89
CA LEU A 40 11.73 3.24 -9.40
C LEU A 40 11.92 2.87 -10.89
N ALA A 41 12.94 3.44 -11.53
CA ALA A 41 13.27 3.18 -12.99
C ALA A 41 13.75 1.74 -13.21
N ASP A 42 14.65 1.28 -12.33
CA ASP A 42 15.23 -0.13 -12.39
C ASP A 42 14.19 -1.21 -11.97
N GLY A 43 13.13 -0.78 -11.27
CA GLY A 43 12.03 -1.69 -10.78
C GLY A 43 12.28 -2.42 -9.44
N ARG A 44 13.35 -2.05 -8.71
CA ARG A 44 13.66 -2.71 -7.37
C ARG A 44 12.61 -2.25 -6.34
N GLY A 45 12.13 -3.20 -5.55
CA GLY A 45 11.09 -2.93 -4.49
C GLY A 45 11.57 -2.13 -3.26
N ALA A 46 11.15 -0.85 -3.21
CA ALA A 46 11.48 0.12 -2.09
C ALA A 46 10.18 0.34 -1.32
N CYS A 47 10.10 -0.27 -0.11
CA CYS A 47 8.86 -0.16 0.78
C CYS A 47 9.27 0.12 2.24
N ASN A 48 8.43 0.94 2.89
CA ASN A 48 8.64 1.35 4.33
C ASN A 48 8.05 0.27 5.28
N VAL A 49 8.77 0.01 6.37
CA VAL A 49 8.37 -1.02 7.44
C VAL A 49 7.48 -0.46 8.59
N ALA A 50 7.57 0.84 8.86
CA ALA A 50 6.76 1.49 9.97
C ALA A 50 5.27 1.78 9.66
N GLU A 51 4.92 1.87 8.36
CA GLU A 51 3.49 2.18 7.90
C GLU A 51 2.55 0.92 7.87
N PHE A 52 3.10 -0.24 8.21
CA PHE A 52 2.31 -1.55 8.22
C PHE A 52 1.14 -1.61 9.24
N HIS A 53 0.23 -2.54 8.97
CA HIS A 53 -1.00 -2.81 9.80
C HIS A 53 -1.36 -4.27 9.59
N ASP A 54 -1.52 -4.99 10.72
CA ASP A 54 -1.87 -6.48 10.73
C ASP A 54 -3.34 -6.71 11.12
N PHE A 55 -3.98 -7.63 10.38
CA PHE A 55 -5.42 -8.01 10.60
C PHE A 55 -5.65 -9.39 9.94
N SER A 56 -6.64 -10.12 10.46
CA SER A 56 -7.03 -11.50 9.96
C SER A 56 -8.53 -11.48 9.66
N LEU A 57 -8.94 -12.26 8.66
CA LEU A 57 -10.40 -12.34 8.25
C LEU A 57 -11.14 -13.27 9.21
N SER A 58 -12.44 -12.97 9.39
CA SER A 58 -13.38 -13.74 10.31
C SER A 58 -14.81 -13.71 9.73
N GLY A 59 -14.95 -13.20 8.51
CA GLY A 59 -16.28 -13.11 7.82
C GLY A 59 -16.12 -12.54 6.40
N GLY A 60 -14.91 -12.69 5.85
CA GLY A 60 -14.58 -12.20 4.46
C GLY A 60 -14.39 -10.66 4.36
N GLU A 61 -14.25 -9.97 5.51
CA GLU A 61 -14.06 -8.45 5.59
C GLU A 61 -12.90 -8.17 6.58
N GLY A 62 -12.33 -6.96 6.52
CA GLY A 62 -11.18 -6.58 7.44
C GLY A 62 -10.70 -5.14 7.20
N THR A 63 -11.50 -4.20 7.68
CA THR A 63 -11.20 -2.71 7.55
C THR A 63 -10.08 -2.30 8.53
N THR A 64 -9.33 -1.23 8.18
CA THR A 64 -8.20 -0.71 9.07
C THR A 64 -7.75 0.74 8.69
N SER A 65 -7.52 1.55 9.74
CA SER A 65 -7.05 3.00 9.58
C SER A 65 -5.53 3.07 9.37
N VAL A 66 -5.12 3.52 8.16
CA VAL A 66 -3.66 3.68 7.74
C VAL A 66 -3.39 5.21 7.66
N VAL A 67 -2.11 5.57 7.88
CA VAL A 67 -1.58 7.02 7.87
C VAL A 67 -0.42 6.94 6.85
N VAL A 68 -0.26 8.03 6.05
CA VAL A 68 0.84 8.13 4.98
C VAL A 68 1.49 9.55 4.92
N ARG A 69 2.82 9.56 5.02
CA ARG A 69 3.69 10.82 4.98
C ARG A 69 4.08 11.11 3.51
N ARG A 70 4.40 12.38 3.22
CA ARG A 70 4.80 12.84 1.83
C ARG A 70 6.18 12.26 1.39
N SER A 71 7.04 11.95 2.37
CA SER A 71 8.43 11.38 2.12
C SER A 71 8.74 10.30 3.17
N PHE A 72 9.51 9.28 2.75
CA PHE A 72 9.89 8.13 3.69
C PHE A 72 11.19 7.43 3.24
N THR A 73 11.93 6.98 4.25
CA THR A 73 13.23 6.26 4.07
C THR A 73 12.98 4.85 3.50
N GLY A 74 13.37 4.66 2.23
CA GLY A 74 13.19 3.34 1.53
C GLY A 74 14.20 2.31 2.11
N TYR A 75 13.76 1.04 2.17
CA TYR A 75 14.58 -0.13 2.72
C TYR A 75 14.56 -1.30 1.70
N VAL A 76 15.50 -1.20 0.74
CA VAL A 76 15.68 -2.21 -0.38
C VAL A 76 16.30 -3.52 0.21
N MET A 77 15.41 -4.50 0.51
CA MET A 77 15.75 -5.90 1.11
C MET A 77 16.57 -5.84 2.52
N PRO A 78 16.80 -6.96 3.38
CA PRO A 78 17.60 -6.79 4.68
C PRO A 78 19.12 -6.53 4.47
N ASP A 79 19.59 -6.71 3.24
CA ASP A 79 21.04 -6.51 2.87
C ASP A 79 21.42 -5.04 2.67
N GLY A 80 20.53 -4.24 2.03
CA GLY A 80 20.81 -2.78 1.78
C GLY A 80 21.84 -2.64 0.58
N PRO A 81 22.63 -1.50 0.35
CA PRO A 81 22.66 -0.20 1.11
C PRO A 81 21.36 0.62 1.02
N GLU A 82 21.13 1.43 2.06
CA GLU A 82 19.91 2.32 2.17
C GLU A 82 20.04 3.49 1.14
N VAL A 83 18.92 3.78 0.46
CA VAL A 83 18.83 4.88 -0.59
C VAL A 83 18.66 6.28 0.04
N GLY A 84 17.87 6.34 1.11
CA GLY A 84 17.57 7.59 1.89
C GLY A 84 16.18 8.09 1.50
N ALA A 85 15.88 9.27 1.99
CA ALA A 85 14.56 9.96 1.75
C ALA A 85 14.31 10.32 0.28
N VAL A 86 13.25 9.72 -0.30
CA VAL A 86 12.80 9.92 -1.73
C VAL A 86 11.28 10.26 -1.70
N ASP A 87 10.93 11.30 -2.46
CA ASP A 87 9.51 11.81 -2.58
C ASP A 87 8.77 11.11 -3.73
N CYS A 88 7.52 10.71 -3.46
CA CYS A 88 6.64 10.02 -4.47
C CYS A 88 6.02 11.05 -5.45
N ASP A 89 6.84 11.45 -6.43
CA ASP A 89 6.43 12.46 -7.50
C ASP A 89 7.43 12.40 -8.66
N THR A 90 8.70 12.21 -8.29
CA THR A 90 9.84 12.12 -9.27
C THR A 90 9.92 10.75 -9.95
N ALA A 91 9.29 9.74 -9.33
CA ALA A 91 9.30 8.33 -9.90
C ALA A 91 8.48 8.25 -11.25
N PRO A 92 8.79 7.39 -12.32
CA PRO A 92 7.94 7.38 -13.57
C PRO A 92 6.58 6.69 -13.37
N GLY A 93 6.61 5.51 -12.72
CA GLY A 93 5.36 4.71 -12.46
C GLY A 93 4.48 5.32 -11.38
N GLY A 94 5.12 5.70 -10.27
CA GLY A 94 4.43 6.33 -9.08
C GLY A 94 3.91 5.25 -8.12
N CYS A 95 3.61 5.68 -6.90
CA CYS A 95 3.09 4.76 -5.82
C CYS A 95 1.65 4.30 -6.10
N GLU A 96 1.38 3.07 -5.63
CA GLU A 96 0.03 2.37 -5.79
C GLU A 96 -0.16 1.47 -4.55
N ILE A 97 -1.36 1.54 -3.94
CA ILE A 97 -1.70 0.72 -2.71
C ILE A 97 -2.04 -0.67 -3.30
N VAL A 98 -1.50 -1.73 -2.67
CA VAL A 98 -1.72 -3.18 -3.08
C VAL A 98 -2.13 -3.91 -1.77
N VAL A 99 -3.17 -4.73 -1.91
CA VAL A 99 -3.79 -5.57 -0.80
C VAL A 99 -3.83 -6.99 -1.45
N GLY A 100 -3.33 -7.99 -0.74
CA GLY A 100 -3.33 -9.40 -1.28
C GLY A 100 -2.69 -10.36 -0.28
N GLY A 101 -3.13 -11.61 -0.36
CA GLY A 101 -2.63 -12.72 0.54
C GLY A 101 -1.38 -13.38 -0.01
N ASN A 102 -1.12 -14.57 0.55
CA ASN A 102 0.06 -15.42 0.17
C ASN A 102 -0.21 -16.32 -1.05
N THR A 103 -1.47 -16.34 -1.52
CA THR A 103 -1.88 -17.18 -2.71
C THR A 103 -1.28 -16.64 -4.02
N GLY A 104 -1.72 -15.46 -4.49
CA GLY A 104 -1.17 -14.89 -5.79
C GLY A 104 -1.93 -13.67 -6.29
N GLU A 105 -3.19 -13.55 -5.87
CA GLU A 105 -4.09 -12.39 -6.28
C GLU A 105 -3.61 -11.04 -5.70
N TYR A 106 -3.91 -9.94 -6.44
CA TYR A 106 -3.53 -8.51 -6.05
C TYR A 106 -4.73 -7.58 -6.29
N GLY A 107 -4.84 -6.55 -5.45
CA GLY A 107 -5.95 -5.52 -5.52
C GLY A 107 -5.73 -4.44 -6.59
N ASN A 108 -4.67 -3.64 -6.39
CA ASN A 108 -4.23 -2.49 -7.30
C ASN A 108 -5.27 -1.31 -7.33
N ALA A 109 -4.84 -0.13 -6.84
CA ALA A 109 -5.73 1.12 -6.79
C ALA A 109 -4.86 2.40 -6.62
N ALA A 110 -4.75 3.16 -7.72
CA ALA A 110 -3.95 4.44 -7.75
C ALA A 110 -4.63 5.58 -6.98
N ILE A 111 -3.79 6.53 -6.53
CA ILE A 111 -4.19 7.79 -5.74
C ILE A 111 -3.77 9.04 -6.58
N SER A 112 -4.25 10.25 -6.19
CA SER A 112 -3.94 11.56 -6.89
C SER A 112 -3.67 12.63 -5.83
N PHE A 113 -3.16 13.78 -6.32
CA PHE A 113 -2.81 14.99 -5.48
C PHE A 113 -3.41 16.25 -6.14
N GLY A 114 -3.78 17.21 -5.28
CA GLY A 114 -4.40 18.51 -5.75
C GLY A 114 -3.36 19.39 -6.47
N ALA A 1 -14.62 -11.49 -11.23
CA ALA A 1 -14.76 -12.08 -9.87
C ALA A 1 -15.68 -11.22 -9.01
N SER A 2 -16.16 -11.82 -7.92
CA SER A 2 -17.09 -11.14 -6.94
C SER A 2 -16.40 -10.13 -6.01
N ALA A 3 -15.07 -10.16 -5.99
CA ALA A 3 -14.22 -9.25 -5.13
C ALA A 3 -14.30 -7.78 -5.57
N ALA A 4 -13.99 -6.90 -4.61
CA ALA A 4 -13.99 -5.41 -4.84
C ALA A 4 -13.16 -4.71 -3.76
N VAL A 5 -12.28 -3.79 -4.22
CA VAL A 5 -11.34 -2.97 -3.34
C VAL A 5 -11.85 -1.54 -3.54
N SER A 6 -11.77 -0.75 -2.47
CA SER A 6 -12.21 0.70 -2.49
C SER A 6 -11.57 1.46 -1.33
N VAL A 7 -11.27 2.74 -1.60
CA VAL A 7 -10.62 3.71 -0.62
C VAL A 7 -11.58 4.93 -0.67
N SER A 8 -11.72 5.64 0.45
CA SER A 8 -12.64 6.85 0.55
C SER A 8 -12.19 7.76 1.79
N PRO A 9 -11.55 9.04 1.68
CA PRO A 9 -11.07 9.81 0.42
C PRO A 9 -9.99 9.06 -0.37
N ALA A 10 -9.80 9.47 -1.65
CA ALA A 10 -8.76 8.84 -2.58
C ALA A 10 -8.09 9.88 -3.52
N THR A 11 -8.59 11.12 -3.49
CA THR A 11 -8.05 12.26 -4.35
C THR A 11 -7.97 13.55 -3.52
N GLY A 12 -7.05 14.43 -3.93
CA GLY A 12 -6.83 15.76 -3.24
C GLY A 12 -6.16 15.62 -1.87
N LEU A 13 -5.34 14.57 -1.72
CA LEU A 13 -4.60 14.28 -0.44
C LEU A 13 -3.46 15.31 -0.25
N ALA A 14 -3.09 15.53 1.04
CA ALA A 14 -1.99 16.49 1.49
C ALA A 14 -1.01 15.76 2.43
N ASP A 15 -0.05 16.51 2.96
CA ASP A 15 0.99 15.95 3.90
C ASP A 15 0.39 15.49 5.24
N GLY A 16 0.76 14.27 5.66
CA GLY A 16 0.26 13.67 6.96
C GLY A 16 -1.22 13.28 6.90
N ALA A 17 -1.67 12.92 5.70
CA ALA A 17 -3.10 12.50 5.46
C ALA A 17 -3.42 11.13 6.07
N THR A 18 -4.66 10.98 6.54
CA THR A 18 -5.21 9.72 7.17
C THR A 18 -6.31 9.23 6.22
N VAL A 19 -6.18 7.96 5.79
CA VAL A 19 -7.16 7.28 4.84
C VAL A 19 -7.73 5.99 5.47
N THR A 20 -8.96 5.65 5.06
CA THR A 20 -9.73 4.44 5.54
C THR A 20 -9.84 3.45 4.36
N VAL A 21 -8.97 2.43 4.40
CA VAL A 21 -8.91 1.36 3.33
C VAL A 21 -10.07 0.40 3.68
N SER A 22 -10.68 -0.16 2.63
CA SER A 22 -11.84 -1.13 2.73
C SER A 22 -11.59 -2.32 1.80
N ALA A 23 -12.30 -3.40 2.09
CA ALA A 23 -12.22 -4.68 1.31
C ALA A 23 -13.47 -5.49 1.58
N SER A 24 -13.90 -6.26 0.56
CA SER A 24 -15.13 -7.13 0.67
C SER A 24 -15.03 -8.27 -0.35
N GLY A 25 -15.56 -9.44 0.05
CA GLY A 25 -15.55 -10.67 -0.82
C GLY A 25 -14.14 -11.25 -0.96
N PHE A 26 -13.79 -12.11 -0.02
CA PHE A 26 -12.44 -12.80 0.03
C PHE A 26 -12.61 -14.12 0.80
N ALA A 27 -11.80 -15.12 0.43
CA ALA A 27 -11.83 -16.49 1.08
C ALA A 27 -10.55 -17.29 0.75
N THR A 28 -9.84 -16.88 -0.30
CA THR A 28 -8.57 -17.57 -0.74
C THR A 28 -7.39 -17.14 0.13
N SER A 29 -7.32 -15.84 0.44
CA SER A 29 -6.21 -15.27 1.31
C SER A 29 -6.33 -15.80 2.75
N THR A 30 -5.17 -16.06 3.36
CA THR A 30 -5.09 -16.60 4.79
C THR A 30 -5.27 -15.51 5.87
N SER A 31 -4.93 -14.28 5.50
CA SER A 31 -5.03 -13.08 6.42
C SER A 31 -4.79 -11.81 5.60
N ALA A 32 -5.65 -10.81 5.81
CA ALA A 32 -5.52 -9.49 5.07
C ALA A 32 -4.36 -8.65 5.60
N THR A 33 -3.65 -8.01 4.65
CA THR A 33 -2.44 -7.12 4.93
C THR A 33 -2.59 -5.93 3.99
N ALA A 34 -1.77 -4.90 4.19
CA ALA A 34 -1.82 -3.67 3.31
C ALA A 34 -0.52 -2.85 3.47
N LEU A 35 0.11 -2.57 2.31
CA LEU A 35 1.40 -1.76 2.25
C LEU A 35 1.61 -1.18 0.84
N GLN A 36 2.19 0.04 0.79
CA GLN A 36 2.50 0.81 -0.49
C GLN A 36 3.99 0.72 -0.78
N CYS A 37 4.36 0.74 -2.07
CA CYS A 37 5.82 0.64 -2.54
C CYS A 37 6.04 1.61 -3.73
N ALA A 38 7.22 2.27 -3.71
CA ALA A 38 7.63 3.27 -4.78
C ALA A 38 8.36 2.61 -5.96
N ILE A 39 7.75 2.71 -7.16
CA ILE A 39 8.35 2.13 -8.44
C ILE A 39 9.40 3.16 -8.87
N LEU A 40 10.53 2.63 -9.39
CA LEU A 40 11.70 3.47 -9.89
C LEU A 40 11.98 2.95 -11.31
N ALA A 41 13.04 3.48 -11.95
CA ALA A 41 13.43 3.08 -13.36
C ALA A 41 13.88 1.61 -13.43
N ASP A 42 14.69 1.23 -12.45
CA ASP A 42 15.24 -0.18 -12.34
C ASP A 42 14.15 -1.18 -11.85
N GLY A 43 13.11 -0.62 -11.19
CA GLY A 43 11.97 -1.43 -10.65
C GLY A 43 12.27 -2.27 -9.39
N ARG A 44 13.29 -1.88 -8.61
CA ARG A 44 13.67 -2.64 -7.34
C ARG A 44 12.59 -2.34 -6.28
N GLY A 45 12.24 -3.35 -5.50
CA GLY A 45 11.20 -3.22 -4.41
C GLY A 45 11.63 -2.34 -3.22
N ALA A 46 11.28 -1.05 -3.31
CA ALA A 46 11.59 0.00 -2.24
C ALA A 46 10.27 0.26 -1.50
N CYS A 47 10.14 -0.35 -0.29
CA CYS A 47 8.89 -0.19 0.57
C CYS A 47 9.29 -0.02 2.04
N ASN A 48 8.38 0.64 2.78
CA ASN A 48 8.55 0.92 4.26
C ASN A 48 7.72 -0.13 5.04
N VAL A 49 8.45 -1.07 5.66
CA VAL A 49 7.86 -2.20 6.49
C VAL A 49 7.15 -1.75 7.80
N ALA A 50 7.41 -0.55 8.27
CA ALA A 50 6.79 -0.02 9.55
C ALA A 50 5.27 0.28 9.51
N GLU A 51 4.67 0.42 8.31
CA GLU A 51 3.16 0.73 8.14
C GLU A 51 2.25 -0.53 8.13
N PHE A 52 2.83 -1.69 8.44
CA PHE A 52 2.05 -3.01 8.47
C PHE A 52 1.03 -3.12 9.63
N HIS A 53 0.19 -4.17 9.55
CA HIS A 53 -0.88 -4.48 10.57
C HIS A 53 -0.90 -5.99 10.83
N ASP A 54 -1.17 -6.78 9.78
CA ASP A 54 -1.25 -8.31 9.81
C ASP A 54 -2.21 -8.90 10.89
N PHE A 55 -3.44 -9.24 10.48
CA PHE A 55 -4.51 -9.84 11.40
C PHE A 55 -5.51 -10.64 10.55
N SER A 56 -6.12 -11.64 11.19
CA SER A 56 -7.14 -12.54 10.53
C SER A 56 -8.40 -11.84 10.01
N LEU A 57 -9.05 -12.50 9.05
CA LEU A 57 -10.32 -11.98 8.42
C LEU A 57 -11.50 -12.26 9.37
N SER A 58 -12.46 -11.34 9.39
CA SER A 58 -13.70 -11.45 10.25
C SER A 58 -14.64 -12.54 9.75
N GLY A 59 -14.64 -12.68 8.45
CA GLY A 59 -15.48 -13.69 7.73
C GLY A 59 -15.17 -13.58 6.24
N GLY A 60 -14.95 -12.34 5.81
CA GLY A 60 -14.62 -12.04 4.38
C GLY A 60 -14.46 -10.52 4.18
N GLU A 61 -14.11 -9.81 5.27
CA GLU A 61 -13.90 -8.28 5.29
C GLU A 61 -12.73 -8.01 6.26
N GLY A 62 -12.11 -6.83 6.14
CA GLY A 62 -10.96 -6.47 7.04
C GLY A 62 -10.49 -5.01 6.83
N THR A 63 -11.28 -4.09 7.38
CA THR A 63 -11.01 -2.60 7.29
C THR A 63 -9.85 -2.24 8.23
N THR A 64 -9.05 -1.23 7.84
CA THR A 64 -7.87 -0.76 8.69
C THR A 64 -7.39 0.67 8.32
N SER A 65 -7.14 1.46 9.38
CA SER A 65 -6.67 2.90 9.25
C SER A 65 -5.13 2.98 9.14
N VAL A 66 -4.65 3.43 7.97
CA VAL A 66 -3.17 3.60 7.64
C VAL A 66 -2.91 5.13 7.63
N VAL A 67 -1.67 5.49 8.01
CA VAL A 67 -1.16 6.94 8.08
C VAL A 67 0.03 6.98 7.10
N VAL A 68 0.18 8.11 6.37
CA VAL A 68 1.32 8.30 5.36
C VAL A 68 1.75 9.78 5.22
N ARG A 69 3.07 9.96 5.21
CA ARG A 69 3.78 11.30 5.08
C ARG A 69 3.99 11.52 3.55
N ARG A 70 4.34 12.74 3.14
CA ARG A 70 4.58 13.08 1.66
C ARG A 70 5.82 12.33 1.10
N SER A 71 6.78 12.02 1.99
CA SER A 71 8.08 11.28 1.66
C SER A 71 8.42 10.35 2.82
N PHE A 72 9.11 9.23 2.51
CA PHE A 72 9.51 8.21 3.57
C PHE A 72 10.76 7.44 3.16
N THR A 73 11.54 7.08 4.19
CA THR A 73 12.82 6.32 4.05
C THR A 73 12.58 4.88 3.53
N GLY A 74 12.99 4.67 2.27
CA GLY A 74 12.85 3.33 1.59
C GLY A 74 13.89 2.35 2.18
N TYR A 75 13.54 1.04 2.18
CA TYR A 75 14.43 -0.08 2.72
C TYR A 75 14.46 -1.26 1.71
N VAL A 76 15.45 -1.19 0.80
CA VAL A 76 15.66 -2.24 -0.28
C VAL A 76 16.25 -3.50 0.37
N MET A 77 15.43 -4.59 0.44
CA MET A 77 15.78 -5.99 1.05
C MET A 77 16.48 -5.98 2.53
N PRO A 78 16.71 -7.16 3.30
CA PRO A 78 17.38 -7.07 4.66
C PRO A 78 18.90 -6.71 4.61
N ASP A 79 19.49 -6.82 3.41
CA ASP A 79 20.95 -6.53 3.19
C ASP A 79 21.30 -5.04 3.08
N GLY A 80 20.45 -4.25 2.39
CA GLY A 80 20.71 -2.76 2.22
C GLY A 80 21.83 -2.57 1.10
N PRO A 81 22.58 -1.39 0.95
CA PRO A 81 22.48 -0.08 1.74
C PRO A 81 21.16 0.68 1.54
N GLU A 82 20.86 1.50 2.54
CA GLU A 82 19.61 2.36 2.54
C GLU A 82 19.73 3.48 1.48
N VAL A 83 18.63 3.74 0.76
CA VAL A 83 18.55 4.80 -0.34
C VAL A 83 18.36 6.22 0.23
N GLY A 84 17.52 6.33 1.25
CA GLY A 84 17.19 7.63 1.95
C GLY A 84 15.81 8.11 1.52
N ALA A 85 15.48 9.29 1.99
CA ALA A 85 14.17 9.97 1.71
C ALA A 85 13.96 10.32 0.21
N VAL A 86 12.93 9.68 -0.37
CA VAL A 86 12.53 9.88 -1.84
C VAL A 86 10.99 10.12 -1.88
N ASP A 87 10.61 11.07 -2.74
CA ASP A 87 9.16 11.48 -2.96
C ASP A 87 8.52 10.66 -4.08
N CYS A 88 7.21 10.48 -3.99
CA CYS A 88 6.43 9.71 -5.02
C CYS A 88 6.24 10.51 -6.33
N ASP A 89 6.23 11.84 -6.20
CA ASP A 89 6.06 12.78 -7.36
C ASP A 89 7.21 12.83 -8.37
N THR A 90 8.44 12.56 -7.92
CA THR A 90 9.66 12.58 -8.82
C THR A 90 9.80 11.30 -9.66
N ALA A 91 9.32 10.17 -9.11
CA ALA A 91 9.40 8.83 -9.85
C ALA A 91 8.44 8.81 -11.12
N PRO A 92 8.67 8.01 -12.26
CA PRO A 92 7.72 8.04 -13.43
C PRO A 92 6.37 7.33 -13.14
N GLY A 93 6.46 6.11 -12.59
CA GLY A 93 5.23 5.29 -12.25
C GLY A 93 4.47 5.85 -11.04
N GLY A 94 5.24 6.15 -9.99
CA GLY A 94 4.69 6.72 -8.70
C GLY A 94 4.11 5.62 -7.78
N CYS A 95 3.87 6.03 -6.54
CA CYS A 95 3.31 5.14 -5.47
C CYS A 95 1.84 4.77 -5.72
N GLU A 96 1.47 3.58 -5.22
CA GLU A 96 0.06 3.00 -5.34
C GLU A 96 -0.16 1.96 -4.22
N ILE A 97 -1.40 1.90 -3.74
CA ILE A 97 -1.84 0.96 -2.64
C ILE A 97 -2.05 -0.44 -3.28
N VAL A 98 -1.45 -1.47 -2.65
CA VAL A 98 -1.51 -2.93 -3.06
C VAL A 98 -2.06 -3.65 -1.81
N VAL A 99 -3.08 -4.50 -2.04
CA VAL A 99 -3.81 -5.33 -0.96
C VAL A 99 -3.82 -6.75 -1.57
N GLY A 100 -3.64 -7.77 -0.72
CA GLY A 100 -3.64 -9.20 -1.20
C GLY A 100 -3.28 -10.17 -0.07
N GLY A 101 -2.73 -11.31 -0.48
CA GLY A 101 -2.30 -12.39 0.46
C GLY A 101 -1.38 -13.35 -0.30
N ASN A 102 -1.12 -14.50 0.31
CA ASN A 102 -0.24 -15.56 -0.28
C ASN A 102 -0.81 -16.31 -1.52
N THR A 103 -2.16 -16.27 -1.70
CA THR A 103 -2.88 -16.96 -2.87
C THR A 103 -3.91 -16.01 -3.53
N GLY A 104 -4.34 -15.01 -2.79
CA GLY A 104 -5.37 -13.99 -3.29
C GLY A 104 -4.90 -13.06 -4.43
N GLU A 105 -3.59 -12.99 -4.69
CA GLU A 105 -2.95 -12.11 -5.78
C GLU A 105 -3.08 -10.58 -5.49
N TYR A 106 -2.35 -9.77 -6.26
CA TYR A 106 -2.35 -8.26 -6.12
C TYR A 106 -3.68 -7.61 -6.56
N GLY A 107 -3.84 -6.34 -6.16
CA GLY A 107 -5.05 -5.50 -6.48
C GLY A 107 -4.64 -4.01 -6.40
N ASN A 108 -4.22 -3.51 -7.56
CA ASN A 108 -3.77 -2.08 -7.71
C ASN A 108 -4.90 -1.04 -7.52
N ALA A 109 -4.52 0.14 -7.02
CA ALA A 109 -5.48 1.30 -6.77
C ALA A 109 -4.65 2.61 -6.65
N ALA A 110 -4.52 3.29 -7.78
CA ALA A 110 -3.75 4.60 -7.88
C ALA A 110 -4.46 5.76 -7.17
N ILE A 111 -3.62 6.74 -6.75
CA ILE A 111 -4.04 8.03 -6.01
C ILE A 111 -3.55 9.23 -6.88
N SER A 112 -3.97 10.48 -6.53
CA SER A 112 -3.56 11.73 -7.31
C SER A 112 -3.68 12.98 -6.42
N PHE A 113 -2.53 13.65 -6.19
CA PHE A 113 -2.47 14.90 -5.35
C PHE A 113 -3.13 16.09 -6.06
N GLY A 114 -3.61 17.03 -5.27
CA GLY A 114 -4.29 18.25 -5.82
C GLY A 114 -4.74 19.16 -4.67
N ALA A 1 -12.04 -12.10 -11.88
CA ALA A 1 -11.96 -11.68 -10.47
C ALA A 1 -13.34 -11.26 -9.97
N SER A 2 -13.47 -11.21 -8.65
CA SER A 2 -14.75 -10.82 -7.94
C SER A 2 -14.41 -10.58 -6.46
N ALA A 3 -14.10 -9.32 -6.16
CA ALA A 3 -13.74 -8.85 -4.77
C ALA A 3 -13.82 -7.33 -4.72
N ALA A 4 -14.67 -6.81 -3.82
CA ALA A 4 -14.87 -5.32 -3.66
C ALA A 4 -13.76 -4.68 -2.83
N VAL A 5 -13.14 -3.63 -3.41
CA VAL A 5 -12.00 -2.82 -2.79
C VAL A 5 -12.49 -1.38 -3.05
N SER A 6 -12.30 -0.52 -2.04
CA SER A 6 -12.71 0.94 -2.11
C SER A 6 -12.03 1.75 -1.00
N VAL A 7 -11.69 3.00 -1.35
CA VAL A 7 -11.02 4.02 -0.44
C VAL A 7 -11.95 5.23 -0.57
N SER A 8 -12.07 6.02 0.52
CA SER A 8 -12.97 7.26 0.54
C SER A 8 -12.49 8.26 1.68
N PRO A 9 -11.84 9.51 1.46
CA PRO A 9 -11.39 10.16 0.15
C PRO A 9 -10.29 9.35 -0.57
N ALA A 10 -10.08 9.63 -1.87
CA ALA A 10 -9.03 8.92 -2.75
C ALA A 10 -8.29 9.88 -3.68
N THR A 11 -8.75 11.14 -3.76
CA THR A 11 -8.14 12.21 -4.64
C THR A 11 -8.07 13.52 -3.84
N GLY A 12 -7.13 14.38 -4.23
CA GLY A 12 -6.91 15.72 -3.56
C GLY A 12 -6.27 15.57 -2.18
N LEU A 13 -5.45 14.52 -2.05
CA LEU A 13 -4.73 14.21 -0.76
C LEU A 13 -3.54 15.19 -0.60
N ALA A 14 -3.17 15.40 0.69
CA ALA A 14 -2.02 16.31 1.12
C ALA A 14 -1.06 15.56 2.04
N ASP A 15 -0.07 16.27 2.57
CA ASP A 15 0.96 15.68 3.50
C ASP A 15 0.35 15.24 4.86
N GLY A 16 0.61 13.98 5.23
CA GLY A 16 0.10 13.38 6.53
C GLY A 16 -1.42 13.16 6.52
N ALA A 17 -1.97 12.92 5.33
CA ALA A 17 -3.45 12.68 5.16
C ALA A 17 -3.89 11.31 5.70
N THR A 18 -4.90 11.34 6.58
CA THR A 18 -5.49 10.10 7.21
C THR A 18 -6.59 9.63 6.26
N VAL A 19 -6.57 8.34 5.91
CA VAL A 19 -7.59 7.70 4.98
C VAL A 19 -8.10 6.36 5.55
N THR A 20 -9.37 6.06 5.25
CA THR A 20 -10.09 4.81 5.70
C THR A 20 -10.17 3.79 4.53
N VAL A 21 -9.22 2.85 4.54
CA VAL A 21 -9.13 1.76 3.47
C VAL A 21 -10.21 0.73 3.89
N SER A 22 -10.81 0.07 2.90
CA SER A 22 -11.87 -0.99 3.10
C SER A 22 -11.59 -2.22 2.25
N ALA A 23 -12.23 -3.32 2.64
CA ALA A 23 -12.10 -4.64 1.94
C ALA A 23 -13.30 -5.50 2.33
N SER A 24 -13.84 -6.23 1.35
CA SER A 24 -15.04 -7.13 1.57
C SER A 24 -15.09 -8.18 0.47
N GLY A 25 -15.50 -9.41 0.86
CA GLY A 25 -15.62 -10.56 -0.11
C GLY A 25 -14.23 -11.04 -0.58
N PHE A 26 -13.74 -12.10 0.08
CA PHE A 26 -12.40 -12.72 -0.23
C PHE A 26 -12.43 -14.18 0.21
N ALA A 27 -11.61 -15.01 -0.46
CA ALA A 27 -11.51 -16.49 -0.18
C ALA A 27 -10.16 -17.06 -0.68
N THR A 28 -9.48 -16.31 -1.56
CA THR A 28 -8.15 -16.75 -2.13
C THR A 28 -7.04 -16.47 -1.10
N SER A 29 -6.86 -15.20 -0.71
CA SER A 29 -5.80 -14.80 0.29
C SER A 29 -6.21 -15.28 1.70
N THR A 30 -5.36 -16.13 2.30
CA THR A 30 -5.60 -16.71 3.70
C THR A 30 -5.21 -15.73 4.82
N SER A 31 -4.49 -14.67 4.45
CA SER A 31 -4.02 -13.61 5.41
C SER A 31 -3.51 -12.42 4.59
N ALA A 32 -3.67 -11.20 5.15
CA ALA A 32 -3.23 -9.91 4.49
C ALA A 32 -2.64 -8.96 5.54
N THR A 33 -1.96 -7.94 5.01
CA THR A 33 -1.28 -6.85 5.77
C THR A 33 -1.16 -5.71 4.73
N ALA A 34 -1.95 -4.69 4.90
CA ALA A 34 -1.96 -3.49 3.97
C ALA A 34 -0.70 -2.61 4.08
N LEU A 35 -0.10 -2.30 2.91
CA LEU A 35 1.15 -1.43 2.83
C LEU A 35 1.34 -0.86 1.40
N GLN A 36 1.84 0.38 1.35
CA GLN A 36 2.12 1.15 0.08
C GLN A 36 3.61 0.98 -0.22
N CYS A 37 3.96 0.95 -1.52
CA CYS A 37 5.40 0.80 -2.00
C CYS A 37 5.63 1.70 -3.23
N ALA A 38 6.86 2.24 -3.33
CA ALA A 38 7.30 3.16 -4.45
C ALA A 38 8.04 2.39 -5.56
N ILE A 39 7.48 2.41 -6.77
CA ILE A 39 8.08 1.71 -7.98
C ILE A 39 9.19 2.68 -8.44
N LEU A 40 10.34 2.09 -8.84
CA LEU A 40 11.57 2.84 -9.33
C LEU A 40 11.93 2.24 -10.71
N ALA A 41 13.02 2.70 -11.32
CA ALA A 41 13.49 2.20 -12.67
C ALA A 41 13.88 0.71 -12.64
N ASP A 42 14.58 0.35 -11.57
CA ASP A 42 15.06 -1.07 -11.34
C ASP A 42 13.90 -1.99 -10.86
N GLY A 43 12.83 -1.37 -10.35
CA GLY A 43 11.61 -2.11 -9.84
C GLY A 43 11.79 -2.88 -8.53
N ARG A 44 12.79 -2.51 -7.70
CA ARG A 44 13.04 -3.22 -6.37
C ARG A 44 11.92 -2.79 -5.40
N GLY A 45 11.48 -3.71 -4.56
CA GLY A 45 10.39 -3.45 -3.56
C GLY A 45 10.82 -2.55 -2.39
N ALA A 46 10.69 -1.22 -2.60
CA ALA A 46 11.06 -0.16 -1.57
C ALA A 46 9.77 0.23 -0.82
N CYS A 47 9.54 -0.47 0.31
CA CYS A 47 8.32 -0.25 1.21
C CYS A 47 8.75 -0.06 2.68
N ASN A 48 7.97 0.78 3.37
CA ASN A 48 8.21 1.12 4.83
C ASN A 48 7.55 0.08 5.76
N VAL A 49 8.35 -0.48 6.67
CA VAL A 49 7.87 -1.52 7.68
C VAL A 49 6.95 -0.96 8.80
N ALA A 50 7.04 0.34 9.09
CA ALA A 50 6.18 0.99 10.18
C ALA A 50 4.68 1.17 9.85
N GLU A 51 4.32 1.08 8.57
CA GLU A 51 2.86 1.24 8.08
C GLU A 51 1.99 -0.07 8.21
N PHE A 52 2.56 -1.12 8.83
CA PHE A 52 1.82 -2.46 9.03
C PHE A 52 0.58 -2.27 9.97
N HIS A 53 -0.49 -3.05 9.72
CA HIS A 53 -1.77 -2.97 10.56
C HIS A 53 -2.59 -4.29 10.63
N ASP A 54 -3.14 -4.77 9.47
CA ASP A 54 -3.97 -6.05 9.45
C ASP A 54 -3.20 -7.34 9.75
N PHE A 55 -4.00 -8.35 10.15
CA PHE A 55 -3.58 -9.74 10.51
C PHE A 55 -4.61 -10.69 9.84
N SER A 56 -4.78 -11.92 10.33
CA SER A 56 -5.77 -12.91 9.75
C SER A 56 -7.21 -12.37 9.61
N LEU A 57 -7.90 -12.79 8.53
CA LEU A 57 -9.32 -12.36 8.24
C LEU A 57 -10.30 -13.18 9.11
N SER A 58 -11.23 -12.44 9.72
CA SER A 58 -12.29 -13.03 10.63
C SER A 58 -13.40 -13.73 9.86
N GLY A 59 -13.68 -13.22 8.70
CA GLY A 59 -14.76 -13.78 7.81
C GLY A 59 -14.78 -13.06 6.47
N GLY A 60 -13.60 -12.92 5.88
CA GLY A 60 -13.42 -12.24 4.56
C GLY A 60 -13.60 -10.71 4.60
N GLU A 61 -13.31 -10.10 5.77
CA GLU A 61 -13.42 -8.58 5.99
C GLU A 61 -12.26 -8.14 6.89
N GLY A 62 -11.84 -6.87 6.78
CA GLY A 62 -10.71 -6.34 7.63
C GLY A 62 -10.41 -4.85 7.35
N THR A 63 -11.24 -3.98 7.91
CA THR A 63 -11.08 -2.48 7.75
C THR A 63 -9.90 -1.98 8.60
N THR A 64 -9.26 -0.87 8.18
CA THR A 64 -8.08 -0.29 8.95
C THR A 64 -7.75 1.18 8.55
N SER A 65 -7.37 1.98 9.57
CA SER A 65 -7.00 3.44 9.41
C SER A 65 -5.47 3.54 9.18
N VAL A 66 -5.08 3.91 7.95
CA VAL A 66 -3.62 4.06 7.50
C VAL A 66 -3.32 5.58 7.40
N VAL A 67 -2.04 5.92 7.67
CA VAL A 67 -1.47 7.34 7.63
C VAL A 67 -0.31 7.24 6.62
N VAL A 68 -0.16 8.27 5.77
CA VAL A 68 0.94 8.34 4.70
C VAL A 68 1.51 9.79 4.53
N ARG A 69 2.84 9.87 4.68
CA ARG A 69 3.65 11.15 4.56
C ARG A 69 4.06 11.32 3.08
N ARG A 70 4.44 12.54 2.69
CA ARG A 70 4.88 12.86 1.28
C ARG A 70 6.24 12.18 0.93
N SER A 71 7.09 12.04 1.95
CA SER A 71 8.47 11.39 1.84
C SER A 71 8.68 10.39 2.96
N PHE A 72 9.44 9.31 2.68
CA PHE A 72 9.72 8.23 3.72
C PHE A 72 10.99 7.44 3.37
N THR A 73 11.67 7.00 4.43
CA THR A 73 12.94 6.21 4.32
C THR A 73 12.59 4.78 3.84
N GLY A 74 12.81 4.56 2.54
CA GLY A 74 12.54 3.22 1.89
C GLY A 74 13.56 2.17 2.35
N TYR A 75 13.14 0.90 2.28
CA TYR A 75 13.99 -0.29 2.69
C TYR A 75 13.77 -1.46 1.71
N VAL A 76 14.88 -1.86 1.06
CA VAL A 76 14.91 -2.98 0.05
C VAL A 76 14.71 -4.28 0.90
N MET A 77 13.81 -5.17 0.44
CA MET A 77 13.47 -6.48 1.16
C MET A 77 14.65 -7.48 1.55
N PRO A 78 15.55 -8.08 0.65
CA PRO A 78 16.65 -9.02 1.13
C PRO A 78 17.59 -8.50 2.27
N ASP A 79 18.30 -7.36 2.09
CA ASP A 79 19.25 -6.81 3.18
C ASP A 79 19.57 -5.32 2.99
N GLY A 80 20.04 -4.94 1.78
CA GLY A 80 20.39 -3.50 1.49
C GLY A 80 20.92 -3.41 0.00
N PRO A 81 21.55 -2.27 -0.52
CA PRO A 81 21.84 -0.93 0.16
C PRO A 81 20.59 -0.08 0.39
N GLU A 82 20.61 0.72 1.47
CA GLU A 82 19.47 1.63 1.85
C GLU A 82 19.47 2.83 0.87
N VAL A 83 18.28 3.15 0.34
CA VAL A 83 18.10 4.31 -0.65
C VAL A 83 18.03 5.67 0.06
N GLY A 84 17.39 5.69 1.23
CA GLY A 84 17.22 6.91 2.06
C GLY A 84 15.95 7.63 1.64
N ALA A 85 15.81 8.82 2.18
CA ALA A 85 14.62 9.70 1.91
C ALA A 85 14.46 10.09 0.42
N VAL A 86 13.40 9.53 -0.20
CA VAL A 86 13.03 9.75 -1.65
C VAL A 86 11.53 10.14 -1.72
N ASP A 87 11.25 11.15 -2.53
CA ASP A 87 9.86 11.68 -2.74
C ASP A 87 9.12 10.77 -3.72
N CYS A 88 7.80 10.76 -3.61
CA CYS A 88 6.91 9.93 -4.49
C CYS A 88 6.69 10.54 -5.89
N ASP A 89 6.74 11.87 -5.96
CA ASP A 89 6.53 12.63 -7.26
C ASP A 89 7.68 12.51 -8.29
N THR A 90 8.88 12.18 -7.83
CA THR A 90 10.09 12.06 -8.76
C THR A 90 10.13 10.72 -9.53
N ALA A 91 9.57 9.66 -8.94
CA ALA A 91 9.56 8.29 -9.61
C ALA A 91 8.68 8.28 -10.95
N PRO A 92 8.93 7.43 -12.04
CA PRO A 92 8.06 7.47 -13.28
C PRO A 92 6.67 6.83 -13.07
N GLY A 93 6.66 5.64 -12.45
CA GLY A 93 5.37 4.88 -12.18
C GLY A 93 4.50 5.54 -11.11
N GLY A 94 5.16 5.97 -10.03
CA GLY A 94 4.47 6.65 -8.86
C GLY A 94 3.89 5.62 -7.88
N CYS A 95 3.64 6.10 -6.66
CA CYS A 95 3.07 5.26 -5.55
C CYS A 95 1.59 4.87 -5.79
N GLU A 96 1.21 3.75 -5.17
CA GLU A 96 -0.20 3.17 -5.26
C GLU A 96 -0.39 2.17 -4.10
N ILE A 97 -1.62 2.11 -3.58
CA ILE A 97 -1.98 1.19 -2.43
C ILE A 97 -2.18 -0.21 -3.08
N VAL A 98 -1.63 -1.24 -2.40
CA VAL A 98 -1.69 -2.71 -2.83
C VAL A 98 -2.06 -3.49 -1.55
N VAL A 99 -3.05 -4.37 -1.71
CA VAL A 99 -3.62 -5.29 -0.62
C VAL A 99 -3.69 -6.67 -1.34
N GLY A 100 -3.35 -7.74 -0.64
CA GLY A 100 -3.38 -9.14 -1.25
C GLY A 100 -3.00 -10.17 -0.19
N GLY A 101 -2.09 -11.08 -0.54
CA GLY A 101 -1.63 -12.15 0.42
C GLY A 101 -0.46 -12.94 -0.15
N ASN A 102 -0.31 -14.14 0.39
CA ASN A 102 0.78 -15.09 -0.02
C ASN A 102 0.58 -15.75 -1.39
N THR A 103 -0.64 -15.67 -1.96
CA THR A 103 -0.94 -16.30 -3.31
C THR A 103 -0.22 -15.53 -4.44
N GLY A 104 -0.70 -14.33 -4.79
CA GLY A 104 -0.06 -13.51 -5.89
C GLY A 104 -1.01 -12.44 -6.45
N GLU A 105 -2.31 -12.66 -6.29
CA GLU A 105 -3.38 -11.70 -6.78
C GLU A 105 -3.32 -10.34 -6.05
N TYR A 106 -2.87 -9.33 -6.82
CA TYR A 106 -2.74 -7.91 -6.33
C TYR A 106 -4.09 -7.20 -6.34
N GLY A 107 -4.22 -6.20 -5.46
CA GLY A 107 -5.48 -5.37 -5.32
C GLY A 107 -5.52 -4.23 -6.35
N ASN A 108 -4.52 -3.35 -6.25
CA ASN A 108 -4.31 -2.13 -7.13
C ASN A 108 -5.43 -1.05 -7.02
N ALA A 109 -5.01 0.17 -6.64
CA ALA A 109 -5.93 1.37 -6.48
C ALA A 109 -5.04 2.63 -6.41
N ALA A 110 -4.91 3.28 -7.57
CA ALA A 110 -4.07 4.53 -7.73
C ALA A 110 -4.68 5.76 -7.04
N ILE A 111 -3.81 6.75 -6.81
CA ILE A 111 -4.13 8.09 -6.14
C ILE A 111 -3.78 9.20 -7.17
N SER A 112 -4.07 10.46 -6.79
CA SER A 112 -3.80 11.67 -7.68
C SER A 112 -3.85 12.95 -6.81
N PHE A 113 -2.71 13.63 -6.68
CA PHE A 113 -2.61 14.90 -5.87
C PHE A 113 -3.35 16.06 -6.56
N GLY A 114 -3.79 17.00 -5.74
CA GLY A 114 -4.53 18.21 -6.25
C GLY A 114 -4.90 19.12 -5.08
N ALA A 1 -20.35 -9.12 -9.31
CA ALA A 1 -19.19 -8.73 -8.47
C ALA A 1 -18.19 -9.88 -8.37
N SER A 2 -16.94 -9.52 -8.07
CA SER A 2 -15.79 -10.48 -7.93
C SER A 2 -14.63 -9.72 -7.23
N ALA A 3 -14.64 -9.81 -5.90
CA ALA A 3 -13.61 -9.15 -4.98
C ALA A 3 -13.52 -7.61 -5.14
N ALA A 4 -14.47 -6.93 -4.51
CA ALA A 4 -14.55 -5.43 -4.55
C ALA A 4 -13.57 -4.80 -3.56
N VAL A 5 -12.80 -3.83 -4.07
CA VAL A 5 -11.74 -3.05 -3.30
C VAL A 5 -12.10 -1.59 -3.59
N SER A 6 -12.02 -0.76 -2.56
CA SER A 6 -12.33 0.71 -2.66
C SER A 6 -11.73 1.46 -1.47
N VAL A 7 -11.25 2.67 -1.76
CA VAL A 7 -10.60 3.62 -0.76
C VAL A 7 -11.46 4.90 -0.90
N SER A 8 -11.69 5.59 0.23
CA SER A 8 -12.51 6.86 0.28
C SER A 8 -12.14 7.70 1.59
N PRO A 9 -11.48 8.95 1.61
CA PRO A 9 -10.91 9.77 0.45
C PRO A 9 -9.72 9.05 -0.23
N ALA A 10 -9.57 9.31 -1.54
CA ALA A 10 -8.48 8.71 -2.42
C ALA A 10 -7.83 9.75 -3.35
N THR A 11 -8.51 10.89 -3.53
CA THR A 11 -8.05 12.04 -4.41
C THR A 11 -7.99 13.35 -3.61
N GLY A 12 -7.08 14.24 -4.05
CA GLY A 12 -6.88 15.60 -3.39
C GLY A 12 -6.22 15.48 -2.01
N LEU A 13 -5.37 14.48 -1.88
CA LEU A 13 -4.62 14.20 -0.59
C LEU A 13 -3.49 15.23 -0.39
N ALA A 14 -3.13 15.41 0.90
CA ALA A 14 -2.06 16.35 1.40
C ALA A 14 -1.14 15.57 2.35
N ASP A 15 -0.19 16.27 2.97
CA ASP A 15 0.79 15.65 3.94
C ASP A 15 0.11 15.16 5.24
N GLY A 16 0.37 13.89 5.57
CA GLY A 16 -0.20 13.24 6.82
C GLY A 16 -1.71 12.98 6.73
N ALA A 17 -2.20 12.79 5.50
CA ALA A 17 -3.66 12.53 5.25
C ALA A 17 -4.11 11.11 5.70
N THR A 18 -5.10 11.08 6.58
CA THR A 18 -5.66 9.79 7.13
C THR A 18 -6.63 9.26 6.08
N VAL A 19 -6.47 7.97 5.73
CA VAL A 19 -7.32 7.26 4.68
C VAL A 19 -7.81 5.91 5.27
N THR A 20 -9.08 5.59 4.94
CA THR A 20 -9.80 4.34 5.38
C THR A 20 -9.91 3.33 4.21
N VAL A 21 -9.04 2.32 4.23
CA VAL A 21 -9.01 1.24 3.17
C VAL A 21 -10.15 0.28 3.55
N SER A 22 -10.76 -0.32 2.52
CA SER A 22 -11.90 -1.29 2.68
C SER A 22 -11.67 -2.49 1.75
N ALA A 23 -12.32 -3.59 2.08
CA ALA A 23 -12.24 -4.87 1.30
C ALA A 23 -13.45 -5.73 1.65
N SER A 24 -13.90 -6.51 0.67
CA SER A 24 -15.09 -7.43 0.87
C SER A 24 -15.04 -8.57 -0.15
N GLY A 25 -15.49 -9.75 0.29
CA GLY A 25 -15.52 -10.98 -0.57
C GLY A 25 -14.10 -11.50 -0.79
N PHE A 26 -13.65 -12.33 0.16
CA PHE A 26 -12.28 -12.95 0.13
C PHE A 26 -12.34 -14.28 0.89
N ALA A 27 -11.50 -15.23 0.47
CA ALA A 27 -11.42 -16.61 1.10
C ALA A 27 -10.09 -17.31 0.72
N THR A 28 -9.41 -16.78 -0.30
CA THR A 28 -8.09 -17.36 -0.78
C THR A 28 -6.94 -16.93 0.13
N SER A 29 -6.82 -15.63 0.40
CA SER A 29 -5.73 -15.07 1.30
C SER A 29 -5.92 -15.57 2.75
N THR A 30 -4.80 -15.90 3.40
CA THR A 30 -4.79 -16.41 4.83
C THR A 30 -4.90 -15.31 5.90
N SER A 31 -4.60 -14.08 5.50
CA SER A 31 -4.64 -12.87 6.42
C SER A 31 -4.49 -11.58 5.60
N ALA A 32 -5.35 -10.60 5.87
CA ALA A 32 -5.30 -9.27 5.14
C ALA A 32 -4.15 -8.42 5.67
N THR A 33 -3.54 -7.65 4.76
CA THR A 33 -2.38 -6.71 5.07
C THR A 33 -2.42 -5.60 4.00
N ALA A 34 -1.86 -4.44 4.30
CA ALA A 34 -1.83 -3.25 3.34
C ALA A 34 -0.49 -2.49 3.43
N LEU A 35 0.26 -2.50 2.31
CA LEU A 35 1.62 -1.83 2.15
C LEU A 35 1.51 -0.72 1.08
N GLN A 36 2.39 0.28 1.21
CA GLN A 36 2.50 1.49 0.30
C GLN A 36 3.98 1.56 -0.14
N CYS A 37 4.22 1.36 -1.46
CA CYS A 37 5.61 1.38 -2.08
C CYS A 37 5.68 2.37 -3.28
N ALA A 38 6.93 2.82 -3.55
CA ALA A 38 7.27 3.79 -4.68
C ALA A 38 8.01 3.06 -5.81
N ILE A 39 7.46 3.15 -7.04
CA ILE A 39 8.06 2.48 -8.27
C ILE A 39 9.21 3.40 -8.78
N LEU A 40 10.43 2.80 -8.83
CA LEU A 40 11.70 3.50 -9.30
C LEU A 40 11.91 3.07 -10.77
N ALA A 41 13.03 3.48 -11.38
CA ALA A 41 13.37 3.15 -12.81
C ALA A 41 13.61 1.64 -13.01
N ASP A 42 14.38 1.08 -12.07
CA ASP A 42 14.74 -0.40 -12.08
C ASP A 42 13.52 -1.29 -11.70
N GLY A 43 12.55 -0.68 -11.01
CA GLY A 43 11.28 -1.38 -10.55
C GLY A 43 11.40 -2.18 -9.25
N ARG A 44 12.38 -1.84 -8.40
CA ARG A 44 12.58 -2.59 -7.08
C ARG A 44 11.46 -2.14 -6.11
N GLY A 45 10.96 -3.09 -5.33
CA GLY A 45 9.85 -2.82 -4.33
C GLY A 45 10.34 -2.11 -3.05
N ALA A 46 10.67 -0.82 -3.16
CA ALA A 46 11.15 -0.01 -1.98
C ALA A 46 9.94 0.45 -1.18
N CYS A 47 9.70 -0.22 -0.01
CA CYS A 47 8.54 0.10 0.91
C CYS A 47 9.00 0.17 2.37
N ASN A 48 8.43 1.14 3.10
CA ASN A 48 8.75 1.36 4.55
C ASN A 48 7.91 0.36 5.39
N VAL A 49 8.61 -0.55 6.06
CA VAL A 49 8.00 -1.63 6.93
C VAL A 49 7.23 -1.13 8.20
N ALA A 50 7.43 0.09 8.61
CA ALA A 50 6.74 0.66 9.85
C ALA A 50 5.20 0.93 9.73
N GLU A 51 4.69 1.06 8.49
CA GLU A 51 3.19 1.35 8.22
C GLU A 51 2.29 0.08 8.20
N PHE A 52 2.87 -1.08 8.52
CA PHE A 52 2.10 -2.41 8.55
C PHE A 52 1.05 -2.53 9.69
N HIS A 53 0.25 -3.60 9.58
CA HIS A 53 -0.85 -3.94 10.56
C HIS A 53 -0.84 -5.47 10.80
N ASP A 54 -1.18 -6.24 9.76
CA ASP A 54 -1.24 -7.76 9.76
C ASP A 54 -2.08 -8.42 10.90
N PHE A 55 -3.31 -8.84 10.56
CA PHE A 55 -4.28 -9.50 11.52
C PHE A 55 -5.25 -10.35 10.68
N SER A 56 -5.78 -11.39 11.32
CA SER A 56 -6.75 -12.36 10.66
C SER A 56 -8.06 -11.73 10.15
N LEU A 57 -8.66 -12.41 9.17
CA LEU A 57 -9.95 -11.94 8.54
C LEU A 57 -11.11 -12.34 9.48
N SER A 58 -12.13 -11.47 9.54
CA SER A 58 -13.35 -11.71 10.42
C SER A 58 -14.26 -12.81 9.87
N GLY A 59 -14.19 -12.99 8.59
CA GLY A 59 -15.00 -14.02 7.86
C GLY A 59 -14.65 -13.89 6.37
N GLY A 60 -14.51 -12.65 5.95
CA GLY A 60 -14.17 -12.31 4.53
C GLY A 60 -14.11 -10.79 4.34
N GLU A 61 -13.84 -10.05 5.46
CA GLU A 61 -13.74 -8.52 5.49
C GLU A 61 -12.60 -8.16 6.46
N GLY A 62 -12.05 -6.95 6.33
CA GLY A 62 -10.93 -6.51 7.24
C GLY A 62 -10.52 -5.05 6.97
N THR A 63 -11.34 -4.14 7.48
CA THR A 63 -11.12 -2.65 7.34
C THR A 63 -9.98 -2.21 8.27
N THR A 64 -9.25 -1.13 7.89
CA THR A 64 -8.09 -0.61 8.73
C THR A 64 -7.67 0.84 8.35
N SER A 65 -7.36 1.64 9.40
CA SER A 65 -6.92 3.08 9.25
C SER A 65 -5.38 3.16 9.14
N VAL A 66 -4.90 3.76 8.04
CA VAL A 66 -3.41 3.94 7.72
C VAL A 66 -3.14 5.46 7.59
N VAL A 67 -1.93 5.87 8.01
CA VAL A 67 -1.42 7.32 7.98
C VAL A 67 -0.26 7.26 6.96
N VAL A 68 -0.33 8.11 5.91
CA VAL A 68 0.73 8.18 4.80
C VAL A 68 1.31 9.62 4.65
N ARG A 69 2.65 9.69 4.71
CA ARG A 69 3.45 10.99 4.59
C ARG A 69 3.79 11.22 3.10
N ARG A 70 4.11 12.47 2.74
CA ARG A 70 4.47 12.86 1.32
C ARG A 70 5.84 12.26 0.88
N SER A 71 6.72 12.02 1.86
CA SER A 71 8.12 11.45 1.64
C SER A 71 8.43 10.44 2.75
N PHE A 72 9.21 9.41 2.41
CA PHE A 72 9.61 8.33 3.41
C PHE A 72 10.88 7.61 2.99
N THR A 73 11.61 7.18 4.02
CA THR A 73 12.90 6.44 3.87
C THR A 73 12.62 5.04 3.26
N GLY A 74 13.18 4.83 2.06
CA GLY A 74 13.02 3.53 1.31
C GLY A 74 13.79 2.42 2.02
N TYR A 75 13.24 1.19 1.97
CA TYR A 75 13.88 -0.03 2.63
C TYR A 75 13.67 -1.26 1.71
N VAL A 76 14.81 -1.90 1.37
CA VAL A 76 14.87 -3.14 0.49
C VAL A 76 15.33 -4.24 1.50
N MET A 77 14.32 -4.98 1.97
CA MET A 77 14.50 -6.11 2.97
C MET A 77 15.47 -7.31 2.56
N PRO A 78 15.33 -8.09 1.41
CA PRO A 78 16.30 -9.21 1.12
C PRO A 78 17.76 -8.79 0.80
N ASP A 79 17.95 -7.84 -0.14
CA ASP A 79 19.32 -7.35 -0.52
C ASP A 79 19.93 -6.32 0.45
N GLY A 80 19.42 -5.08 0.45
CA GLY A 80 19.93 -3.97 1.37
C GLY A 80 21.34 -3.45 0.86
N PRO A 81 22.08 -2.48 1.54
CA PRO A 81 21.69 -1.64 2.76
C PRO A 81 20.63 -0.56 2.45
N GLU A 82 20.15 0.11 3.51
CA GLU A 82 19.12 1.21 3.41
C GLU A 82 19.67 2.39 2.56
N VAL A 83 18.82 2.87 1.63
CA VAL A 83 19.15 4.01 0.68
C VAL A 83 18.98 5.40 1.39
N GLY A 84 17.79 6.01 1.43
CA GLY A 84 17.59 7.35 2.09
C GLY A 84 16.26 7.95 1.65
N ALA A 85 16.09 9.19 2.05
CA ALA A 85 14.86 10.01 1.75
C ALA A 85 14.69 10.30 0.25
N VAL A 86 13.57 9.77 -0.30
CA VAL A 86 13.19 9.93 -1.76
C VAL A 86 11.69 10.33 -1.81
N ASP A 87 11.41 11.29 -2.69
CA ASP A 87 10.00 11.82 -2.90
C ASP A 87 9.27 10.94 -3.92
N CYS A 88 7.97 10.79 -3.72
CA CYS A 88 7.11 9.95 -4.63
C CYS A 88 6.74 10.69 -5.93
N ASP A 89 6.79 12.02 -5.88
CA ASP A 89 6.45 12.89 -7.06
C ASP A 89 7.55 12.96 -8.14
N THR A 90 8.80 12.81 -7.70
CA THR A 90 10.01 12.87 -8.65
C THR A 90 10.23 11.54 -9.41
N ALA A 91 9.62 10.45 -8.91
CA ALA A 91 9.76 9.07 -9.56
C ALA A 91 9.06 9.03 -11.00
N PRO A 92 9.41 8.11 -12.00
CA PRO A 92 8.71 8.12 -13.34
C PRO A 92 7.28 7.57 -13.32
N GLY A 93 7.07 6.45 -12.61
CA GLY A 93 5.72 5.80 -12.51
C GLY A 93 4.78 6.59 -11.58
N GLY A 94 4.59 6.04 -10.40
CA GLY A 94 3.70 6.68 -9.37
C GLY A 94 3.48 5.71 -8.21
N CYS A 95 3.04 6.28 -7.09
CA CYS A 95 2.77 5.48 -5.83
C CYS A 95 1.42 4.74 -6.02
N GLU A 96 1.33 3.51 -5.49
CA GLU A 96 0.08 2.64 -5.58
C GLU A 96 -0.05 1.77 -4.31
N ILE A 97 -1.25 1.74 -3.71
CA ILE A 97 -1.53 0.92 -2.47
C ILE A 97 -1.75 -0.49 -3.06
N VAL A 98 -1.12 -1.50 -2.42
CA VAL A 98 -1.20 -2.95 -2.85
C VAL A 98 -1.78 -3.70 -1.63
N VAL A 99 -2.83 -4.49 -1.90
CA VAL A 99 -3.58 -5.34 -0.88
C VAL A 99 -3.61 -6.76 -1.53
N GLY A 100 -3.43 -7.80 -0.72
CA GLY A 100 -3.43 -9.21 -1.23
C GLY A 100 -3.02 -10.19 -0.13
N GLY A 101 -2.30 -11.23 -0.52
CA GLY A 101 -1.80 -12.27 0.42
C GLY A 101 -0.84 -13.21 -0.32
N ASN A 102 -0.60 -14.38 0.27
CA ASN A 102 0.33 -15.41 -0.33
C ASN A 102 -0.25 -16.13 -1.59
N THR A 103 -1.59 -16.05 -1.75
CA THR A 103 -2.36 -16.69 -2.92
C THR A 103 -3.23 -15.60 -3.60
N GLY A 104 -3.39 -14.45 -2.91
CA GLY A 104 -4.22 -13.28 -3.43
C GLY A 104 -3.59 -12.55 -4.65
N GLU A 105 -2.32 -12.85 -4.95
CA GLU A 105 -1.51 -12.25 -6.10
C GLU A 105 -1.30 -10.73 -6.00
N TYR A 106 -2.26 -9.96 -6.50
CA TYR A 106 -2.20 -8.43 -6.49
C TYR A 106 -3.62 -7.82 -6.48
N GLY A 107 -3.69 -6.57 -5.99
CA GLY A 107 -4.97 -5.77 -5.89
C GLY A 107 -4.59 -4.29 -5.85
N ASN A 108 -4.08 -3.83 -6.98
CA ASN A 108 -3.63 -2.40 -7.18
C ASN A 108 -4.76 -1.35 -7.11
N ALA A 109 -4.40 -0.13 -6.67
CA ALA A 109 -5.36 1.03 -6.54
C ALA A 109 -4.58 2.37 -6.49
N ALA A 110 -4.57 3.07 -7.64
CA ALA A 110 -3.86 4.40 -7.80
C ALA A 110 -4.50 5.56 -7.02
N ILE A 111 -3.67 6.63 -6.86
CA ILE A 111 -4.00 7.93 -6.13
C ILE A 111 -3.58 9.11 -7.06
N SER A 112 -3.95 10.35 -6.70
CA SER A 112 -3.60 11.59 -7.53
C SER A 112 -3.74 12.86 -6.67
N PHE A 113 -2.65 13.63 -6.59
CA PHE A 113 -2.62 14.92 -5.79
C PHE A 113 -3.44 16.02 -6.48
N GLY A 114 -3.90 16.98 -5.70
CA GLY A 114 -4.71 18.13 -6.22
C GLY A 114 -5.09 19.07 -5.08
N ALA A 1 -10.50 -9.73 -10.18
CA ALA A 1 -10.76 -10.63 -9.02
C ALA A 1 -12.17 -10.40 -8.49
N SER A 2 -12.69 -11.42 -7.83
CA SER A 2 -14.08 -11.40 -7.23
C SER A 2 -14.15 -10.46 -6.02
N ALA A 3 -13.06 -10.48 -5.27
CA ALA A 3 -12.92 -9.63 -4.03
C ALA A 3 -12.83 -8.12 -4.37
N ALA A 4 -13.81 -7.35 -3.90
CA ALA A 4 -13.87 -5.86 -4.13
C ALA A 4 -12.94 -5.13 -3.16
N VAL A 5 -12.26 -4.09 -3.69
CA VAL A 5 -11.28 -3.21 -2.93
C VAL A 5 -11.76 -1.78 -3.24
N SER A 6 -11.73 -0.93 -2.21
CA SER A 6 -12.16 0.52 -2.32
C SER A 6 -11.50 1.35 -1.19
N VAL A 7 -11.21 2.62 -1.54
CA VAL A 7 -10.57 3.66 -0.62
C VAL A 7 -11.57 4.83 -0.70
N SER A 8 -11.75 5.55 0.43
CA SER A 8 -12.70 6.73 0.52
C SER A 8 -12.26 7.69 1.73
N PRO A 9 -11.69 8.99 1.59
CA PRO A 9 -11.30 9.76 0.32
C PRO A 9 -10.18 9.05 -0.49
N ALA A 10 -10.07 9.40 -1.78
CA ALA A 10 -9.03 8.80 -2.73
C ALA A 10 -8.45 9.85 -3.69
N THR A 11 -8.93 11.10 -3.60
CA THR A 11 -8.47 12.25 -4.49
C THR A 11 -8.33 13.54 -3.67
N GLY A 12 -7.42 14.41 -4.12
CA GLY A 12 -7.15 15.73 -3.46
C GLY A 12 -6.45 15.61 -2.10
N LEU A 13 -5.63 14.56 -1.97
CA LEU A 13 -4.86 14.29 -0.70
C LEU A 13 -3.70 15.30 -0.54
N ALA A 14 -3.31 15.52 0.73
CA ALA A 14 -2.19 16.46 1.15
C ALA A 14 -1.20 15.73 2.07
N ASP A 15 -0.23 16.47 2.61
CA ASP A 15 0.82 15.89 3.54
C ASP A 15 0.22 15.42 4.88
N GLY A 16 0.55 14.18 5.26
CA GLY A 16 0.04 13.56 6.55
C GLY A 16 -1.46 13.23 6.51
N ALA A 17 -1.96 12.96 5.31
CA ALA A 17 -3.42 12.62 5.11
C ALA A 17 -3.77 11.22 5.64
N THR A 18 -4.80 11.18 6.50
CA THR A 18 -5.30 9.91 7.12
C THR A 18 -6.34 9.37 6.14
N VAL A 19 -6.28 8.07 5.86
CA VAL A 19 -7.24 7.38 4.91
C VAL A 19 -7.78 6.06 5.52
N THR A 20 -9.03 5.75 5.17
CA THR A 20 -9.79 4.53 5.65
C THR A 20 -9.85 3.50 4.49
N VAL A 21 -8.91 2.54 4.52
CA VAL A 21 -8.81 1.46 3.47
C VAL A 21 -9.88 0.43 3.89
N SER A 22 -10.48 -0.22 2.88
CA SER A 22 -11.56 -1.27 3.07
C SER A 22 -11.29 -2.48 2.18
N ALA A 23 -11.99 -3.55 2.50
CA ALA A 23 -11.88 -4.86 1.76
C ALA A 23 -13.13 -5.68 2.07
N SER A 24 -13.55 -6.50 1.09
CA SER A 24 -14.77 -7.38 1.25
C SER A 24 -14.71 -8.53 0.23
N GLY A 25 -15.22 -9.69 0.66
CA GLY A 25 -15.26 -10.95 -0.19
C GLY A 25 -13.92 -11.73 -0.15
N PHE A 26 -14.06 -13.07 -0.17
CA PHE A 26 -12.90 -14.05 -0.13
C PHE A 26 -13.24 -15.26 -1.02
N ALA A 27 -12.23 -16.08 -1.27
CA ALA A 27 -12.39 -17.32 -2.14
C ALA A 27 -11.15 -18.22 -2.01
N THR A 28 -9.99 -17.57 -1.90
CA THR A 28 -8.63 -18.26 -1.77
C THR A 28 -7.90 -17.78 -0.50
N SER A 29 -7.88 -16.46 -0.30
CA SER A 29 -7.18 -15.82 0.89
C SER A 29 -7.90 -16.17 2.23
N THR A 30 -7.12 -16.13 3.32
CA THR A 30 -7.60 -16.43 4.75
C THR A 30 -6.98 -15.43 5.78
N SER A 31 -6.14 -14.56 5.26
CA SER A 31 -5.42 -13.49 6.05
C SER A 31 -4.85 -12.50 5.03
N ALA A 32 -4.63 -11.24 5.41
CA ALA A 32 -4.08 -10.19 4.45
C ALA A 32 -3.47 -8.99 5.20
N THR A 33 -2.49 -8.37 4.53
CA THR A 33 -1.71 -7.16 5.00
C THR A 33 -2.03 -6.02 4.02
N ALA A 34 -1.41 -4.86 4.21
CA ALA A 34 -1.63 -3.66 3.31
C ALA A 34 -0.46 -2.68 3.49
N LEU A 35 0.35 -2.54 2.42
CA LEU A 35 1.57 -1.61 2.40
C LEU A 35 1.64 -0.92 1.02
N GLN A 36 2.27 0.27 1.03
CA GLN A 36 2.48 1.14 -0.18
C GLN A 36 4.00 1.07 -0.45
N CYS A 37 4.38 1.13 -1.74
CA CYS A 37 5.83 1.07 -2.17
C CYS A 37 6.05 2.05 -3.33
N ALA A 38 7.24 2.66 -3.35
CA ALA A 38 7.65 3.67 -4.41
C ALA A 38 8.38 2.99 -5.58
N ILE A 39 7.75 3.02 -6.77
CA ILE A 39 8.34 2.39 -8.01
C ILE A 39 9.42 3.38 -8.49
N LEU A 40 10.53 2.81 -9.01
CA LEU A 40 11.72 3.58 -9.56
C LEU A 40 12.02 2.96 -10.93
N ALA A 41 13.08 3.43 -11.60
CA ALA A 41 13.49 2.90 -12.97
C ALA A 41 13.90 1.43 -12.92
N ASP A 42 14.67 1.09 -11.88
CA ASP A 42 15.17 -0.33 -11.66
C ASP A 42 14.03 -1.27 -11.17
N GLY A 43 12.98 -0.66 -10.60
CA GLY A 43 11.78 -1.42 -10.08
C GLY A 43 12.00 -2.22 -8.78
N ARG A 44 12.95 -1.79 -7.93
CA ARG A 44 13.25 -2.49 -6.62
C ARG A 44 12.10 -2.16 -5.66
N GLY A 45 11.77 -3.10 -4.78
CA GLY A 45 10.66 -2.92 -3.77
C GLY A 45 11.04 -2.01 -2.58
N ALA A 46 11.10 -0.69 -2.82
CA ALA A 46 11.46 0.31 -1.75
C ALA A 46 10.17 0.62 -0.95
N CYS A 47 9.95 -0.21 0.09
CA CYS A 47 8.74 -0.10 1.01
C CYS A 47 9.16 -0.03 2.48
N ASN A 48 8.41 0.76 3.25
CA ASN A 48 8.69 0.93 4.73
C ASN A 48 8.13 -0.26 5.51
N VAL A 49 8.80 -0.56 6.64
CA VAL A 49 8.42 -1.70 7.56
C VAL A 49 7.36 -1.29 8.61
N ALA A 50 7.29 0.01 8.93
CA ALA A 50 6.31 0.57 9.94
C ALA A 50 4.84 0.70 9.46
N GLU A 51 4.59 0.49 8.18
CA GLU A 51 3.18 0.59 7.57
C GLU A 51 2.31 -0.68 7.82
N PHE A 52 2.93 -1.73 8.34
CA PHE A 52 2.22 -3.05 8.63
C PHE A 52 1.10 -2.97 9.71
N HIS A 53 0.18 -3.94 9.62
CA HIS A 53 -1.02 -4.08 10.56
C HIS A 53 -1.32 -5.57 10.77
N ASP A 54 -1.27 -6.33 9.67
CA ASP A 54 -1.53 -7.84 9.65
C ASP A 54 -2.90 -8.27 10.27
N PHE A 55 -3.95 -7.66 9.71
CA PHE A 55 -5.37 -7.92 10.16
C PHE A 55 -5.83 -9.32 9.71
N SER A 56 -6.74 -9.90 10.49
CA SER A 56 -7.34 -11.27 10.23
C SER A 56 -8.83 -11.14 9.95
N LEU A 57 -9.34 -12.00 9.07
CA LEU A 57 -10.80 -12.00 8.68
C LEU A 57 -11.58 -12.72 9.79
N SER A 58 -12.87 -12.34 9.90
CA SER A 58 -13.85 -12.92 10.92
C SER A 58 -15.19 -13.25 10.24
N GLY A 59 -15.15 -13.24 8.92
CA GLY A 59 -16.35 -13.54 8.09
C GLY A 59 -15.94 -13.36 6.62
N GLY A 60 -15.35 -12.21 6.37
CA GLY A 60 -14.87 -11.86 4.99
C GLY A 60 -14.42 -10.39 4.88
N GLU A 61 -14.59 -9.60 5.96
CA GLU A 61 -14.20 -8.12 6.01
C GLU A 61 -13.20 -7.86 7.15
N GLY A 62 -12.53 -6.71 7.07
CA GLY A 62 -11.51 -6.30 8.10
C GLY A 62 -10.89 -4.94 7.73
N THR A 63 -11.57 -3.88 8.16
CA THR A 63 -11.15 -2.45 7.90
C THR A 63 -9.93 -2.09 8.78
N THR A 64 -9.12 -1.11 8.32
CA THR A 64 -7.88 -0.63 9.06
C THR A 64 -7.46 0.80 8.60
N SER A 65 -7.04 1.63 9.58
CA SER A 65 -6.59 3.06 9.35
C SER A 65 -5.05 3.12 9.10
N VAL A 66 -4.67 3.71 7.95
CA VAL A 66 -3.20 3.88 7.50
C VAL A 66 -2.95 5.41 7.44
N VAL A 67 -1.68 5.80 7.70
CA VAL A 67 -1.18 7.24 7.70
C VAL A 67 0.02 7.21 6.71
N VAL A 68 0.14 8.28 5.88
CA VAL A 68 1.25 8.42 4.84
C VAL A 68 1.76 9.88 4.71
N ARG A 69 3.08 10.03 4.88
CA ARG A 69 3.83 11.36 4.80
C ARG A 69 4.29 11.59 3.36
N ARG A 70 4.67 12.84 3.07
CA ARG A 70 5.16 13.26 1.70
C ARG A 70 6.52 12.62 1.32
N SER A 71 7.33 12.33 2.34
CA SER A 71 8.72 11.69 2.16
C SER A 71 9.00 10.72 3.30
N PHE A 72 9.70 9.62 2.95
CA PHE A 72 10.08 8.53 3.96
C PHE A 72 11.31 7.74 3.52
N THR A 73 12.05 7.28 4.53
CA THR A 73 13.30 6.47 4.33
C THR A 73 12.93 5.07 3.82
N GLY A 74 13.15 4.86 2.52
CA GLY A 74 12.85 3.55 1.84
C GLY A 74 13.88 2.48 2.26
N TYR A 75 13.48 1.20 2.13
CA TYR A 75 14.35 0.01 2.49
C TYR A 75 14.17 -1.12 1.46
N VAL A 76 15.29 -1.50 0.84
CA VAL A 76 15.34 -2.60 -0.22
C VAL A 76 15.11 -3.93 0.58
N MET A 77 14.21 -4.79 0.06
CA MET A 77 13.84 -6.13 0.72
C MET A 77 15.02 -7.15 1.08
N PRO A 78 15.93 -7.70 0.18
CA PRO A 78 17.01 -8.66 0.62
C PRO A 78 17.94 -8.22 1.80
N ASP A 79 18.66 -7.07 1.71
CA ASP A 79 19.59 -6.59 2.83
C ASP A 79 19.90 -5.08 2.73
N GLY A 80 20.45 -4.65 1.58
CA GLY A 80 20.81 -3.20 1.36
C GLY A 80 21.47 -3.05 -0.06
N PRO A 81 22.11 -1.89 -0.50
CA PRO A 81 22.31 -0.56 0.25
C PRO A 81 21.01 0.25 0.37
N GLU A 82 20.93 1.03 1.47
CA GLU A 82 19.74 1.91 1.75
C GLU A 82 19.76 3.11 0.77
N VAL A 83 18.57 3.44 0.25
CA VAL A 83 18.39 4.59 -0.74
C VAL A 83 18.34 5.96 -0.04
N GLY A 84 17.72 5.98 1.13
CA GLY A 84 17.56 7.21 1.97
C GLY A 84 16.27 7.92 1.60
N ALA A 85 16.15 9.12 2.15
CA ALA A 85 14.96 10.01 1.92
C ALA A 85 14.74 10.42 0.45
N VAL A 86 13.63 9.91 -0.11
CA VAL A 86 13.18 10.18 -1.54
C VAL A 86 11.70 10.59 -1.49
N ASP A 87 11.35 11.57 -2.34
CA ASP A 87 9.94 12.12 -2.44
C ASP A 87 9.16 11.40 -3.54
N CYS A 88 7.84 11.30 -3.32
CA CYS A 88 6.88 10.63 -4.28
C CYS A 88 6.33 11.68 -5.29
N ASP A 89 7.23 12.10 -6.19
CA ASP A 89 6.94 13.13 -7.27
C ASP A 89 7.99 13.06 -8.38
N THR A 90 9.21 12.72 -7.98
CA THR A 90 10.38 12.61 -8.93
C THR A 90 10.35 11.27 -9.69
N ALA A 91 9.75 10.25 -9.06
CA ALA A 91 9.65 8.88 -9.68
C ALA A 91 8.69 8.89 -10.95
N PRO A 92 8.89 8.10 -12.09
CA PRO A 92 7.93 8.17 -13.27
C PRO A 92 6.58 7.48 -12.97
N GLY A 93 6.66 6.28 -12.39
CA GLY A 93 5.43 5.47 -12.03
C GLY A 93 4.64 6.07 -10.86
N GLY A 94 5.39 6.43 -9.81
CA GLY A 94 4.80 7.04 -8.56
C GLY A 94 4.26 5.96 -7.60
N CYS A 95 3.82 6.41 -6.44
CA CYS A 95 3.25 5.53 -5.36
C CYS A 95 1.88 4.95 -5.75
N GLU A 96 1.63 3.70 -5.30
CA GLU A 96 0.34 2.93 -5.55
C GLU A 96 0.06 2.02 -4.34
N ILE A 97 -1.19 2.02 -3.86
CA ILE A 97 -1.63 1.19 -2.67
C ILE A 97 -1.84 -0.22 -3.29
N VAL A 98 -1.34 -1.28 -2.60
CA VAL A 98 -1.45 -2.74 -3.04
C VAL A 98 -1.91 -3.52 -1.79
N VAL A 99 -2.92 -4.38 -2.02
CA VAL A 99 -3.59 -5.29 -0.99
C VAL A 99 -3.61 -6.67 -1.72
N GLY A 100 -3.33 -7.74 -0.98
CA GLY A 100 -3.31 -9.13 -1.58
C GLY A 100 -2.98 -10.16 -0.50
N GLY A 101 -3.58 -11.35 -0.63
CA GLY A 101 -3.38 -12.47 0.35
C GLY A 101 -2.01 -13.13 0.19
N ASN A 102 -1.76 -14.07 1.10
CA ASN A 102 -0.47 -14.85 1.12
C ASN A 102 -0.37 -15.88 -0.02
N THR A 103 -1.55 -16.26 -0.57
CA THR A 103 -1.61 -17.27 -1.70
C THR A 103 -1.06 -16.71 -3.03
N GLY A 104 -1.68 -15.64 -3.58
CA GLY A 104 -1.16 -15.07 -4.90
C GLY A 104 -2.05 -13.98 -5.50
N GLU A 105 -3.09 -13.54 -4.79
CA GLU A 105 -4.04 -12.45 -5.31
C GLU A 105 -3.35 -11.08 -5.32
N TYR A 106 -3.92 -10.16 -6.11
CA TYR A 106 -3.41 -8.74 -6.28
C TYR A 106 -4.61 -7.85 -6.66
N GLY A 107 -4.48 -6.56 -6.39
CA GLY A 107 -5.56 -5.56 -6.71
C GLY A 107 -5.05 -4.14 -6.45
N ASN A 108 -4.34 -3.62 -7.46
CA ASN A 108 -3.76 -2.23 -7.41
C ASN A 108 -4.84 -1.14 -7.48
N ALA A 109 -4.51 0.05 -6.96
CA ALA A 109 -5.46 1.24 -6.94
C ALA A 109 -4.68 2.57 -6.79
N ALA A 110 -4.46 3.23 -7.93
CA ALA A 110 -3.72 4.55 -8.00
C ALA A 110 -4.55 5.70 -7.40
N ILE A 111 -3.82 6.70 -6.87
CA ILE A 111 -4.40 7.95 -6.23
C ILE A 111 -4.03 9.17 -7.14
N SER A 112 -4.49 10.39 -6.80
CA SER A 112 -4.18 11.64 -7.64
C SER A 112 -4.22 12.91 -6.76
N PHE A 113 -3.06 13.54 -6.59
CA PHE A 113 -2.92 14.80 -5.76
C PHE A 113 -3.59 16.00 -6.45
N GLY A 114 -3.99 16.97 -5.64
CA GLY A 114 -4.66 18.21 -6.16
C GLY A 114 -5.02 19.13 -4.98
N ALA A 1 -15.62 -14.53 -10.24
CA ALA A 1 -15.57 -13.66 -9.04
C ALA A 1 -15.01 -12.29 -9.40
N SER A 2 -15.19 -11.35 -8.47
CA SER A 2 -14.73 -9.93 -8.61
C SER A 2 -14.74 -9.30 -7.20
N ALA A 3 -13.60 -9.44 -6.53
CA ALA A 3 -13.39 -8.91 -5.14
C ALA A 3 -13.42 -7.37 -5.10
N ALA A 4 -14.36 -6.82 -4.32
CA ALA A 4 -14.51 -5.32 -4.19
C ALA A 4 -13.49 -4.73 -3.21
N VAL A 5 -12.69 -3.77 -3.74
CA VAL A 5 -11.60 -3.03 -2.97
C VAL A 5 -11.99 -1.56 -3.21
N SER A 6 -11.90 -0.75 -2.17
CA SER A 6 -12.25 0.72 -2.26
C SER A 6 -11.62 1.49 -1.08
N VAL A 7 -11.25 2.75 -1.38
CA VAL A 7 -10.61 3.73 -0.41
C VAL A 7 -11.57 4.94 -0.48
N SER A 8 -11.77 5.61 0.67
CA SER A 8 -12.69 6.83 0.77
C SER A 8 -12.25 7.74 2.01
N PRO A 9 -11.66 9.03 1.93
CA PRO A 9 -11.24 9.83 0.70
C PRO A 9 -10.11 9.14 -0.08
N ALA A 10 -10.00 9.47 -1.39
CA ALA A 10 -8.95 8.88 -2.32
C ALA A 10 -8.35 9.93 -3.28
N THR A 11 -8.90 11.16 -3.24
CA THR A 11 -8.43 12.31 -4.13
C THR A 11 -8.32 13.60 -3.30
N GLY A 12 -7.42 14.47 -3.76
CA GLY A 12 -7.17 15.81 -3.10
C GLY A 12 -6.42 15.68 -1.77
N LEU A 13 -5.61 14.64 -1.65
CA LEU A 13 -4.79 14.37 -0.40
C LEU A 13 -3.62 15.38 -0.32
N ALA A 14 -3.19 15.64 0.94
CA ALA A 14 -2.06 16.60 1.30
C ALA A 14 -1.15 15.94 2.35
N ASP A 15 -0.13 16.68 2.80
CA ASP A 15 0.87 16.17 3.84
C ASP A 15 0.18 15.89 5.19
N GLY A 16 0.54 14.75 5.81
CA GLY A 16 -0.03 14.33 7.14
C GLY A 16 -1.45 13.79 6.91
N ALA A 17 -1.57 13.07 5.82
CA ALA A 17 -2.88 12.45 5.38
C ALA A 17 -3.27 11.26 6.27
N THR A 18 -4.58 10.99 6.27
CA THR A 18 -5.23 9.87 7.06
C THR A 18 -6.30 9.29 6.10
N VAL A 19 -6.12 7.99 5.78
CA VAL A 19 -7.04 7.20 4.86
C VAL A 19 -7.66 6.01 5.63
N THR A 20 -8.82 5.57 5.14
CA THR A 20 -9.63 4.43 5.71
C THR A 20 -9.80 3.40 4.55
N VAL A 21 -8.91 2.41 4.55
CA VAL A 21 -8.90 1.31 3.51
C VAL A 21 -9.99 0.33 3.96
N SER A 22 -10.63 -0.30 2.95
CA SER A 22 -11.75 -1.31 3.15
C SER A 22 -11.54 -2.48 2.20
N ALA A 23 -12.26 -3.56 2.48
CA ALA A 23 -12.23 -4.82 1.66
C ALA A 23 -13.49 -5.62 1.95
N SER A 24 -13.97 -6.34 0.93
CA SER A 24 -15.21 -7.19 1.04
C SER A 24 -15.22 -8.22 -0.10
N GLY A 25 -15.76 -9.40 0.20
CA GLY A 25 -15.85 -10.53 -0.80
C GLY A 25 -14.47 -11.15 -1.02
N PHE A 26 -14.15 -12.12 -0.17
CA PHE A 26 -12.84 -12.88 -0.21
C PHE A 26 -13.07 -14.24 0.48
N ALA A 27 -12.26 -15.23 0.09
CA ALA A 27 -12.35 -16.63 0.66
C ALA A 27 -11.05 -17.43 0.40
N THR A 28 -10.28 -16.98 -0.59
CA THR A 28 -8.98 -17.66 -0.98
C THR A 28 -7.84 -17.27 -0.01
N SER A 29 -7.62 -15.96 0.15
CA SER A 29 -6.53 -15.43 1.07
C SER A 29 -6.89 -15.68 2.56
N THR A 30 -5.97 -16.33 3.30
CA THR A 30 -6.17 -16.66 4.77
C THR A 30 -5.88 -15.47 5.72
N SER A 31 -5.24 -14.45 5.16
CA SER A 31 -4.85 -13.19 5.91
C SER A 31 -4.45 -12.14 4.86
N ALA A 32 -4.56 -10.85 5.21
CA ALA A 32 -4.20 -9.71 4.26
C ALA A 32 -3.57 -8.54 5.01
N THR A 33 -2.63 -7.86 4.30
CA THR A 33 -1.85 -6.66 4.80
C THR A 33 -2.22 -5.47 3.91
N ALA A 34 -1.61 -4.32 4.19
CA ALA A 34 -1.85 -3.04 3.42
C ALA A 34 -0.64 -2.11 3.63
N LEU A 35 0.17 -1.93 2.55
CA LEU A 35 1.41 -1.03 2.60
C LEU A 35 1.68 -0.35 1.23
N GLN A 36 2.07 0.94 1.29
CA GLN A 36 2.40 1.77 0.07
C GLN A 36 3.85 1.46 -0.28
N CYS A 37 4.17 1.44 -1.58
CA CYS A 37 5.58 1.14 -2.08
C CYS A 37 5.85 2.00 -3.34
N ALA A 38 7.11 2.46 -3.47
CA ALA A 38 7.59 3.32 -4.62
C ALA A 38 8.35 2.54 -5.70
N ILE A 39 7.80 2.54 -6.93
CA ILE A 39 8.41 1.82 -8.12
C ILE A 39 9.54 2.76 -8.59
N LEU A 40 10.71 2.17 -8.88
CA LEU A 40 11.95 2.92 -9.36
C LEU A 40 12.18 2.47 -10.81
N ALA A 41 13.30 2.88 -11.42
CA ALA A 41 13.65 2.51 -12.86
C ALA A 41 13.90 1.00 -13.02
N ASP A 42 14.75 0.47 -12.13
CA ASP A 42 15.12 -1.01 -12.14
C ASP A 42 13.93 -1.91 -11.66
N GLY A 43 12.98 -1.29 -10.94
CA GLY A 43 11.76 -1.99 -10.39
C GLY A 43 12.02 -2.79 -9.10
N ARG A 44 13.05 -2.41 -8.35
CA ARG A 44 13.41 -3.11 -7.05
C ARG A 44 12.38 -2.71 -5.99
N GLY A 45 12.04 -3.64 -5.11
CA GLY A 45 11.04 -3.39 -4.01
C GLY A 45 11.59 -2.46 -2.91
N ALA A 46 10.93 -1.30 -2.74
CA ALA A 46 11.28 -0.22 -1.72
C ALA A 46 9.98 0.17 -1.04
N CYS A 47 9.81 -0.28 0.24
CA CYS A 47 8.57 0.01 1.08
C CYS A 47 8.95 0.13 2.56
N ASN A 48 8.08 0.85 3.30
CA ASN A 48 8.29 1.08 4.79
C ASN A 48 7.75 -0.12 5.57
N VAL A 49 8.41 -0.41 6.71
CA VAL A 49 8.05 -1.56 7.64
C VAL A 49 7.04 -1.15 8.74
N ALA A 50 7.00 0.13 9.08
CA ALA A 50 6.06 0.67 10.14
C ALA A 50 4.55 0.73 9.78
N GLU A 51 4.23 0.64 8.49
CA GLU A 51 2.77 0.70 7.99
C GLU A 51 1.99 -0.63 8.13
N PHE A 52 2.67 -1.69 8.54
CA PHE A 52 2.02 -3.07 8.72
C PHE A 52 0.91 -3.16 9.80
N HIS A 53 0.11 -4.22 9.68
CA HIS A 53 -1.03 -4.54 10.60
C HIS A 53 -1.24 -6.05 10.62
N ASP A 54 -1.33 -6.63 9.40
CA ASP A 54 -1.53 -8.11 9.17
C ASP A 54 -2.82 -8.67 9.86
N PHE A 55 -3.91 -7.96 9.61
CA PHE A 55 -5.26 -8.31 10.17
C PHE A 55 -5.83 -9.64 9.59
N SER A 56 -6.37 -10.47 10.48
CA SER A 56 -6.96 -11.81 10.11
C SER A 56 -8.46 -11.68 9.83
N LEU A 57 -8.92 -12.37 8.78
CA LEU A 57 -10.37 -12.35 8.36
C LEU A 57 -11.14 -13.30 9.28
N SER A 58 -12.45 -13.01 9.46
CA SER A 58 -13.39 -13.83 10.33
C SER A 58 -14.79 -13.96 9.70
N GLY A 59 -14.92 -13.47 8.47
CA GLY A 59 -16.23 -13.53 7.73
C GLY A 59 -16.09 -12.94 6.32
N GLY A 60 -14.86 -12.91 5.83
CA GLY A 60 -14.55 -12.36 4.46
C GLY A 60 -14.65 -10.83 4.38
N GLU A 61 -14.45 -10.15 5.53
CA GLU A 61 -14.50 -8.62 5.65
C GLU A 61 -13.43 -8.17 6.66
N GLY A 62 -12.99 -6.92 6.52
CA GLY A 62 -11.93 -6.33 7.43
C GLY A 62 -11.64 -4.88 7.00
N THR A 63 -11.45 -4.01 8.02
CA THR A 63 -11.14 -2.52 7.84
C THR A 63 -10.01 -2.13 8.79
N THR A 64 -9.21 -1.13 8.39
CA THR A 64 -8.04 -0.62 9.24
C THR A 64 -7.61 0.83 8.82
N SER A 65 -7.29 1.65 9.84
CA SER A 65 -6.85 3.08 9.67
C SER A 65 -5.32 3.13 9.62
N VAL A 66 -4.76 3.91 8.66
CA VAL A 66 -3.25 4.08 8.47
C VAL A 66 -2.98 5.59 8.33
N VAL A 67 -1.74 5.98 8.70
CA VAL A 67 -1.22 7.42 8.65
C VAL A 67 0.02 7.32 7.74
N VAL A 68 0.20 8.32 6.85
CA VAL A 68 1.38 8.38 5.87
C VAL A 68 1.81 9.84 5.56
N ARG A 69 3.13 10.02 5.50
CA ARG A 69 3.82 11.34 5.21
C ARG A 69 3.99 11.41 3.68
N ARG A 70 4.25 12.63 3.15
CA ARG A 70 4.45 12.86 1.66
C ARG A 70 5.68 12.07 1.14
N SER A 71 6.73 12.04 1.96
CA SER A 71 8.05 11.33 1.66
C SER A 71 8.33 10.28 2.73
N PHE A 72 9.10 9.24 2.35
CA PHE A 72 9.46 8.11 3.31
C PHE A 72 10.76 7.39 2.88
N THR A 73 11.46 6.90 3.90
CA THR A 73 12.76 6.17 3.74
C THR A 73 12.54 4.79 3.04
N GLY A 74 12.98 4.72 1.79
CA GLY A 74 12.85 3.46 0.96
C GLY A 74 13.87 2.40 1.45
N TYR A 75 13.38 1.45 2.26
CA TYR A 75 14.24 0.34 2.84
C TYR A 75 14.21 -0.95 1.99
N VAL A 76 15.32 -1.15 1.24
CA VAL A 76 15.48 -2.37 0.33
C VAL A 76 15.87 -3.52 1.32
N MET A 77 14.91 -4.42 1.55
CA MET A 77 15.07 -5.61 2.48
C MET A 77 16.17 -6.70 2.11
N PRO A 78 16.18 -7.43 0.92
CA PRO A 78 17.26 -8.46 0.65
C PRO A 78 18.71 -7.95 0.44
N ASP A 79 18.90 -6.96 -0.45
CA ASP A 79 20.28 -6.39 -0.75
C ASP A 79 20.80 -5.36 0.29
N GLY A 80 20.23 -4.13 0.30
CA GLY A 80 20.66 -3.03 1.26
C GLY A 80 22.04 -2.41 0.78
N PRO A 81 22.71 -1.40 1.48
CA PRO A 81 22.24 -0.61 2.70
C PRO A 81 21.12 0.40 2.35
N GLU A 82 20.50 0.96 3.41
CA GLU A 82 19.38 1.96 3.29
C GLU A 82 19.89 3.26 2.57
N VAL A 83 19.14 3.67 1.52
CA VAL A 83 19.48 4.92 0.69
C VAL A 83 19.03 6.24 1.38
N GLY A 84 17.74 6.63 1.34
CA GLY A 84 17.27 7.89 2.00
C GLY A 84 15.85 8.21 1.53
N ALA A 85 15.43 9.40 1.91
CA ALA A 85 14.07 9.95 1.59
C ALA A 85 13.88 10.25 0.10
N VAL A 86 12.76 9.70 -0.45
CA VAL A 86 12.34 9.86 -1.90
C VAL A 86 10.84 10.23 -1.87
N ASP A 87 10.45 11.12 -2.80
CA ASP A 87 9.02 11.63 -2.94
C ASP A 87 8.37 11.10 -4.22
N CYS A 88 7.04 10.87 -4.13
CA CYS A 88 6.22 10.34 -5.30
C CYS A 88 5.96 11.45 -6.38
N ASP A 89 6.99 11.68 -7.21
CA ASP A 89 6.96 12.71 -8.34
C ASP A 89 8.14 12.46 -9.27
N THR A 90 9.26 12.08 -8.66
CA THR A 90 10.55 11.79 -9.42
C THR A 90 10.52 10.40 -10.04
N ALA A 91 9.77 9.49 -9.42
CA ALA A 91 9.62 8.07 -9.91
C ALA A 91 8.85 8.02 -11.31
N PRO A 92 9.20 7.18 -12.39
CA PRO A 92 8.40 7.20 -13.67
C PRO A 92 7.03 6.51 -13.53
N GLY A 93 7.02 5.36 -12.86
CA GLY A 93 5.77 4.55 -12.64
C GLY A 93 4.82 5.21 -11.64
N GLY A 94 5.41 5.76 -10.59
CA GLY A 94 4.64 6.47 -9.49
C GLY A 94 4.10 5.47 -8.43
N CYS A 95 3.91 6.00 -7.23
CA CYS A 95 3.41 5.20 -6.06
C CYS A 95 1.93 4.80 -6.24
N GLU A 96 1.62 3.56 -5.83
CA GLU A 96 0.22 2.95 -5.92
C GLU A 96 0.02 2.02 -4.71
N ILE A 97 -1.18 2.06 -4.12
CA ILE A 97 -1.54 1.21 -2.92
C ILE A 97 -1.87 -0.17 -3.55
N VAL A 98 -1.31 -1.25 -2.94
CA VAL A 98 -1.51 -2.70 -3.39
C VAL A 98 -1.79 -3.49 -2.10
N VAL A 99 -2.82 -4.33 -2.17
CA VAL A 99 -3.33 -5.25 -1.07
C VAL A 99 -3.08 -6.65 -1.67
N GLY A 100 -2.69 -7.62 -0.84
CA GLY A 100 -2.42 -9.02 -1.37
C GLY A 100 -2.02 -9.98 -0.24
N GLY A 101 -2.58 -11.20 -0.29
CA GLY A 101 -2.31 -12.29 0.73
C GLY A 101 -1.09 -13.13 0.37
N ASN A 102 -1.05 -14.32 0.99
CA ASN A 102 0.06 -15.32 0.79
C ASN A 102 0.04 -15.97 -0.62
N THR A 103 -1.15 -16.00 -1.24
CA THR A 103 -1.33 -16.60 -2.64
C THR A 103 -0.67 -15.71 -3.69
N GLY A 104 -0.70 -14.41 -3.43
CA GLY A 104 -0.09 -13.35 -4.33
C GLY A 104 -1.13 -12.69 -5.26
N GLU A 105 -2.43 -12.90 -4.97
CA GLU A 105 -3.54 -12.30 -5.81
C GLU A 105 -3.59 -10.78 -5.52
N TYR A 106 -3.05 -10.02 -6.46
CA TYR A 106 -2.98 -8.50 -6.36
C TYR A 106 -4.37 -7.82 -6.56
N GLY A 107 -4.38 -6.51 -6.35
CA GLY A 107 -5.61 -5.66 -6.50
C GLY A 107 -5.21 -4.19 -6.31
N ASN A 108 -4.67 -3.63 -7.39
CA ASN A 108 -4.20 -2.19 -7.43
C ASN A 108 -5.34 -1.17 -7.34
N ALA A 109 -5.00 0.03 -6.85
CA ALA A 109 -5.98 1.19 -6.68
C ALA A 109 -5.17 2.50 -6.49
N ALA A 110 -4.99 3.21 -7.61
CA ALA A 110 -4.23 4.52 -7.64
C ALA A 110 -4.96 5.67 -6.95
N ILE A 111 -4.13 6.65 -6.52
CA ILE A 111 -4.56 7.94 -5.81
C ILE A 111 -4.09 9.14 -6.70
N SER A 112 -4.46 10.40 -6.35
CA SER A 112 -4.04 11.63 -7.15
C SER A 112 -4.06 12.88 -6.26
N PHE A 113 -2.88 13.47 -6.07
CA PHE A 113 -2.71 14.71 -5.22
C PHE A 113 -3.35 15.94 -5.90
N GLY A 114 -3.81 16.87 -5.07
CA GLY A 114 -4.47 18.14 -5.57
C GLY A 114 -3.46 19.08 -6.24
N ALA A 1 -15.16 -8.84 -11.60
CA ALA A 1 -14.80 -9.89 -10.60
C ALA A 1 -15.77 -9.87 -9.43
N SER A 2 -15.79 -10.98 -8.70
CA SER A 2 -16.69 -11.14 -7.50
C SER A 2 -16.29 -10.26 -6.32
N ALA A 3 -14.99 -10.06 -6.21
CA ALA A 3 -14.37 -9.22 -5.12
C ALA A 3 -14.60 -7.71 -5.33
N ALA A 4 -14.25 -6.95 -4.30
CA ALA A 4 -14.39 -5.44 -4.31
C ALA A 4 -13.48 -4.83 -3.24
N VAL A 5 -12.69 -3.82 -3.67
CA VAL A 5 -11.70 -3.04 -2.83
C VAL A 5 -12.05 -1.58 -3.13
N SER A 6 -11.94 -0.73 -2.12
CA SER A 6 -12.24 0.74 -2.25
C SER A 6 -11.58 1.51 -1.11
N VAL A 7 -11.11 2.73 -1.46
CA VAL A 7 -10.41 3.70 -0.53
C VAL A 7 -11.31 4.97 -0.61
N SER A 8 -11.48 5.66 0.53
CA SER A 8 -12.34 6.92 0.61
C SER A 8 -11.91 7.79 1.89
N PRO A 9 -11.29 9.07 1.84
CA PRO A 9 -10.80 9.87 0.64
C PRO A 9 -9.65 9.17 -0.11
N ALA A 10 -9.56 9.44 -1.43
CA ALA A 10 -8.51 8.85 -2.35
C ALA A 10 -7.93 9.88 -3.34
N THR A 11 -8.55 11.07 -3.38
CA THR A 11 -8.11 12.21 -4.31
C THR A 11 -8.03 13.52 -3.52
N GLY A 12 -7.15 14.41 -4.00
CA GLY A 12 -6.93 15.76 -3.37
C GLY A 12 -6.20 15.67 -2.01
N LEU A 13 -5.36 14.67 -1.89
CA LEU A 13 -4.56 14.40 -0.63
C LEU A 13 -3.43 15.44 -0.50
N ALA A 14 -3.03 15.66 0.77
CA ALA A 14 -1.93 16.62 1.20
C ALA A 14 -0.99 15.90 2.17
N ASP A 15 -0.04 16.63 2.75
CA ASP A 15 0.96 16.06 3.72
C ASP A 15 0.29 15.60 5.04
N GLY A 16 0.59 14.36 5.45
CA GLY A 16 0.02 13.75 6.72
C GLY A 16 -1.48 13.43 6.61
N ALA A 17 -1.93 13.14 5.38
CA ALA A 17 -3.38 12.81 5.12
C ALA A 17 -3.77 11.43 5.64
N THR A 18 -4.84 11.39 6.44
CA THR A 18 -5.39 10.12 7.05
C THR A 18 -6.36 9.52 6.03
N VAL A 19 -6.18 8.22 5.74
CA VAL A 19 -7.05 7.43 4.76
C VAL A 19 -7.47 6.10 5.41
N THR A 20 -8.72 5.69 5.10
CA THR A 20 -9.37 4.42 5.61
C THR A 20 -9.55 3.39 4.46
N VAL A 21 -8.65 2.40 4.44
CA VAL A 21 -8.67 1.30 3.39
C VAL A 21 -9.76 0.31 3.87
N SER A 22 -10.41 -0.34 2.90
CA SER A 22 -11.51 -1.36 3.16
C SER A 22 -11.37 -2.55 2.20
N ALA A 23 -12.07 -3.61 2.56
CA ALA A 23 -12.10 -4.89 1.76
C ALA A 23 -13.34 -5.68 2.17
N SER A 24 -13.93 -6.39 1.20
CA SER A 24 -15.17 -7.23 1.43
C SER A 24 -15.28 -8.28 0.33
N GLY A 25 -15.81 -9.45 0.69
CA GLY A 25 -16.00 -10.60 -0.27
C GLY A 25 -14.65 -11.22 -0.65
N PHE A 26 -14.24 -12.20 0.15
CA PHE A 26 -12.94 -12.95 -0.04
C PHE A 26 -13.10 -14.33 0.62
N ALA A 27 -12.30 -15.29 0.13
CA ALA A 27 -12.31 -16.71 0.65
C ALA A 27 -11.01 -17.44 0.29
N THR A 28 -10.29 -16.91 -0.71
CA THR A 28 -8.99 -17.50 -1.20
C THR A 28 -7.84 -17.09 -0.25
N SER A 29 -7.73 -15.79 0.02
CA SER A 29 -6.64 -15.24 0.93
C SER A 29 -6.92 -15.64 2.41
N THR A 30 -5.97 -16.37 3.00
CA THR A 30 -6.08 -16.85 4.44
C THR A 30 -5.70 -15.76 5.47
N SER A 31 -4.98 -14.75 4.98
CA SER A 31 -4.50 -13.58 5.78
C SER A 31 -4.01 -12.51 4.80
N ALA A 32 -4.12 -11.23 5.20
CA ALA A 32 -3.69 -10.03 4.38
C ALA A 32 -3.05 -8.97 5.26
N THR A 33 -2.28 -8.09 4.60
CA THR A 33 -1.52 -6.94 5.26
C THR A 33 -1.42 -5.85 4.17
N ALA A 34 -1.80 -4.63 4.54
CA ALA A 34 -1.76 -3.44 3.58
C ALA A 34 -0.33 -2.90 3.41
N LEU A 35 0.14 -2.88 2.13
CA LEU A 35 1.52 -2.38 1.74
C LEU A 35 1.42 -1.35 0.60
N GLN A 36 2.35 -0.37 0.63
CA GLN A 36 2.49 0.76 -0.37
C GLN A 36 4.00 0.78 -0.67
N CYS A 37 4.38 0.76 -1.97
CA CYS A 37 5.84 0.77 -2.41
C CYS A 37 6.04 1.71 -3.62
N ALA A 38 7.20 2.41 -3.63
CA ALA A 38 7.59 3.39 -4.73
C ALA A 38 8.35 2.67 -5.86
N ILE A 39 7.74 2.68 -7.06
CA ILE A 39 8.34 2.02 -8.29
C ILE A 39 9.42 2.99 -8.86
N LEU A 40 10.66 2.49 -8.95
CA LEU A 40 11.86 3.26 -9.48
C LEU A 40 12.07 2.78 -10.94
N ALA A 41 13.15 3.23 -11.59
CA ALA A 41 13.47 2.84 -13.02
C ALA A 41 13.80 1.34 -13.10
N ASP A 42 14.61 0.89 -12.15
CA ASP A 42 15.06 -0.57 -12.06
C ASP A 42 13.91 -1.46 -11.54
N GLY A 43 12.94 -0.84 -10.86
CA GLY A 43 11.73 -1.55 -10.29
C GLY A 43 11.97 -2.33 -8.98
N ARG A 44 12.97 -1.91 -8.18
CA ARG A 44 13.29 -2.61 -6.86
C ARG A 44 12.17 -2.24 -5.86
N GLY A 45 11.85 -3.18 -4.99
CA GLY A 45 10.77 -2.98 -3.94
C GLY A 45 11.13 -2.07 -2.76
N ALA A 46 11.17 -0.75 -2.99
CA ALA A 46 11.50 0.27 -1.92
C ALA A 46 10.19 0.54 -1.17
N CYS A 47 10.03 -0.15 -0.01
CA CYS A 47 8.78 -0.01 0.86
C CYS A 47 9.15 0.18 2.34
N ASN A 48 8.34 1.02 3.00
CA ASN A 48 8.51 1.36 4.46
C ASN A 48 7.80 0.28 5.31
N VAL A 49 8.59 -0.45 6.10
CA VAL A 49 8.07 -1.56 7.01
C VAL A 49 7.14 -1.11 8.17
N ALA A 50 7.25 0.16 8.60
CA ALA A 50 6.39 0.71 9.75
C ALA A 50 4.87 0.88 9.49
N GLU A 51 4.42 0.79 8.23
CA GLU A 51 2.92 0.96 7.87
C GLU A 51 2.06 -0.31 8.13
N PHE A 52 2.71 -1.41 8.49
CA PHE A 52 1.98 -2.72 8.78
C PHE A 52 1.03 -2.71 10.00
N HIS A 53 0.13 -3.70 10.00
CA HIS A 53 -0.92 -3.91 11.08
C HIS A 53 -1.02 -5.42 11.37
N ASP A 54 -1.21 -6.19 10.29
CA ASP A 54 -1.34 -7.71 10.28
C ASP A 54 -2.25 -8.45 11.32
N PHE A 55 -3.30 -9.10 10.79
CA PHE A 55 -4.30 -9.90 11.60
C PHE A 55 -5.19 -10.65 10.61
N SER A 56 -5.58 -11.87 10.98
CA SER A 56 -6.45 -12.74 10.12
C SER A 56 -7.86 -12.17 9.90
N LEU A 57 -8.48 -12.63 8.80
CA LEU A 57 -9.87 -12.19 8.41
C LEU A 57 -10.89 -12.97 9.26
N SER A 58 -12.00 -12.30 9.56
CA SER A 58 -13.12 -12.89 10.40
C SER A 58 -13.91 -13.96 9.63
N GLY A 59 -13.89 -13.83 8.33
CA GLY A 59 -14.60 -14.78 7.41
C GLY A 59 -14.28 -14.34 5.98
N GLY A 60 -14.21 -13.03 5.80
CA GLY A 60 -13.90 -12.45 4.45
C GLY A 60 -13.94 -10.90 4.47
N GLU A 61 -13.82 -10.31 5.69
CA GLU A 61 -13.84 -8.79 5.89
C GLU A 61 -12.58 -8.37 6.65
N GLY A 62 -12.24 -7.08 6.51
CA GLY A 62 -11.02 -6.50 7.18
C GLY A 62 -10.94 -5.00 6.84
N THR A 63 -10.56 -4.19 7.86
CA THR A 63 -10.42 -2.68 7.75
C THR A 63 -9.20 -2.27 8.58
N THR A 64 -8.55 -1.17 8.18
CA THR A 64 -7.33 -0.64 8.92
C THR A 64 -7.01 0.83 8.54
N SER A 65 -6.73 1.63 9.58
CA SER A 65 -6.38 3.10 9.44
C SER A 65 -4.87 3.28 9.18
N VAL A 66 -4.55 3.77 7.97
CA VAL A 66 -3.11 4.02 7.51
C VAL A 66 -2.92 5.56 7.49
N VAL A 67 -1.70 5.98 7.84
CA VAL A 67 -1.23 7.44 7.91
C VAL A 67 -0.04 7.44 6.94
N VAL A 68 0.07 8.48 6.09
CA VAL A 68 1.23 8.60 5.08
C VAL A 68 1.72 10.06 4.89
N ARG A 69 3.05 10.20 4.96
CA ARG A 69 3.79 11.52 4.82
C ARG A 69 4.12 11.67 3.32
N ARG A 70 4.43 12.91 2.90
CA ARG A 70 4.79 13.22 1.46
C ARG A 70 6.11 12.55 1.02
N SER A 71 7.03 12.41 1.99
CA SER A 71 8.41 11.77 1.79
C SER A 71 8.67 10.74 2.89
N PHE A 72 9.46 9.71 2.55
CA PHE A 72 9.82 8.60 3.54
C PHE A 72 11.10 7.88 3.13
N THR A 73 11.83 7.46 4.16
CA THR A 73 13.13 6.72 4.02
C THR A 73 12.90 5.29 3.45
N GLY A 74 13.38 5.08 2.22
CA GLY A 74 13.25 3.75 1.52
C GLY A 74 14.16 2.71 2.18
N TYR A 75 13.73 1.43 2.14
CA TYR A 75 14.50 0.26 2.74
C TYR A 75 14.44 -0.94 1.74
N VAL A 76 15.42 -0.93 0.83
CA VAL A 76 15.56 -1.99 -0.24
C VAL A 76 16.04 -3.31 0.42
N MET A 77 15.18 -4.36 0.36
CA MET A 77 15.41 -5.80 0.95
C MET A 77 15.94 -5.90 2.48
N PRO A 78 15.87 -7.08 3.27
CA PRO A 78 16.41 -7.10 4.70
C PRO A 78 17.96 -6.89 4.82
N ASP A 79 18.67 -7.02 3.69
CA ASP A 79 20.16 -6.86 3.62
C ASP A 79 20.63 -5.38 3.60
N GLY A 80 19.93 -4.50 2.85
CA GLY A 80 20.34 -3.04 2.76
C GLY A 80 21.58 -2.91 1.80
N PRO A 81 22.45 -1.81 1.79
CA PRO A 81 22.40 -0.55 2.63
C PRO A 81 21.19 0.36 2.34
N GLU A 82 20.83 1.15 3.36
CA GLU A 82 19.67 2.12 3.30
C GLU A 82 20.02 3.28 2.33
N VAL A 83 19.07 3.62 1.45
CA VAL A 83 19.23 4.73 0.43
C VAL A 83 19.01 6.14 1.07
N GLY A 84 17.79 6.66 1.14
CA GLY A 84 17.52 8.00 1.74
C GLY A 84 16.10 8.45 1.39
N ALA A 85 15.80 9.66 1.79
CA ALA A 85 14.46 10.31 1.55
C ALA A 85 14.21 10.61 0.07
N VAL A 86 13.14 9.98 -0.49
CA VAL A 86 12.70 10.14 -1.93
C VAL A 86 11.18 10.49 -1.93
N ASP A 87 10.86 11.50 -2.74
CA ASP A 87 9.45 12.02 -2.89
C ASP A 87 8.70 11.27 -3.99
N CYS A 88 7.41 11.01 -3.75
CA CYS A 88 6.50 10.28 -4.71
C CYS A 88 5.92 11.27 -5.77
N ASP A 89 6.81 11.69 -6.69
CA ASP A 89 6.47 12.65 -7.82
C ASP A 89 7.57 12.61 -8.90
N THR A 90 8.80 12.37 -8.44
CA THR A 90 10.01 12.31 -9.35
C THR A 90 10.11 10.94 -10.05
N ALA A 91 9.53 9.91 -9.42
CA ALA A 91 9.55 8.51 -10.00
C ALA A 91 8.67 8.42 -11.32
N PRO A 92 8.93 7.51 -12.38
CA PRO A 92 8.05 7.49 -13.60
C PRO A 92 6.67 6.83 -13.35
N GLY A 93 6.68 5.66 -12.72
CA GLY A 93 5.43 4.89 -12.40
C GLY A 93 4.64 5.51 -11.25
N GLY A 94 5.36 5.84 -10.18
CA GLY A 94 4.76 6.47 -8.95
C GLY A 94 4.19 5.39 -8.00
N CYS A 95 3.79 5.85 -6.81
CA CYS A 95 3.21 4.94 -5.76
C CYS A 95 1.81 4.43 -6.13
N GLU A 96 1.48 3.26 -5.58
CA GLU A 96 0.15 2.55 -5.81
C GLU A 96 -0.05 1.60 -4.60
N ILE A 97 -1.28 1.60 -4.06
CA ILE A 97 -1.66 0.75 -2.87
C ILE A 97 -1.93 -0.65 -3.46
N VAL A 98 -1.44 -1.68 -2.73
CA VAL A 98 -1.57 -3.17 -3.09
C VAL A 98 -2.04 -3.87 -1.78
N VAL A 99 -3.08 -4.70 -1.94
CA VAL A 99 -3.74 -5.52 -0.84
C VAL A 99 -3.93 -6.90 -1.53
N GLY A 100 -3.71 -8.00 -0.81
CA GLY A 100 -3.87 -9.38 -1.42
C GLY A 100 -3.40 -10.47 -0.46
N GLY A 101 -2.98 -11.58 -1.07
CA GLY A 101 -2.48 -12.78 -0.33
C GLY A 101 -1.76 -13.71 -1.30
N ASN A 102 -1.60 -14.95 -0.88
CA ASN A 102 -0.90 -16.01 -1.71
C ASN A 102 -1.63 -16.45 -3.00
N THR A 103 -2.99 -16.48 -2.97
CA THR A 103 -3.85 -16.90 -4.19
C THR A 103 -4.89 -15.81 -4.56
N GLY A 104 -5.12 -14.85 -3.66
CA GLY A 104 -6.11 -13.72 -3.89
C GLY A 104 -5.73 -12.66 -4.97
N GLU A 105 -4.55 -12.78 -5.60
CA GLU A 105 -4.03 -11.82 -6.69
C GLU A 105 -3.79 -10.36 -6.17
N TYR A 106 -3.19 -9.54 -7.04
CA TYR A 106 -2.88 -8.10 -6.72
C TYR A 106 -4.15 -7.21 -6.60
N GLY A 107 -4.07 -6.24 -5.68
CA GLY A 107 -5.20 -5.28 -5.41
C GLY A 107 -5.31 -4.25 -6.54
N ASN A 108 -4.24 -3.45 -6.65
CA ASN A 108 -4.09 -2.34 -7.68
C ASN A 108 -5.16 -1.19 -7.55
N ALA A 109 -4.71 -0.03 -7.02
CA ALA A 109 -5.62 1.19 -6.81
C ALA A 109 -4.75 2.48 -6.71
N ALA A 110 -4.61 3.16 -7.84
CA ALA A 110 -3.81 4.45 -7.94
C ALA A 110 -4.52 5.62 -7.23
N ILE A 111 -3.69 6.59 -6.77
CA ILE A 111 -4.14 7.86 -6.03
C ILE A 111 -3.75 9.10 -6.91
N SER A 112 -4.28 10.30 -6.54
CA SER A 112 -3.99 11.60 -7.28
C SER A 112 -3.84 12.74 -6.25
N PHE A 113 -3.15 13.80 -6.68
CA PHE A 113 -2.86 15.04 -5.85
C PHE A 113 -3.66 16.22 -6.39
N GLY A 114 -3.84 17.22 -5.54
CA GLY A 114 -4.61 18.46 -5.91
C GLY A 114 -4.65 19.41 -4.72
#